data_7KHS
#
_entry.id   7KHS
#
_cell.length_a   105.231
_cell.length_b   83.076
_cell.length_c   122.964
_cell.angle_alpha   90.000
_cell.angle_beta   90.250
_cell.angle_gamma   90.000
#
_symmetry.space_group_name_H-M   'P 1 2 1'
#
loop_
_entity.id
_entity.type
_entity.pdbx_description
1 polymer 'Protein O-GlcNAcase'
2 non-polymer N-(5-{[(5S)-7-(5-methylimidazo[1,2-a]pyrimidin-7-yl)-2,7-diazaspiro[4.4]nonan-2-yl]methyl}-1,3-thiazol-2-yl)acetamide
3 non-polymer 'CALCIUM ION'
4 non-polymer 1,2-ETHANEDIOL
5 water water
#
_entity_poly.entity_id   1
_entity_poly.type   'polypeptide(L)'
_entity_poly.pdbx_seq_one_letter_code
;GSMLTGVIEGFYGRDWRRDERATVMDWIAAAGMNTYIYGPKDDVHVRARWRVPYDAAGLARLTELRDAAAARGMVFYVSL
APCLDVTYSDPQDRAALLARVDQLARAGLRNLVLLFDDIPSVLPEADRHRFDSFAEAQADLSNMVLRHLRGAGHVVFCPT
EYCGRMAGGDPRGSAYLQRLGSTLDPAIDIFWTGPEIVSEEIVAAHLAAVGEVLRRRPVIWDNFHANDYDIRRVFAGPLG
GRSRDILPLVAGWITNPNNEAEANFPAIHTTGAYLADPDYAPERAIAAAVAAWQPRFRLAFGDGAVPSDLVALLCDLFWQ
PFALGPETTRILSALRAALTVPRPDPSDPAWRAALEDLRDLKRRINKLFTLMTEIENRDLFHTFHNYLWEAQEEVGHLVA
YCDWLDEAPPPGAVFPATDRIHNFYRRGFGVAVQDILQRDRQGRYHHGV
;
_entity_poly.pdbx_strand_id   A,B,C,D
#
loop_
_chem_comp.id
_chem_comp.type
_chem_comp.name
_chem_comp.formula
CA non-polymer 'CALCIUM ION' 'Ca 2'
EDO non-polymer 1,2-ETHANEDIOL 'C2 H6 O2'
WG4 non-polymer N-(5-{[(5S)-7-(5-methylimidazo[1,2-a]pyrimidin-7-yl)-2,7-diazaspiro[4.4]nonan-2-yl]methyl}-1,3-thiazol-2-yl)acetamide 'C20 H25 N7 O S'
#
# COMPACT_ATOMS: atom_id res chain seq x y z
N GLY A 1 23.40 0.38 -10.28
CA GLY A 1 23.57 0.23 -11.75
C GLY A 1 22.30 0.48 -12.52
N SER A 2 21.53 -0.59 -12.74
CA SER A 2 20.27 -0.55 -13.48
C SER A 2 19.14 0.14 -12.69
N MET A 3 18.21 0.74 -13.43
CA MET A 3 17.17 1.68 -12.93
C MET A 3 16.17 2.03 -14.08
N LEU A 4 14.87 2.13 -13.82
CA LEU A 4 13.86 2.64 -14.77
C LEU A 4 14.16 4.13 -15.05
N THR A 5 14.45 4.47 -16.30
CA THR A 5 14.72 5.86 -16.70
C THR A 5 14.00 6.14 -18.02
N GLY A 6 13.33 7.27 -18.07
CA GLY A 6 12.72 7.71 -19.32
C GLY A 6 11.63 8.72 -19.19
N VAL A 7 10.62 8.55 -20.03
CA VAL A 7 9.56 9.52 -20.21
C VAL A 7 8.20 8.88 -19.94
N ILE A 8 7.31 9.63 -19.28
CA ILE A 8 5.87 9.35 -19.28
C ILE A 8 5.17 10.33 -20.21
N GLU A 9 4.34 9.79 -21.10
CA GLU A 9 3.30 10.55 -21.82
C GLU A 9 2.09 10.63 -20.90
N GLY A 10 2.06 11.66 -20.07
CA GLY A 10 1.16 11.74 -18.89
C GLY A 10 0.60 13.13 -18.62
N PHE A 11 0.48 13.95 -19.65
CA PHE A 11 0.08 15.38 -19.52
C PHE A 11 -1.38 15.53 -19.95
N TYR A 12 -2.01 16.61 -19.47
CA TYR A 12 -3.34 17.06 -19.88
C TYR A 12 -3.29 17.79 -21.24
N GLY A 13 -3.84 17.14 -22.26
CA GLY A 13 -4.06 17.66 -23.61
C GLY A 13 -4.11 16.54 -24.63
N ARG A 14 -3.91 16.88 -25.91
CA ARG A 14 -3.97 15.91 -26.98
C ARG A 14 -2.78 14.94 -26.87
N ASP A 15 -3.03 13.66 -27.11
CA ASP A 15 -1.96 12.64 -27.09
C ASP A 15 -1.12 12.76 -28.37
N TRP A 16 0.10 12.24 -28.28
CA TRP A 16 1.03 12.24 -29.40
C TRP A 16 0.60 11.31 -30.53
N ARG A 17 0.95 11.69 -31.77
CA ARG A 17 0.82 10.84 -32.95
C ARG A 17 1.85 9.68 -32.92
N ARG A 18 1.57 8.62 -33.68
CA ARG A 18 2.51 7.46 -33.81
C ARG A 18 3.96 7.89 -34.15
N ASP A 19 4.07 8.78 -35.13
CA ASP A 19 5.40 9.31 -35.54
C ASP A 19 6.10 10.14 -34.48
N GLU A 20 5.32 10.91 -33.70
CA GLU A 20 5.87 11.72 -32.60
C GLU A 20 6.39 10.82 -31.48
N ARG A 21 5.62 9.81 -31.10
CA ARG A 21 6.07 8.76 -30.18
C ARG A 21 7.35 8.09 -30.65
N ALA A 22 7.43 7.75 -31.92
CA ALA A 22 8.70 7.24 -32.51
C ALA A 22 9.89 8.21 -32.39
N THR A 23 9.69 9.47 -32.73
CA THR A 23 10.73 10.50 -32.57
C THR A 23 11.21 10.62 -31.12
N VAL A 24 10.27 10.63 -30.19
CA VAL A 24 10.57 10.75 -28.77
C VAL A 24 11.33 9.53 -28.28
N MET A 25 10.91 8.31 -28.68
CA MET A 25 11.60 7.08 -28.35
C MET A 25 13.06 7.10 -28.87
N ASP A 26 13.28 7.61 -30.08
CA ASP A 26 14.64 7.83 -30.66
C ASP A 26 15.50 8.65 -29.70
N TRP A 27 14.94 9.76 -29.25
CA TRP A 27 15.58 10.75 -28.32
C TRP A 27 15.87 10.11 -26.93
N ILE A 28 14.89 9.35 -26.42
CA ILE A 28 15.06 8.59 -25.18
C ILE A 28 16.27 7.65 -25.27
N ALA A 29 16.33 6.89 -26.37
CA ALA A 29 17.38 5.89 -26.61
C ALA A 29 18.74 6.56 -26.78
N ALA A 30 18.79 7.62 -27.59
CA ALA A 30 20.02 8.45 -27.80
C ALA A 30 20.56 9.04 -26.52
N ALA A 31 19.67 9.37 -25.59
CA ALA A 31 20.01 9.96 -24.29
C ALA A 31 20.44 8.96 -23.18
N GLY A 32 20.51 7.66 -23.52
CA GLY A 32 20.91 6.61 -22.60
C GLY A 32 19.82 6.09 -21.69
N MET A 33 18.56 6.49 -21.92
CA MET A 33 17.41 6.06 -21.08
C MET A 33 16.75 4.82 -21.65
N ASN A 34 15.90 4.16 -20.85
CA ASN A 34 15.40 2.81 -21.18
C ASN A 34 13.88 2.58 -21.05
N THR A 35 13.06 3.60 -20.82
CA THR A 35 11.62 3.45 -20.50
C THR A 35 10.77 4.46 -21.27
N TYR A 36 9.64 3.97 -21.77
CA TYR A 36 8.52 4.79 -22.19
C TYR A 36 7.28 4.32 -21.43
N ILE A 37 6.60 5.25 -20.76
CA ILE A 37 5.30 5.01 -20.08
C ILE A 37 4.17 5.65 -20.90
N TYR A 38 3.24 4.82 -21.32
CA TYR A 38 2.04 5.29 -22.01
C TYR A 38 0.95 5.58 -20.95
N GLY A 39 0.62 6.85 -20.76
CA GLY A 39 -0.51 7.26 -19.88
C GLY A 39 -1.19 8.57 -20.16
N PRO A 40 -1.51 8.86 -21.46
CA PRO A 40 -2.01 10.20 -21.78
C PRO A 40 -3.45 10.31 -21.26
N LYS A 41 -3.76 11.44 -20.65
CA LYS A 41 -5.12 11.75 -20.16
C LYS A 41 -6.23 11.71 -21.24
N ASP A 42 -5.86 11.89 -22.51
CA ASP A 42 -6.74 11.76 -23.70
C ASP A 42 -7.30 10.34 -24.01
N ASP A 43 -6.73 9.27 -23.41
CA ASP A 43 -7.16 7.86 -23.67
C ASP A 43 -8.31 7.46 -22.73
N VAL A 44 -9.49 7.26 -23.31
CA VAL A 44 -10.71 6.92 -22.54
C VAL A 44 -10.58 5.66 -21.65
N HIS A 45 -9.84 4.64 -22.15
CA HIS A 45 -9.66 3.35 -21.42
C HIS A 45 -8.77 3.43 -20.19
N VAL A 46 -7.89 4.43 -20.13
CA VAL A 46 -7.01 4.67 -18.97
C VAL A 46 -7.87 5.03 -17.76
N ARG A 47 -8.66 6.09 -17.88
CA ARG A 47 -9.38 6.71 -16.75
C ARG A 47 -10.89 6.76 -16.85
N ALA A 48 -11.39 7.46 -17.88
CA ALA A 48 -12.81 7.81 -18.01
C ALA A 48 -13.74 6.59 -18.03
N ARG A 49 -13.39 5.62 -18.88
CA ARG A 49 -14.09 4.34 -19.01
C ARG A 49 -13.14 3.18 -18.72
N TRP A 50 -12.45 3.26 -17.56
CA TRP A 50 -11.50 2.21 -17.08
C TRP A 50 -12.04 0.78 -17.04
N ARG A 51 -13.35 0.61 -16.87
CA ARG A 51 -13.98 -0.72 -16.93
C ARG A 51 -13.94 -1.41 -18.31
N VAL A 52 -13.79 -0.65 -19.40
CA VAL A 52 -13.96 -1.13 -20.76
C VAL A 52 -12.61 -1.59 -21.33
N PRO A 53 -12.51 -2.89 -21.76
CA PRO A 53 -11.26 -3.33 -22.43
C PRO A 53 -11.04 -2.68 -23.80
N TYR A 54 -9.78 -2.66 -24.24
CA TYR A 54 -9.40 -2.22 -25.59
C TYR A 54 -10.01 -3.12 -26.64
N ASP A 55 -10.42 -2.53 -27.77
CA ASP A 55 -10.71 -3.33 -28.99
C ASP A 55 -9.36 -3.78 -29.62
N ALA A 56 -9.44 -4.61 -30.66
CA ALA A 56 -8.26 -5.16 -31.35
C ALA A 56 -7.28 -4.12 -31.85
N ALA A 57 -7.79 -3.05 -32.44
CA ALA A 57 -6.97 -1.94 -32.94
C ALA A 57 -6.19 -1.22 -31.84
N GLY A 58 -6.89 -0.87 -30.74
CA GLY A 58 -6.27 -0.26 -29.56
C GLY A 58 -5.17 -1.11 -28.93
N LEU A 59 -5.41 -2.41 -28.82
CA LEU A 59 -4.40 -3.34 -28.30
C LEU A 59 -3.20 -3.51 -29.28
N ALA A 60 -3.50 -3.51 -30.59
CA ALA A 60 -2.48 -3.63 -31.63
C ALA A 60 -1.49 -2.45 -31.62
N ARG A 61 -2.01 -1.22 -31.46
CA ARG A 61 -1.16 -0.01 -31.32
C ARG A 61 -0.24 -0.15 -30.11
N LEU A 62 -0.77 -0.67 -28.99
CA LEU A 62 0.04 -0.88 -27.78
C LEU A 62 1.19 -1.90 -27.95
N THR A 63 0.90 -3.03 -28.60
CA THR A 63 1.94 -4.06 -28.87
C THR A 63 3.01 -3.56 -29.85
N GLU A 64 2.57 -2.84 -30.90
CA GLU A 64 3.47 -2.07 -31.80
C GLU A 64 4.44 -1.13 -31.07
N LEU A 65 3.89 -0.36 -30.12
CA LEU A 65 4.67 0.51 -29.24
C LEU A 65 5.69 -0.22 -28.37
N ARG A 66 5.23 -1.32 -27.77
CA ARG A 66 6.11 -2.20 -27.01
C ARG A 66 7.26 -2.71 -27.92
N ASP A 67 6.90 -3.19 -29.12
CA ASP A 67 7.93 -3.66 -30.09
C ASP A 67 8.92 -2.58 -30.52
N ALA A 68 8.40 -1.38 -30.77
CA ALA A 68 9.19 -0.21 -31.17
C ALA A 68 10.16 0.21 -30.06
N ALA A 69 9.68 0.21 -28.79
CA ALA A 69 10.56 0.41 -27.65
C ALA A 69 11.65 -0.70 -27.51
N ALA A 70 11.24 -1.96 -27.61
CA ALA A 70 12.11 -3.19 -27.60
C ALA A 70 13.26 -3.09 -28.59
N ALA A 71 12.96 -2.67 -29.83
CA ALA A 71 13.97 -2.50 -30.88
C ALA A 71 15.08 -1.49 -30.52
N ARG A 72 14.70 -0.47 -29.74
CA ARG A 72 15.60 0.54 -29.18
C ARG A 72 16.22 0.20 -27.81
N GLY A 73 16.13 -1.06 -27.37
CA GLY A 73 16.59 -1.49 -26.06
C GLY A 73 15.79 -0.88 -24.90
N MET A 74 14.50 -0.61 -25.13
CA MET A 74 13.62 0.01 -24.13
C MET A 74 12.43 -0.83 -23.66
N VAL A 75 11.98 -0.58 -22.43
CA VAL A 75 10.76 -1.10 -21.87
C VAL A 75 9.58 -0.16 -22.07
N PHE A 76 8.38 -0.73 -22.14
CA PHE A 76 7.10 -0.03 -22.36
C PHE A 76 6.07 -0.35 -21.28
N TYR A 77 5.50 0.67 -20.64
CA TYR A 77 4.45 0.51 -19.59
C TYR A 77 3.08 1.03 -20.09
N VAL A 78 2.00 0.46 -19.57
CA VAL A 78 0.63 0.87 -19.91
C VAL A 78 -0.10 1.23 -18.61
N SER A 79 -0.76 2.39 -18.63
CA SER A 79 -1.41 2.96 -17.46
C SER A 79 -2.88 2.56 -17.34
N LEU A 80 -3.35 2.49 -16.08
CA LEU A 80 -4.76 2.33 -15.73
C LEU A 80 -5.07 3.21 -14.52
N ALA A 81 -6.23 3.87 -14.52
CA ALA A 81 -6.68 4.69 -13.42
C ALA A 81 -8.09 4.26 -12.98
N PRO A 82 -8.18 3.18 -12.15
CA PRO A 82 -9.46 2.70 -11.61
C PRO A 82 -9.77 3.37 -10.27
N CYS A 83 -9.95 4.69 -10.31
CA CYS A 83 -10.19 5.54 -9.13
C CYS A 83 -11.38 6.52 -9.18
N LEU A 84 -12.10 6.60 -10.32
CA LEU A 84 -13.06 7.70 -10.58
C LEU A 84 -14.37 7.50 -9.82
N ASP A 85 -15.00 6.35 -10.06
CA ASP A 85 -16.20 5.91 -9.31
C ASP A 85 -16.06 4.42 -8.95
N VAL A 86 -14.86 4.06 -8.46
CA VAL A 86 -14.56 2.68 -8.04
C VAL A 86 -15.12 2.46 -6.63
N THR A 87 -15.74 1.29 -6.45
CA THR A 87 -16.03 0.72 -5.12
C THR A 87 -14.93 -0.33 -4.95
N TYR A 88 -13.97 -0.03 -4.09
CA TYR A 88 -12.75 -0.85 -3.91
C TYR A 88 -13.03 -2.33 -3.49
N SER A 89 -14.11 -2.58 -2.73
CA SER A 89 -14.52 -3.94 -2.27
C SER A 89 -15.51 -4.72 -3.18
N ASP A 90 -15.99 -4.10 -4.26
CA ASP A 90 -17.12 -4.64 -5.04
C ASP A 90 -16.61 -5.76 -5.97
N PRO A 91 -17.29 -6.93 -6.04
CA PRO A 91 -16.87 -8.02 -6.95
C PRO A 91 -16.78 -7.67 -8.43
N GLN A 92 -17.84 -7.07 -8.98
CA GLN A 92 -17.92 -6.69 -10.41
C GLN A 92 -16.79 -5.69 -10.77
N ASP A 93 -16.58 -4.68 -9.91
CA ASP A 93 -15.49 -3.70 -10.09
C ASP A 93 -14.08 -4.32 -10.05
N ARG A 94 -13.84 -5.20 -9.08
CA ARG A 94 -12.58 -5.98 -8.96
C ARG A 94 -12.34 -6.89 -10.15
N ALA A 95 -13.39 -7.58 -10.58
CA ALA A 95 -13.40 -8.44 -11.76
C ALA A 95 -13.17 -7.66 -13.06
N ALA A 96 -13.80 -6.49 -13.15
CA ALA A 96 -13.62 -5.60 -14.30
C ALA A 96 -12.17 -5.09 -14.45
N LEU A 97 -11.57 -4.68 -13.33
CA LEU A 97 -10.12 -4.39 -13.26
C LEU A 97 -9.26 -5.61 -13.60
N LEU A 98 -9.62 -6.79 -13.08
CA LEU A 98 -8.87 -8.02 -13.39
C LEU A 98 -8.91 -8.35 -14.90
N ALA A 99 -10.07 -8.11 -15.55
CA ALA A 99 -10.23 -8.34 -16.98
C ALA A 99 -9.32 -7.44 -17.83
N ARG A 100 -9.26 -6.15 -17.46
CA ARG A 100 -8.35 -5.17 -18.07
C ARG A 100 -6.91 -5.63 -18.01
N VAL A 101 -6.48 -6.05 -16.82
CA VAL A 101 -5.12 -6.60 -16.56
C VAL A 101 -4.90 -7.93 -17.35
N ASP A 102 -5.93 -8.79 -17.40
CA ASP A 102 -5.86 -10.07 -18.14
C ASP A 102 -5.62 -9.86 -19.65
N GLN A 103 -6.36 -8.91 -20.24
CA GLN A 103 -6.20 -8.53 -21.65
C GLN A 103 -4.77 -8.11 -21.98
N LEU A 104 -4.30 -7.11 -21.23
CA LEU A 104 -2.94 -6.58 -21.35
C LEU A 104 -1.89 -7.69 -21.16
N ALA A 105 -2.09 -8.50 -20.12
CA ALA A 105 -1.19 -9.62 -19.80
C ALA A 105 -1.13 -10.69 -20.89
N ARG A 106 -2.30 -11.14 -21.38
CA ARG A 106 -2.38 -12.08 -22.51
C ARG A 106 -1.82 -11.56 -23.83
N ALA A 107 -1.80 -10.22 -24.00
CA ALA A 107 -1.17 -9.57 -25.17
C ALA A 107 0.35 -9.28 -24.99
N GLY A 108 0.92 -9.67 -23.85
CA GLY A 108 2.33 -9.45 -23.51
C GLY A 108 2.70 -8.09 -22.99
N LEU A 109 1.77 -7.42 -22.28
CA LEU A 109 2.00 -6.08 -21.69
C LEU A 109 1.74 -6.27 -20.20
N ARG A 110 2.80 -6.59 -19.48
CA ARG A 110 2.77 -6.92 -18.05
C ARG A 110 3.46 -5.86 -17.20
N ASN A 111 3.77 -4.69 -17.80
CA ASN A 111 4.41 -3.57 -17.14
C ASN A 111 3.29 -2.53 -17.04
N LEU A 112 2.82 -2.29 -15.81
CA LEU A 112 1.59 -1.55 -15.56
C LEU A 112 1.85 -0.40 -14.62
N VAL A 113 1.18 0.74 -14.89
CA VAL A 113 1.06 1.82 -13.93
C VAL A 113 -0.39 1.86 -13.44
N LEU A 114 -0.59 1.77 -12.14
CA LEU A 114 -1.91 1.96 -11.50
C LEU A 114 -1.98 3.34 -10.88
N LEU A 115 -2.93 4.16 -11.33
CA LEU A 115 -3.09 5.55 -10.83
C LEU A 115 -4.28 5.73 -9.87
N PHE A 116 -4.05 6.48 -8.79
CA PHE A 116 -5.06 6.73 -7.75
C PHE A 116 -5.06 8.19 -7.28
N ASP A 117 -4.77 9.05 -8.25
CA ASP A 117 -4.51 10.49 -8.01
C ASP A 117 -5.75 11.36 -7.85
N ASP A 118 -6.93 10.84 -8.25
CA ASP A 118 -8.19 11.60 -8.16
C ASP A 118 -9.31 10.68 -7.64
N ILE A 119 -9.76 10.95 -6.41
CA ILE A 119 -10.78 10.13 -5.69
C ILE A 119 -11.93 11.03 -5.19
N PRO A 120 -13.06 10.41 -4.76
CA PRO A 120 -14.14 11.19 -4.10
C PRO A 120 -13.76 11.74 -2.72
N SER A 121 -14.66 12.58 -2.17
CA SER A 121 -14.38 13.37 -0.96
C SER A 121 -14.33 12.57 0.35
N VAL A 122 -15.06 11.45 0.43
CA VAL A 122 -14.96 10.48 1.54
C VAL A 122 -15.05 9.04 1.00
N LEU A 123 -14.62 8.09 1.84
CA LEU A 123 -14.61 6.64 1.49
C LEU A 123 -16.02 6.16 1.11
N PRO A 124 -16.18 5.40 -0.01
CA PRO A 124 -17.51 4.85 -0.38
C PRO A 124 -18.13 3.95 0.69
N GLU A 125 -19.46 3.95 0.76
CA GLU A 125 -20.19 3.37 1.89
C GLU A 125 -20.08 1.84 1.94
N ALA A 126 -20.22 1.17 0.79
CA ALA A 126 -20.00 -0.28 0.67
C ALA A 126 -18.57 -0.75 1.04
N ASP A 127 -17.59 0.14 0.91
CA ASP A 127 -16.20 -0.07 1.37
C ASP A 127 -15.90 0.17 2.86
N ARG A 128 -16.65 1.05 3.53
CA ARG A 128 -16.44 1.38 4.98
C ARG A 128 -16.45 0.17 5.96
N HIS A 129 -17.23 -0.86 5.62
CA HIS A 129 -17.28 -2.09 6.43
C HIS A 129 -16.08 -3.05 6.18
N ARG A 130 -15.44 -2.97 5.01
CA ARG A 130 -14.24 -3.75 4.69
C ARG A 130 -12.92 -3.05 5.02
N PHE A 131 -12.82 -1.78 4.63
CA PHE A 131 -11.57 -1.02 4.67
C PHE A 131 -11.71 0.15 5.62
N ASP A 132 -10.64 0.41 6.37
CA ASP A 132 -10.56 1.53 7.32
C ASP A 132 -10.08 2.87 6.74
N SER A 133 -9.57 2.87 5.49
CA SER A 133 -9.03 4.07 4.82
C SER A 133 -8.91 3.90 3.32
N PHE A 134 -8.82 5.03 2.61
CA PHE A 134 -8.51 5.01 1.16
C PHE A 134 -7.19 4.28 0.88
N ALA A 135 -6.14 4.54 1.67
CA ALA A 135 -4.85 3.86 1.50
C ALA A 135 -4.94 2.32 1.50
N GLU A 136 -5.66 1.77 2.50
CA GLU A 136 -5.85 0.31 2.65
C GLU A 136 -6.65 -0.29 1.47
N ALA A 137 -7.69 0.43 1.04
CA ALA A 137 -8.53 0.03 -0.11
C ALA A 137 -7.75 0.00 -1.42
N GLN A 138 -7.05 1.10 -1.72
CA GLN A 138 -6.18 1.20 -2.93
C GLN A 138 -5.09 0.13 -2.95
N ALA A 139 -4.43 -0.05 -1.78
CA ALA A 139 -3.39 -1.09 -1.58
C ALA A 139 -3.89 -2.51 -1.88
N ASP A 140 -5.04 -2.85 -1.33
CA ASP A 140 -5.63 -4.17 -1.58
C ASP A 140 -5.95 -4.41 -3.06
N LEU A 141 -6.58 -3.42 -3.70
CA LEU A 141 -6.88 -3.46 -5.14
C LEU A 141 -5.62 -3.62 -6.03
N SER A 142 -4.56 -2.92 -5.66
CA SER A 142 -3.27 -3.05 -6.36
C SER A 142 -2.58 -4.39 -6.14
N ASN A 143 -2.58 -4.88 -4.91
CA ASN A 143 -2.04 -6.22 -4.56
C ASN A 143 -2.72 -7.35 -5.33
N MET A 144 -4.05 -7.27 -5.49
CA MET A 144 -4.84 -8.14 -6.39
C MET A 144 -4.27 -8.14 -7.83
N VAL A 145 -4.02 -6.96 -8.38
CA VAL A 145 -3.43 -6.81 -9.73
C VAL A 145 -2.06 -7.50 -9.79
N LEU A 146 -1.18 -7.18 -8.81
CA LEU A 146 0.15 -7.79 -8.73
C LEU A 146 0.10 -9.34 -8.67
N ARG A 147 -0.78 -9.87 -7.82
CA ARG A 147 -0.97 -11.32 -7.68
C ARG A 147 -1.50 -12.00 -8.97
N HIS A 148 -2.34 -11.31 -9.74
CA HIS A 148 -2.81 -11.80 -11.04
C HIS A 148 -1.68 -11.98 -12.07
N LEU A 149 -0.64 -11.15 -11.99
CA LEU A 149 0.56 -11.25 -12.86
C LEU A 149 1.49 -12.45 -12.61
N ARG A 150 1.33 -13.12 -11.45
CA ARG A 150 2.02 -14.38 -11.08
C ARG A 150 3.56 -14.28 -11.05
N GLY A 151 4.06 -13.18 -10.51
CA GLY A 151 5.49 -12.85 -10.45
C GLY A 151 6.18 -12.39 -11.72
N ALA A 152 5.43 -12.06 -12.78
CA ALA A 152 6.00 -11.64 -14.09
C ALA A 152 5.66 -10.17 -14.34
N GLY A 153 6.63 -9.40 -14.82
CA GLY A 153 6.42 -7.98 -15.12
C GLY A 153 6.50 -7.15 -13.84
N HIS A 154 5.91 -5.97 -13.88
CA HIS A 154 6.19 -4.94 -12.88
C HIS A 154 5.02 -3.94 -12.74
N VAL A 155 4.71 -3.57 -11.50
CA VAL A 155 3.60 -2.64 -11.17
C VAL A 155 4.21 -1.40 -10.49
N VAL A 156 3.88 -0.22 -11.01
CA VAL A 156 4.25 1.07 -10.37
C VAL A 156 2.93 1.81 -10.04
N PHE A 157 2.85 2.34 -8.83
CA PHE A 157 1.61 2.81 -8.18
C PHE A 157 1.75 4.36 -8.11
N CYS A 158 0.80 5.09 -8.65
CA CYS A 158 0.71 6.52 -8.43
C CYS A 158 -0.22 6.84 -7.28
N PRO A 159 0.31 7.35 -6.15
CA PRO A 159 -0.56 7.60 -4.98
C PRO A 159 -1.41 8.84 -5.12
N THR A 160 -2.42 8.93 -4.25
CA THR A 160 -3.35 10.08 -4.19
C THR A 160 -2.64 11.34 -3.70
N GLU A 161 -1.86 11.18 -2.64
CA GLU A 161 -0.85 12.16 -2.19
C GLU A 161 0.52 11.80 -2.80
N TYR A 162 0.90 12.45 -3.89
CA TYR A 162 2.15 12.10 -4.61
C TYR A 162 3.23 13.19 -4.52
N CYS A 163 3.01 14.19 -3.69
CA CYS A 163 3.98 15.22 -3.39
C CYS A 163 3.90 15.63 -1.93
N GLY A 164 4.98 16.28 -1.47
CA GLY A 164 5.08 16.81 -0.10
C GLY A 164 3.91 17.62 0.42
N ARG A 165 3.50 18.61 -0.39
CA ARG A 165 2.36 19.48 -0.09
C ARG A 165 1.06 18.71 0.16
N MET A 166 0.75 17.73 -0.69
CA MET A 166 -0.42 16.84 -0.52
C MET A 166 -0.34 15.98 0.73
N ALA A 167 0.88 15.53 1.04
CA ALA A 167 1.17 14.80 2.30
C ALA A 167 1.26 15.65 3.59
N GLY A 168 1.33 16.96 3.42
CA GLY A 168 1.22 17.96 4.49
C GLY A 168 2.53 18.60 4.94
N GLY A 169 3.61 18.39 4.17
CA GLY A 169 4.93 19.04 4.37
C GLY A 169 5.98 17.96 4.50
N ASP A 170 6.14 17.43 5.73
CA ASP A 170 6.99 16.26 5.99
C ASP A 170 6.10 15.06 5.66
N PRO A 171 6.45 14.26 4.61
CA PRO A 171 5.65 13.08 4.23
C PRO A 171 5.43 12.02 5.31
N ARG A 172 6.34 11.97 6.29
CA ARG A 172 6.21 11.06 7.45
C ARG A 172 5.04 11.41 8.39
N GLY A 173 4.55 12.65 8.33
CA GLY A 173 3.32 13.08 8.99
C GLY A 173 1.97 12.72 8.34
N SER A 174 1.99 12.10 7.15
CA SER A 174 0.75 11.70 6.43
C SER A 174 0.22 10.32 6.90
N ALA A 175 -0.99 10.32 7.47
CA ALA A 175 -1.79 9.11 7.75
C ALA A 175 -1.96 8.19 6.54
N TYR A 176 -2.26 8.81 5.40
CA TYR A 176 -2.36 8.13 4.09
C TYR A 176 -1.05 7.38 3.71
N LEU A 177 0.08 8.07 3.71
CA LEU A 177 1.36 7.47 3.27
C LEU A 177 1.88 6.42 4.23
N GLN A 178 1.72 6.70 5.52
CA GLN A 178 1.97 5.72 6.59
C GLN A 178 1.24 4.39 6.37
N ARG A 179 -0.08 4.47 6.14
CA ARG A 179 -0.87 3.27 5.86
C ARG A 179 -0.50 2.65 4.50
N LEU A 180 -0.37 3.49 3.45
CA LEU A 180 0.09 3.05 2.10
C LEU A 180 1.43 2.28 2.10
N GLY A 181 2.47 2.89 2.66
CA GLY A 181 3.82 2.28 2.74
C GLY A 181 3.88 0.95 3.46
N SER A 182 3.03 0.79 4.48
CA SER A 182 2.93 -0.48 5.23
C SER A 182 2.04 -1.55 4.57
N THR A 183 1.09 -1.13 3.70
CA THR A 183 0.02 -2.03 3.16
C THR A 183 0.23 -2.46 1.69
N LEU A 184 0.73 -1.54 0.84
CA LEU A 184 1.09 -1.86 -0.56
C LEU A 184 2.22 -2.91 -0.59
N ASP A 185 2.04 -3.97 -1.39
CA ASP A 185 3.02 -5.07 -1.54
C ASP A 185 4.43 -4.51 -1.80
N PRO A 186 5.47 -5.07 -1.13
CA PRO A 186 6.86 -4.64 -1.39
C PRO A 186 7.41 -4.66 -2.82
N ALA A 187 6.88 -5.51 -3.70
CA ALA A 187 7.25 -5.61 -5.10
C ALA A 187 6.80 -4.39 -5.96
N ILE A 188 5.79 -3.65 -5.47
CA ILE A 188 5.19 -2.54 -6.19
C ILE A 188 5.97 -1.26 -5.86
N ASP A 189 6.47 -0.59 -6.88
CA ASP A 189 7.16 0.74 -6.70
C ASP A 189 6.12 1.84 -6.65
N ILE A 190 6.49 2.98 -6.08
CA ILE A 190 5.61 4.14 -5.88
C ILE A 190 6.23 5.41 -6.50
N PHE A 191 5.39 6.12 -7.26
CA PHE A 191 5.74 7.42 -7.83
C PHE A 191 5.74 8.53 -6.78
N TRP A 192 6.55 9.56 -7.04
CA TRP A 192 6.68 10.69 -6.14
C TRP A 192 7.18 11.87 -6.98
N THR A 193 6.55 13.04 -6.85
CA THR A 193 6.92 14.23 -7.69
C THR A 193 7.85 15.22 -6.98
N GLY A 194 8.23 14.94 -5.73
CA GLY A 194 9.09 15.78 -4.87
C GLY A 194 8.19 16.55 -3.89
N PRO A 195 8.67 17.72 -3.36
CA PRO A 195 7.81 18.50 -2.41
C PRO A 195 6.52 19.13 -2.99
N GLU A 196 6.46 19.32 -4.32
CA GLU A 196 5.32 19.90 -5.05
C GLU A 196 5.02 19.07 -6.29
N ILE A 197 3.90 19.35 -6.96
CA ILE A 197 3.57 18.69 -8.24
C ILE A 197 4.71 18.98 -9.25
N VAL A 198 5.10 20.26 -9.29
CA VAL A 198 6.21 20.77 -10.08
C VAL A 198 7.24 21.30 -9.07
N SER A 199 8.27 20.49 -8.79
CA SER A 199 9.28 20.77 -7.79
C SER A 199 10.39 21.68 -8.34
N GLU A 200 10.64 22.77 -7.63
CA GLU A 200 11.75 23.69 -7.95
C GLU A 200 13.08 23.01 -7.62
N GLU A 201 13.12 22.31 -6.48
CA GLU A 201 14.25 21.52 -6.05
C GLU A 201 13.75 20.17 -5.48
N ILE A 202 14.52 19.12 -5.73
CA ILE A 202 14.35 17.81 -5.13
C ILE A 202 15.67 17.50 -4.40
N VAL A 203 15.64 17.49 -3.08
CA VAL A 203 16.82 17.38 -2.24
C VAL A 203 16.85 16.06 -1.47
N ALA A 204 18.06 15.67 -1.13
CA ALA A 204 18.37 14.38 -0.52
C ALA A 204 17.62 14.11 0.81
N ALA A 205 17.60 15.08 1.72
CA ALA A 205 16.85 14.96 3.00
C ALA A 205 15.35 14.72 2.80
N HIS A 206 14.78 15.35 1.75
CA HIS A 206 13.36 15.13 1.40
C HIS A 206 13.13 13.68 0.99
N LEU A 207 13.91 13.20 0.02
CA LEU A 207 13.79 11.83 -0.49
C LEU A 207 14.07 10.72 0.54
N ALA A 208 14.99 10.97 1.46
CA ALA A 208 15.22 10.11 2.61
C ALA A 208 13.97 9.97 3.52
N ALA A 209 13.30 11.10 3.79
CA ALA A 209 12.01 11.10 4.54
C ALA A 209 10.88 10.38 3.79
N VAL A 210 10.82 10.58 2.48
CA VAL A 210 9.84 9.89 1.59
C VAL A 210 10.04 8.39 1.62
N GLY A 211 11.29 7.95 1.49
CA GLY A 211 11.64 6.55 1.57
C GLY A 211 11.28 5.87 2.88
N GLU A 212 11.46 6.58 3.99
CA GLU A 212 10.99 6.17 5.31
C GLU A 212 9.49 5.87 5.38
N VAL A 213 8.65 6.81 4.97
CA VAL A 213 7.17 6.65 5.03
C VAL A 213 6.62 5.63 4.00
N LEU A 214 7.11 5.69 2.77
CA LEU A 214 6.82 4.68 1.72
C LEU A 214 7.43 3.28 1.95
N ARG A 215 8.45 3.17 2.79
CA ARG A 215 9.17 1.91 3.10
C ARG A 215 9.89 1.34 1.86
N ARG A 216 10.33 2.23 0.99
CA ARG A 216 10.99 1.91 -0.28
C ARG A 216 11.48 3.21 -0.95
N ARG A 217 12.58 3.12 -1.70
CA ARG A 217 13.03 4.24 -2.57
C ARG A 217 11.96 4.54 -3.63
N PRO A 218 11.52 5.82 -3.75
CA PRO A 218 10.50 6.20 -4.74
C PRO A 218 11.01 6.17 -6.18
N VAL A 219 10.09 5.93 -7.12
CA VAL A 219 10.39 6.22 -8.50
C VAL A 219 9.98 7.68 -8.68
N ILE A 220 10.91 8.53 -9.11
CA ILE A 220 10.58 9.92 -9.40
C ILE A 220 9.76 10.02 -10.69
N TRP A 221 8.67 10.79 -10.59
CA TRP A 221 7.88 11.36 -11.66
C TRP A 221 8.14 12.88 -11.58
N ASP A 222 8.99 13.36 -12.46
CA ASP A 222 9.47 14.74 -12.47
C ASP A 222 8.54 15.49 -13.45
N ASN A 223 7.95 16.57 -12.96
CA ASN A 223 7.20 17.54 -13.78
C ASN A 223 7.93 18.83 -14.12
N PHE A 224 9.22 18.87 -13.88
CA PHE A 224 10.05 20.07 -14.16
C PHE A 224 9.82 20.60 -15.56
N HIS A 225 9.84 19.73 -16.60
CA HIS A 225 9.60 20.15 -18.00
C HIS A 225 8.14 20.19 -18.50
N ALA A 226 7.19 19.87 -17.63
CA ALA A 226 5.76 19.89 -18.00
C ALA A 226 5.31 21.31 -18.24
N ASN A 227 4.49 21.51 -19.24
CA ASN A 227 3.88 22.79 -19.54
C ASN A 227 2.36 22.77 -19.66
N ASP A 228 1.71 21.65 -19.26
CA ASP A 228 0.24 21.61 -19.32
C ASP A 228 -0.49 22.60 -18.37
N TYR A 229 0.19 23.15 -17.37
CA TYR A 229 -0.41 24.12 -16.42
C TYR A 229 -0.51 25.59 -16.87
N ASP A 230 0.15 25.95 -17.95
CA ASP A 230 0.21 27.34 -18.45
C ASP A 230 0.28 27.37 -19.97
N ILE A 231 -0.80 27.87 -20.56
CA ILE A 231 -0.97 28.14 -22.00
C ILE A 231 0.19 29.00 -22.61
N ARG A 232 0.82 29.83 -21.78
CA ARG A 232 1.88 30.78 -22.18
C ARG A 232 3.31 30.21 -22.24
N ARG A 233 3.51 28.97 -21.79
N ARG A 233 3.51 28.97 -21.80
CA ARG A 233 4.85 28.48 -21.44
CA ARG A 233 4.85 28.49 -21.43
C ARG A 233 5.24 27.16 -22.06
C ARG A 233 5.24 27.16 -22.06
N VAL A 234 6.55 27.02 -22.32
CA VAL A 234 7.18 25.80 -22.86
C VAL A 234 8.62 25.82 -22.29
N PHE A 235 9.19 24.65 -22.09
CA PHE A 235 10.46 24.51 -21.34
C PHE A 235 11.48 23.78 -22.16
N ALA A 236 12.31 24.57 -22.83
CA ALA A 236 13.38 24.13 -23.67
C ALA A 236 14.73 24.28 -22.99
N GLY A 237 14.75 24.71 -21.73
CA GLY A 237 16.00 24.73 -20.94
C GLY A 237 16.45 23.40 -20.38
N PRO A 238 17.63 23.40 -19.72
CA PRO A 238 18.13 22.17 -19.13
C PRO A 238 17.39 21.76 -17.85
N LEU A 239 17.48 20.48 -17.49
CA LEU A 239 17.01 20.05 -16.17
C LEU A 239 17.87 20.76 -15.09
N GLY A 240 17.21 21.32 -14.08
CA GLY A 240 17.86 22.00 -12.95
C GLY A 240 17.17 21.76 -11.63
N GLY A 241 17.85 22.10 -10.55
CA GLY A 241 17.35 21.95 -9.19
C GLY A 241 17.44 20.54 -8.56
N ARG A 242 18.03 19.56 -9.26
CA ARG A 242 18.28 18.21 -8.71
C ARG A 242 19.77 17.90 -8.83
N SER A 243 20.43 17.84 -7.69
CA SER A 243 21.76 17.28 -7.53
C SER A 243 21.82 15.81 -7.90
N ARG A 244 22.98 15.41 -8.41
CA ARG A 244 23.22 13.96 -8.65
C ARG A 244 23.28 13.12 -7.37
N ASP A 245 23.60 13.77 -6.23
CA ASP A 245 23.58 13.11 -4.92
C ASP A 245 22.21 12.55 -4.45
N ILE A 246 21.11 12.97 -5.08
CA ILE A 246 19.79 12.36 -4.82
C ILE A 246 19.58 10.97 -5.47
N LEU A 247 20.35 10.62 -6.51
CA LEU A 247 20.10 9.39 -7.29
C LEU A 247 20.23 8.04 -6.57
N PRO A 248 21.13 7.94 -5.59
CA PRO A 248 21.14 6.79 -4.65
C PRO A 248 19.84 6.55 -3.84
N LEU A 249 19.05 7.59 -3.64
CA LEU A 249 17.78 7.58 -2.88
C LEU A 249 16.51 7.24 -3.69
N VAL A 250 16.63 7.07 -5.03
CA VAL A 250 15.53 6.69 -5.93
C VAL A 250 15.68 5.30 -6.59
N ALA A 251 14.53 4.71 -6.92
CA ALA A 251 14.43 3.44 -7.66
C ALA A 251 14.23 3.62 -9.18
N GLY A 252 14.03 4.86 -9.61
CA GLY A 252 13.66 5.24 -10.97
C GLY A 252 13.50 6.73 -11.18
N TRP A 253 13.42 7.14 -12.45
CA TRP A 253 13.46 8.54 -12.87
C TRP A 253 12.72 8.69 -14.19
N ILE A 254 11.50 9.13 -14.10
CA ILE A 254 10.62 9.31 -15.24
C ILE A 254 10.24 10.77 -15.28
N THR A 255 10.24 11.35 -16.49
CA THR A 255 9.95 12.78 -16.67
C THR A 255 8.68 12.90 -17.53
N ASN A 256 7.80 13.81 -17.10
CA ASN A 256 6.53 14.08 -17.76
C ASN A 256 6.70 15.42 -18.53
N PRO A 257 7.00 15.35 -19.84
CA PRO A 257 7.58 16.57 -20.46
C PRO A 257 6.58 17.52 -21.09
N ASN A 258 7.02 18.39 -22.02
CA ASN A 258 6.10 19.34 -22.67
C ASN A 258 5.05 18.59 -23.56
N ASN A 259 3.87 19.18 -23.68
CA ASN A 259 2.80 18.68 -24.57
C ASN A 259 3.29 18.50 -26.01
N GLU A 260 4.10 19.46 -26.50
CA GLU A 260 4.56 19.51 -27.87
C GLU A 260 5.80 18.62 -27.99
N ALA A 261 5.68 17.51 -28.75
CA ALA A 261 6.76 16.52 -28.85
C ALA A 261 8.10 17.19 -29.29
N GLU A 262 8.07 17.95 -30.38
CA GLU A 262 9.27 18.70 -30.87
C GLU A 262 9.91 19.64 -29.85
N ALA A 263 9.16 20.17 -28.87
CA ALA A 263 9.75 20.97 -27.79
C ALA A 263 10.72 20.21 -26.84
N ASN A 264 10.59 18.88 -26.78
CA ASN A 264 11.29 18.08 -25.79
C ASN A 264 12.71 17.58 -26.13
N PHE A 265 13.30 18.00 -27.26
CA PHE A 265 14.68 17.59 -27.54
C PHE A 265 15.61 17.98 -26.38
N PRO A 266 15.60 19.27 -25.94
CA PRO A 266 16.50 19.64 -24.82
C PRO A 266 16.16 18.96 -23.48
N ALA A 267 14.87 18.82 -23.18
CA ALA A 267 14.40 18.11 -21.96
C ALA A 267 14.97 16.71 -21.89
N ILE A 268 14.79 15.95 -22.97
CA ILE A 268 15.29 14.53 -23.05
C ILE A 268 16.86 14.50 -23.00
N HIS A 269 17.48 15.32 -23.85
CA HIS A 269 18.98 15.39 -23.91
C HIS A 269 19.57 15.65 -22.55
N THR A 270 19.09 16.70 -21.88
CA THR A 270 19.67 17.16 -20.61
C THR A 270 19.31 16.22 -19.42
N THR A 271 18.09 15.68 -19.40
CA THR A 271 17.68 14.67 -18.39
C THR A 271 18.50 13.39 -18.52
N GLY A 272 18.74 12.90 -19.73
CA GLY A 272 19.70 11.82 -19.96
C GLY A 272 21.11 12.09 -19.53
N ALA A 273 21.59 13.29 -19.86
CA ALA A 273 22.91 13.81 -19.37
C ALA A 273 22.97 13.84 -17.85
N TYR A 274 21.91 14.29 -17.19
CA TYR A 274 21.85 14.32 -15.72
C TYR A 274 21.98 12.93 -15.10
N LEU A 275 21.21 11.99 -15.65
CA LEU A 275 21.27 10.58 -15.19
C LEU A 275 22.59 9.89 -15.53
N ALA A 276 23.26 10.26 -16.62
CA ALA A 276 24.53 9.60 -17.04
C ALA A 276 25.82 10.23 -16.53
N ASP A 277 25.91 11.56 -16.54
CA ASP A 277 27.16 12.32 -16.45
C ASP A 277 27.37 12.81 -15.01
N PRO A 278 28.44 12.32 -14.31
CA PRO A 278 28.66 12.77 -12.92
C PRO A 278 28.96 14.27 -12.76
N ASP A 279 29.60 14.88 -13.78
CA ASP A 279 29.88 16.31 -13.86
C ASP A 279 28.72 17.17 -14.45
N TYR A 280 27.49 16.61 -14.53
CA TYR A 280 26.34 17.38 -14.99
C TYR A 280 26.25 18.82 -14.44
N ALA A 281 26.11 19.75 -15.36
CA ALA A 281 26.02 21.21 -15.10
C ALA A 281 24.99 21.75 -16.12
N PRO A 282 23.89 22.44 -15.66
CA PRO A 282 22.82 22.75 -16.63
C PRO A 282 23.22 23.60 -17.83
N GLU A 283 24.08 24.61 -17.61
CA GLU A 283 24.49 25.51 -18.70
C GLU A 283 25.40 24.83 -19.72
N ARG A 284 26.28 23.93 -19.25
CA ARG A 284 27.10 23.12 -20.14
C ARG A 284 26.25 22.08 -20.90
N ALA A 285 25.25 21.49 -20.23
CA ALA A 285 24.38 20.49 -20.81
C ALA A 285 23.51 21.09 -21.95
N ILE A 286 23.01 22.30 -21.73
CA ILE A 286 22.15 22.92 -22.75
C ILE A 286 22.97 23.31 -24.01
N ALA A 287 24.21 23.70 -23.84
CA ALA A 287 25.17 23.90 -24.96
C ALA A 287 25.34 22.65 -25.78
N ALA A 288 25.49 21.49 -25.12
CA ALA A 288 25.62 20.19 -25.81
C ALA A 288 24.33 19.79 -26.51
N ALA A 289 23.21 20.09 -25.85
CA ALA A 289 21.88 19.83 -26.42
C ALA A 289 21.66 20.67 -27.69
N VAL A 290 21.99 21.95 -27.61
CA VAL A 290 21.82 22.93 -28.70
C VAL A 290 22.64 22.48 -29.92
N ALA A 291 23.90 22.10 -29.71
CA ALA A 291 24.75 21.55 -30.79
C ALA A 291 24.17 20.28 -31.46
N ALA A 292 23.64 19.36 -30.66
CA ALA A 292 22.96 18.16 -31.18
C ALA A 292 21.63 18.46 -31.91
N TRP A 293 20.90 19.43 -31.39
CA TRP A 293 19.58 19.86 -31.89
C TRP A 293 19.62 20.69 -33.17
N GLN A 294 20.68 21.49 -33.37
CA GLN A 294 20.81 22.46 -34.46
C GLN A 294 20.51 21.95 -35.89
N PRO A 295 20.97 20.74 -36.29
CA PRO A 295 20.61 20.22 -37.63
C PRO A 295 19.08 20.01 -37.91
N ARG A 296 18.27 19.88 -36.87
CA ARG A 296 16.80 19.89 -36.99
C ARG A 296 16.22 21.25 -37.48
N PHE A 297 17.00 22.30 -37.36
CA PHE A 297 16.67 23.64 -37.81
C PHE A 297 17.21 23.92 -39.23
N ARG A 298 17.35 22.90 -40.10
CA ARG A 298 17.83 23.16 -41.47
C ARG A 298 16.75 23.98 -42.23
N LEU A 299 17.19 24.88 -43.08
CA LEU A 299 16.28 25.73 -43.86
C LEU A 299 15.74 24.98 -45.10
N ALA A 300 14.49 25.22 -45.46
CA ALA A 300 13.84 24.50 -46.57
C ALA A 300 14.35 24.78 -48.00
N PHE A 301 14.60 26.04 -48.37
CA PHE A 301 14.92 26.42 -49.76
C PHE A 301 16.32 27.04 -49.91
N GLY A 302 17.35 26.19 -49.83
CA GLY A 302 18.75 26.64 -49.78
C GLY A 302 19.51 25.91 -48.68
N ASP A 303 20.81 26.13 -48.68
CA ASP A 303 21.80 25.39 -47.87
C ASP A 303 22.20 26.14 -46.54
N GLY A 304 21.20 26.56 -45.81
CA GLY A 304 21.40 27.15 -44.48
C GLY A 304 20.76 26.33 -43.36
N ALA A 305 21.08 26.76 -42.14
CA ALA A 305 20.39 26.28 -40.90
C ALA A 305 20.43 27.43 -39.93
N VAL A 306 19.47 27.45 -39.01
CA VAL A 306 19.41 28.49 -37.95
C VAL A 306 20.73 28.36 -37.13
N PRO A 307 21.52 29.46 -37.03
CA PRO A 307 22.77 29.47 -36.25
C PRO A 307 22.61 28.93 -34.84
N SER A 308 23.56 28.10 -34.37
CA SER A 308 23.65 27.61 -32.98
C SER A 308 23.38 28.65 -31.88
N ASP A 309 23.91 29.86 -32.02
CA ASP A 309 23.65 30.94 -31.05
C ASP A 309 22.20 31.41 -30.95
N LEU A 310 21.45 31.31 -32.07
CA LEU A 310 20.03 31.69 -32.08
C LEU A 310 19.16 30.51 -31.57
N VAL A 311 19.60 29.27 -31.81
CA VAL A 311 18.94 28.11 -31.17
C VAL A 311 19.15 28.20 -29.65
N ALA A 312 20.36 28.52 -29.20
CA ALA A 312 20.67 28.80 -27.79
C ALA A 312 19.78 29.89 -27.20
N LEU A 313 19.52 30.95 -27.96
CA LEU A 313 18.59 31.99 -27.55
C LEU A 313 17.18 31.44 -27.32
N LEU A 314 16.73 30.56 -28.21
CA LEU A 314 15.45 29.85 -28.06
C LEU A 314 15.34 29.19 -26.68
N CYS A 315 16.37 28.44 -26.29
CA CYS A 315 16.37 27.80 -24.94
C CYS A 315 16.39 28.84 -23.79
N ASP A 316 17.20 29.89 -23.92
CA ASP A 316 17.26 30.98 -22.95
C ASP A 316 15.92 31.66 -22.69
N LEU A 317 15.20 31.97 -23.75
CA LEU A 317 13.87 32.60 -23.67
C LEU A 317 12.87 31.67 -22.98
N PHE A 318 12.92 30.39 -23.37
CA PHE A 318 11.98 29.35 -22.95
C PHE A 318 12.70 28.31 -22.10
N TRP A 319 13.04 28.71 -20.88
CA TRP A 319 14.12 28.05 -20.07
C TRP A 319 13.55 27.09 -19.09
N GLN A 320 13.05 27.54 -17.94
CA GLN A 320 12.67 26.59 -16.86
C GLN A 320 11.47 27.11 -16.12
N PRO A 321 10.74 26.24 -15.39
CA PRO A 321 9.58 26.70 -14.60
C PRO A 321 9.88 27.83 -13.56
N PHE A 322 11.03 27.82 -12.93
CA PHE A 322 11.31 28.82 -11.85
C PHE A 322 12.53 29.70 -12.15
N ALA A 323 12.90 29.83 -13.43
CA ALA A 323 14.00 30.71 -13.83
C ALA A 323 13.88 31.07 -15.29
N LEU A 324 14.18 32.34 -15.61
CA LEU A 324 14.39 32.73 -17.01
C LEU A 324 15.82 32.30 -17.33
N GLY A 325 16.18 32.24 -18.60
CA GLY A 325 17.54 31.87 -19.01
C GLY A 325 18.58 32.87 -18.52
N PRO A 326 19.87 32.47 -18.48
CA PRO A 326 20.89 33.37 -17.91
C PRO A 326 21.01 34.75 -18.64
N GLU A 327 20.93 34.74 -19.98
CA GLU A 327 21.02 35.97 -20.81
C GLU A 327 19.78 36.86 -20.58
N THR A 328 18.60 36.24 -20.63
CA THR A 328 17.34 36.97 -20.50
C THR A 328 17.16 37.53 -19.10
N THR A 329 17.49 36.73 -18.09
CA THR A 329 17.53 37.18 -16.67
C THR A 329 18.37 38.41 -16.45
N ARG A 330 19.61 38.37 -16.92
CA ARG A 330 20.53 39.49 -16.76
C ARG A 330 20.06 40.75 -17.48
N ILE A 331 19.50 40.61 -18.70
CA ILE A 331 18.99 41.75 -19.49
C ILE A 331 17.84 42.48 -18.76
N LEU A 332 16.85 41.72 -18.33
CA LEU A 332 15.74 42.28 -17.52
C LEU A 332 16.15 42.84 -16.17
N SER A 333 17.08 42.17 -15.50
CA SER A 333 17.57 42.61 -14.16
C SER A 333 18.29 43.95 -14.23
N ALA A 334 19.19 44.05 -15.19
CA ALA A 334 19.88 45.32 -15.57
C ALA A 334 18.91 46.46 -15.87
N LEU A 335 17.83 46.16 -16.58
CA LEU A 335 16.79 47.14 -16.89
C LEU A 335 16.02 47.58 -15.64
N ARG A 336 15.56 46.62 -14.85
CA ARG A 336 14.95 46.89 -13.50
C ARG A 336 15.76 47.82 -12.62
N ALA A 337 17.06 47.57 -12.54
CA ALA A 337 17.97 48.37 -11.69
C ALA A 337 18.05 49.80 -12.21
N ALA A 338 18.21 49.92 -13.53
CA ALA A 338 18.28 51.19 -14.23
C ALA A 338 16.96 51.99 -14.13
N LEU A 339 15.83 51.28 -13.99
CA LEU A 339 14.48 51.84 -13.78
C LEU A 339 14.04 52.01 -12.32
N THR A 340 14.97 52.13 -11.38
CA THR A 340 14.65 52.50 -10.00
C THR A 340 14.26 53.98 -9.87
N VAL A 341 14.65 54.82 -10.86
CA VAL A 341 14.28 56.24 -10.93
C VAL A 341 13.15 56.49 -11.94
N PRO A 342 12.34 57.55 -11.76
CA PRO A 342 11.30 57.83 -12.78
C PRO A 342 11.83 58.24 -14.17
N ARG A 343 12.99 58.90 -14.22
CA ARG A 343 13.67 59.33 -15.47
C ARG A 343 15.16 58.95 -15.45
N PRO A 344 15.54 57.78 -16.03
CA PRO A 344 16.95 57.39 -16.16
C PRO A 344 17.77 58.42 -16.99
N ASP A 345 19.02 58.61 -16.62
CA ASP A 345 19.93 59.57 -17.29
C ASP A 345 20.44 58.93 -18.59
N PRO A 346 20.09 59.52 -19.78
CA PRO A 346 20.60 58.97 -21.04
C PRO A 346 22.11 58.93 -21.20
N SER A 347 22.84 59.81 -20.50
CA SER A 347 24.30 59.83 -20.43
C SER A 347 24.97 58.74 -19.53
N ASP A 348 24.19 58.12 -18.64
CA ASP A 348 24.68 57.12 -17.69
C ASP A 348 25.00 55.80 -18.42
N PRO A 349 26.28 55.32 -18.33
CA PRO A 349 26.59 54.02 -19.00
C PRO A 349 25.84 52.80 -18.50
N ALA A 350 25.34 52.83 -17.27
CA ALA A 350 24.48 51.75 -16.74
C ALA A 350 23.19 51.65 -17.58
N TRP A 351 22.56 52.82 -17.80
CA TRP A 351 21.34 52.92 -18.58
C TRP A 351 21.63 52.57 -20.04
N ARG A 352 22.63 53.23 -20.63
CA ARG A 352 23.05 53.01 -22.03
C ARG A 352 23.34 51.53 -22.34
N ALA A 353 24.08 50.85 -21.47
CA ALA A 353 24.34 49.41 -21.61
C ALA A 353 23.09 48.53 -21.55
N ALA A 354 22.21 48.82 -20.60
CA ALA A 354 20.96 48.10 -20.39
C ALA A 354 20.00 48.23 -21.60
N LEU A 355 19.85 49.44 -22.07
CA LEU A 355 19.08 49.76 -23.26
C LEU A 355 19.64 49.10 -24.52
N GLU A 356 20.94 49.13 -24.72
CA GLU A 356 21.59 48.53 -25.89
C GLU A 356 21.44 47.00 -25.96
N ASP A 357 21.64 46.36 -24.82
CA ASP A 357 21.41 44.90 -24.69
C ASP A 357 19.94 44.56 -24.95
N LEU A 358 19.02 45.39 -24.46
CA LEU A 358 17.58 45.21 -24.75
C LEU A 358 17.29 45.30 -26.25
N ARG A 359 17.81 46.35 -26.88
CA ARG A 359 17.73 46.53 -28.35
C ARG A 359 18.30 45.32 -29.12
N ASP A 360 19.47 44.84 -28.68
CA ASP A 360 20.13 43.69 -29.25
C ASP A 360 19.31 42.42 -29.06
N LEU A 361 18.74 42.27 -27.87
CA LEU A 361 17.82 41.16 -27.62
C LEU A 361 16.67 41.18 -28.62
N LYS A 362 16.03 42.33 -28.82
CA LYS A 362 14.99 42.55 -29.84
C LYS A 362 15.43 42.11 -31.24
N ARG A 363 16.57 42.63 -31.71
CA ARG A 363 17.11 42.28 -33.03
C ARG A 363 17.34 40.75 -33.20
N ARG A 364 17.84 40.10 -32.16
CA ARG A 364 18.15 38.66 -32.17
C ARG A 364 16.92 37.78 -32.18
N ILE A 365 15.90 38.15 -31.38
CA ILE A 365 14.60 37.50 -31.36
C ILE A 365 14.00 37.60 -32.75
N ASN A 366 14.02 38.80 -33.34
CA ASN A 366 13.50 39.03 -34.71
C ASN A 366 14.17 38.11 -35.73
N LYS A 367 15.49 38.03 -35.66
CA LYS A 367 16.33 37.18 -36.52
C LYS A 367 15.94 35.72 -36.40
N LEU A 368 15.87 35.22 -35.15
CA LEU A 368 15.44 33.88 -34.79
C LEU A 368 14.04 33.62 -35.32
N PHE A 369 13.09 34.49 -35.01
CA PHE A 369 11.71 34.35 -35.50
C PHE A 369 11.63 34.24 -37.02
N THR A 370 12.27 35.15 -37.73
CA THR A 370 12.25 35.14 -39.21
C THR A 370 12.81 33.82 -39.76
N LEU A 371 13.94 33.40 -39.22
CA LEU A 371 14.60 32.15 -39.65
C LEU A 371 13.78 30.91 -39.34
N MET A 372 13.09 30.88 -38.20
CA MET A 372 12.13 29.78 -37.85
C MET A 372 11.02 29.59 -38.88
N THR A 373 10.48 30.69 -39.42
CA THR A 373 9.47 30.63 -40.50
C THR A 373 10.01 29.90 -41.79
N GLU A 374 11.34 29.91 -41.97
CA GLU A 374 12.04 29.33 -43.10
C GLU A 374 12.56 27.87 -42.92
N ILE A 375 12.53 27.30 -41.69
CA ILE A 375 12.99 25.91 -41.47
C ILE A 375 12.11 24.82 -42.17
N GLU A 376 12.75 23.68 -42.49
CA GLU A 376 12.09 22.59 -43.19
C GLU A 376 11.04 21.89 -42.35
N ASN A 377 11.41 21.61 -41.10
CA ASN A 377 10.49 20.87 -40.16
C ASN A 377 9.40 21.81 -39.63
N ARG A 378 8.22 21.71 -40.24
CA ARG A 378 7.09 22.58 -39.91
C ARG A 378 6.46 22.27 -38.54
N ASP A 379 6.59 21.04 -38.05
CA ASP A 379 6.12 20.69 -36.70
C ASP A 379 6.92 21.42 -35.62
N LEU A 380 8.24 21.49 -35.81
CA LEU A 380 9.16 22.29 -34.92
C LEU A 380 8.83 23.75 -35.01
N PHE A 381 8.61 24.25 -36.23
CA PHE A 381 8.20 25.65 -36.42
C PHE A 381 6.90 25.97 -35.65
N HIS A 382 5.83 25.21 -35.91
CA HIS A 382 4.56 25.42 -35.21
C HIS A 382 4.63 25.14 -33.69
N THR A 383 5.56 24.31 -33.23
CA THR A 383 5.80 24.19 -31.77
C THR A 383 6.14 25.56 -31.12
N PHE A 384 7.05 26.31 -31.72
CA PHE A 384 7.55 27.58 -31.16
C PHE A 384 7.01 28.86 -31.75
N HIS A 385 6.32 28.79 -32.86
CA HIS A 385 5.73 29.97 -33.53
C HIS A 385 5.05 30.91 -32.56
N ASN A 386 3.99 30.44 -31.87
CA ASN A 386 3.22 31.33 -30.97
C ASN A 386 4.03 31.83 -29.75
N TYR A 387 4.82 30.95 -29.12
CA TYR A 387 5.67 31.34 -28.02
C TYR A 387 6.68 32.43 -28.40
N LEU A 388 7.24 32.31 -29.60
CA LEU A 388 8.17 33.28 -30.16
C LEU A 388 7.56 34.62 -30.50
N TRP A 389 6.41 34.64 -31.18
CA TRP A 389 5.57 35.81 -31.38
C TRP A 389 5.35 36.57 -30.09
N GLU A 390 4.93 35.84 -29.05
CA GLU A 390 4.60 36.45 -27.75
C GLU A 390 5.78 37.24 -27.16
N ALA A 391 6.94 36.61 -27.19
CA ALA A 391 8.21 37.13 -26.68
C ALA A 391 8.70 38.34 -27.46
N GLN A 392 8.63 38.22 -28.79
CA GLN A 392 8.86 39.33 -29.74
C GLN A 392 8.00 40.57 -29.47
N GLU A 393 6.71 40.36 -29.28
CA GLU A 393 5.78 41.44 -29.01
C GLU A 393 6.12 42.14 -27.68
N GLU A 394 6.39 41.35 -26.66
CA GLU A 394 6.71 41.88 -25.31
C GLU A 394 7.97 42.68 -25.34
N VAL A 395 9.01 42.08 -25.92
CA VAL A 395 10.31 42.79 -26.08
C VAL A 395 10.15 44.07 -26.88
N GLY A 396 9.38 44.04 -27.99
CA GLY A 396 9.13 45.27 -28.80
C GLY A 396 8.49 46.43 -28.05
N HIS A 397 7.46 46.11 -27.25
CA HIS A 397 6.79 47.11 -26.40
C HIS A 397 7.74 47.72 -25.28
N LEU A 398 8.53 46.87 -24.67
CA LEU A 398 9.54 47.29 -23.70
C LEU A 398 10.58 48.19 -24.33
N VAL A 399 11.08 47.79 -25.50
CA VAL A 399 12.00 48.64 -26.33
C VAL A 399 11.36 50.00 -26.65
N ALA A 400 10.07 50.02 -27.08
CA ALA A 400 9.37 51.32 -27.39
C ALA A 400 9.28 52.23 -26.16
N TYR A 401 9.01 51.63 -25.00
CA TYR A 401 8.97 52.37 -23.70
C TYR A 401 10.33 52.91 -23.28
N CYS A 402 11.32 52.04 -23.29
CA CYS A 402 12.71 52.41 -22.93
C CYS A 402 13.32 53.47 -23.93
N ASP A 403 13.07 53.28 -25.22
CA ASP A 403 13.36 54.31 -26.27
C ASP A 403 12.74 55.68 -25.97
N TRP A 404 11.48 55.72 -25.52
CA TRP A 404 10.84 57.01 -25.13
C TRP A 404 11.51 57.63 -23.91
N LEU A 405 11.84 56.81 -22.89
CA LEU A 405 12.66 57.30 -21.76
C LEU A 405 14.05 57.79 -22.18
N ASP A 406 14.62 57.20 -23.23
CA ASP A 406 15.95 57.63 -23.74
C ASP A 406 16.01 59.04 -24.37
N GLU A 407 14.86 59.56 -24.79
CA GLU A 407 14.67 60.99 -25.22
C GLU A 407 14.66 62.01 -24.08
N ALA A 408 14.69 61.53 -22.82
CA ALA A 408 14.62 62.37 -21.60
C ALA A 408 13.34 63.24 -21.55
N PRO A 409 12.16 62.60 -21.48
CA PRO A 409 10.88 63.35 -21.44
C PRO A 409 10.73 64.06 -20.08
N PRO A 410 9.94 65.15 -19.98
CA PRO A 410 9.75 65.82 -18.67
C PRO A 410 9.02 64.92 -17.65
N PRO A 411 9.22 65.14 -16.32
CA PRO A 411 8.61 64.24 -15.30
C PRO A 411 7.08 64.09 -15.37
N GLY A 412 6.38 65.17 -15.72
CA GLY A 412 4.92 65.13 -15.95
C GLY A 412 4.42 64.48 -17.23
N ALA A 413 5.27 64.37 -18.25
CA ALA A 413 4.90 63.70 -19.53
C ALA A 413 4.54 62.22 -19.35
N VAL A 414 3.53 61.75 -20.11
CA VAL A 414 3.05 60.38 -20.06
C VAL A 414 3.37 59.69 -21.39
N PHE A 415 3.87 58.46 -21.30
CA PHE A 415 4.19 57.59 -22.45
C PHE A 415 3.04 57.52 -23.48
N PRO A 416 3.32 57.88 -24.77
CA PRO A 416 2.27 57.86 -25.79
C PRO A 416 1.97 56.43 -26.27
N ALA A 417 1.26 55.68 -25.43
CA ALA A 417 0.98 54.25 -25.65
C ALA A 417 0.07 54.01 -26.85
N THR A 418 -0.91 54.89 -27.10
CA THR A 418 -1.86 54.71 -28.24
C THR A 418 -1.14 54.67 -29.60
N ASP A 419 -0.07 55.47 -29.77
CA ASP A 419 0.76 55.42 -31.01
C ASP A 419 1.81 54.32 -31.09
N ARG A 420 2.20 53.76 -29.94
CA ARG A 420 3.32 52.82 -29.82
C ARG A 420 2.93 51.35 -29.54
N ILE A 421 1.79 51.13 -28.88
CA ILE A 421 1.36 49.78 -28.39
C ILE A 421 -0.03 49.48 -28.92
N HIS A 422 -0.23 48.25 -29.41
CA HIS A 422 -1.51 47.93 -30.04
C HIS A 422 -2.60 47.97 -28.99
N ASN A 423 -3.78 48.44 -29.39
CA ASN A 423 -5.00 48.42 -28.58
C ASN A 423 -5.34 47.02 -27.96
N PHE A 424 -5.04 45.97 -28.71
CA PHE A 424 -5.37 44.57 -28.27
C PHE A 424 -4.41 43.96 -27.22
N TYR A 425 -3.31 44.65 -26.91
CA TYR A 425 -2.27 44.11 -26.04
C TYR A 425 -2.71 44.05 -24.57
N ARG A 426 -2.42 42.93 -23.93
CA ARG A 426 -2.67 42.72 -22.49
C ARG A 426 -4.09 43.04 -22.06
N ARG A 427 -5.02 42.27 -22.59
CA ARG A 427 -6.47 42.38 -22.31
C ARG A 427 -7.04 41.00 -22.04
N GLY A 428 -8.29 40.96 -21.57
CA GLY A 428 -9.01 39.72 -21.33
C GLY A 428 -9.18 39.24 -19.89
N PHE A 429 -9.64 37.98 -19.73
CA PHE A 429 -10.16 37.48 -18.44
C PHE A 429 -9.05 37.26 -17.40
N GLY A 430 -8.00 36.56 -17.81
CA GLY A 430 -6.81 36.37 -16.99
C GLY A 430 -6.15 37.70 -16.56
N VAL A 431 -5.97 38.66 -17.45
CA VAL A 431 -5.52 40.01 -17.02
C VAL A 431 -6.47 40.69 -16.01
N ALA A 432 -7.78 40.56 -16.20
CA ALA A 432 -8.82 41.14 -15.25
C ALA A 432 -8.66 40.55 -13.84
N VAL A 433 -8.43 39.23 -13.79
CA VAL A 433 -8.19 38.56 -12.50
C VAL A 433 -6.86 39.04 -11.87
N GLN A 434 -5.80 39.04 -12.67
CA GLN A 434 -4.50 39.53 -12.20
C GLN A 434 -4.50 41.02 -11.72
N ASP A 435 -5.36 41.86 -12.32
N ASP A 435 -5.36 41.86 -12.32
CA ASP A 435 -5.56 43.22 -11.86
CA ASP A 435 -5.56 43.22 -11.86
C ASP A 435 -6.08 43.30 -10.40
C ASP A 435 -6.08 43.30 -10.40
N ILE A 436 -6.90 42.31 -10.00
CA ILE A 436 -7.44 42.22 -8.63
C ILE A 436 -6.43 41.52 -7.72
N LEU A 437 -6.00 40.32 -8.13
CA LEU A 437 -5.03 39.52 -7.36
C LEU A 437 -3.62 39.90 -7.74
N GLN A 438 -3.14 40.99 -7.13
CA GLN A 438 -1.83 41.53 -7.40
C GLN A 438 -0.78 40.77 -6.63
N ARG A 439 0.45 40.87 -7.13
CA ARG A 439 1.61 40.23 -6.50
C ARG A 439 2.79 41.19 -6.62
N ASP A 440 3.43 41.45 -5.47
CA ASP A 440 4.51 42.43 -5.39
C ASP A 440 5.86 41.76 -5.70
N ARG A 441 6.92 42.56 -5.71
CA ARG A 441 8.27 42.13 -6.06
C ARG A 441 8.86 41.03 -5.16
N GLN A 442 8.50 41.04 -3.87
CA GLN A 442 8.95 39.99 -2.91
C GLN A 442 8.07 38.72 -2.93
N GLY A 443 7.05 38.69 -3.80
CA GLY A 443 6.19 37.52 -4.03
C GLY A 443 4.89 37.49 -3.23
N ARG A 444 4.56 38.56 -2.53
CA ARG A 444 3.42 38.60 -1.62
C ARG A 444 2.19 39.05 -2.38
N TYR A 445 1.07 38.36 -2.14
CA TYR A 445 -0.21 38.73 -2.75
C TYR A 445 -0.96 39.78 -1.96
N HIS A 446 -1.70 40.60 -2.70
CA HIS A 446 -2.41 41.77 -2.17
C HIS A 446 -3.40 42.25 -3.25
N HIS A 447 -4.19 43.25 -2.91
CA HIS A 447 -5.20 43.84 -3.85
C HIS A 447 -5.11 45.38 -3.92
N GLY A 448 -3.87 45.86 -3.98
CA GLY A 448 -3.52 47.29 -3.99
C GLY A 448 -3.88 48.03 -2.71
N VAL A 449 -3.49 47.45 -1.56
CA VAL A 449 -3.74 47.95 -0.19
C VAL A 449 -5.18 48.46 0.08
N MET B 3 -24.00 41.15 -52.23
CA MET B 3 -22.84 41.61 -51.42
C MET B 3 -21.98 40.39 -50.97
N LEU B 4 -20.65 40.51 -51.04
CA LEU B 4 -19.71 39.46 -50.56
C LEU B 4 -19.83 39.39 -49.04
N THR B 5 -20.22 38.22 -48.49
CA THR B 5 -20.30 38.03 -47.05
C THR B 5 -19.73 36.68 -46.70
N GLY B 6 -18.89 36.66 -45.66
CA GLY B 6 -18.40 35.38 -45.14
C GLY B 6 -17.13 35.47 -44.33
N VAL B 7 -16.24 34.51 -44.56
CA VAL B 7 -15.09 34.31 -43.72
C VAL B 7 -13.82 34.29 -44.58
N ILE B 8 -12.74 34.87 -44.04
CA ILE B 8 -11.40 34.64 -44.55
C ILE B 8 -10.63 33.75 -43.57
N GLU B 9 -10.03 32.68 -44.11
CA GLU B 9 -8.93 31.95 -43.44
C GLU B 9 -7.64 32.71 -43.66
N GLY B 10 -7.35 33.62 -42.75
CA GLY B 10 -6.31 34.67 -42.95
C GLY B 10 -5.51 35.02 -41.72
N PHE B 11 -5.36 34.06 -40.82
CA PHE B 11 -4.67 34.28 -39.52
C PHE B 11 -3.28 33.66 -39.55
N TYR B 12 -2.41 34.12 -38.66
CA TYR B 12 -1.09 33.53 -38.37
C TYR B 12 -1.20 32.29 -37.45
N GLY B 13 -0.95 31.13 -38.03
CA GLY B 13 -0.76 29.84 -37.32
C GLY B 13 -1.00 28.69 -38.27
N ARG B 14 -1.32 27.50 -37.73
CA ARG B 14 -1.56 26.34 -38.59
C ARG B 14 -2.87 26.55 -39.38
N ASP B 15 -2.86 26.17 -40.66
CA ASP B 15 -4.06 26.26 -41.50
C ASP B 15 -5.04 25.14 -41.11
N TRP B 16 -6.30 25.36 -41.47
CA TRP B 16 -7.38 24.37 -41.22
C TRP B 16 -7.21 23.12 -42.07
N ARG B 17 -7.66 21.99 -41.51
CA ARG B 17 -7.80 20.72 -42.23
C ARG B 17 -9.01 20.75 -43.20
N ARG B 18 -9.02 19.86 -44.18
CA ARG B 18 -10.13 19.77 -45.18
C ARG B 18 -11.53 19.71 -44.52
N ASP B 19 -11.65 18.85 -43.52
CA ASP B 19 -12.89 18.70 -42.73
C ASP B 19 -13.31 19.93 -41.93
N GLU B 20 -12.33 20.65 -41.40
CA GLU B 20 -12.57 21.92 -40.66
C GLU B 20 -13.09 22.99 -41.61
N ARG B 21 -12.44 23.14 -42.77
CA ARG B 21 -12.94 24.02 -43.84
C ARG B 21 -14.39 23.66 -44.25
N ALA B 22 -14.66 22.38 -44.40
CA ALA B 22 -16.07 21.90 -44.64
C ALA B 22 -17.06 22.32 -43.53
N THR B 23 -16.70 22.11 -42.27
CA THR B 23 -17.53 22.52 -41.12
C THR B 23 -17.79 24.03 -41.11
N VAL B 24 -16.75 24.79 -41.36
CA VAL B 24 -16.84 26.26 -41.39
C VAL B 24 -17.75 26.72 -42.54
N MET B 25 -17.58 26.13 -43.73
CA MET B 25 -18.44 26.42 -44.88
C MET B 25 -19.91 26.10 -44.58
N ASP B 26 -20.18 24.98 -43.89
CA ASP B 26 -21.56 24.63 -43.43
C ASP B 26 -22.17 25.79 -42.60
N TRP B 27 -21.39 26.29 -41.66
CA TRP B 27 -21.77 27.38 -40.75
C TRP B 27 -21.97 28.73 -41.48
N ILE B 28 -21.08 29.01 -42.42
CA ILE B 28 -21.23 30.17 -43.30
C ILE B 28 -22.59 30.13 -44.03
N ALA B 29 -22.87 28.98 -44.65
CA ALA B 29 -24.10 28.77 -45.44
C ALA B 29 -25.34 28.86 -44.56
N ALA B 30 -25.32 28.18 -43.41
CA ALA B 30 -26.41 28.20 -42.41
C ALA B 30 -26.71 29.59 -41.87
N ALA B 31 -25.68 30.44 -41.77
CA ALA B 31 -25.80 31.83 -41.29
C ALA B 31 -26.24 32.87 -42.34
N GLY B 32 -26.55 32.42 -43.56
CA GLY B 32 -27.02 33.29 -44.63
C GLY B 32 -25.91 33.99 -45.43
N MET B 33 -24.66 33.65 -45.20
CA MET B 33 -23.52 34.24 -45.91
C MET B 33 -23.13 33.42 -47.14
N ASN B 34 -22.24 33.94 -47.98
CA ASN B 34 -21.99 33.36 -49.34
C ASN B 34 -20.55 33.23 -49.81
N THR B 35 -19.55 33.49 -48.95
CA THR B 35 -18.14 33.58 -49.37
C THR B 35 -17.21 32.84 -48.41
N TYR B 36 -16.24 32.15 -48.99
CA TYR B 36 -15.07 31.65 -48.28
C TYR B 36 -13.84 32.16 -49.02
N ILE B 37 -12.94 32.82 -48.27
CA ILE B 37 -11.63 33.30 -48.78
C ILE B 37 -10.51 32.42 -48.21
N TYR B 38 -9.78 31.77 -49.11
CA TYR B 38 -8.60 30.99 -48.76
C TYR B 38 -7.37 31.93 -48.76
N GLY B 39 -6.81 32.20 -47.58
CA GLY B 39 -5.54 32.96 -47.47
C GLY B 39 -4.67 32.74 -46.25
N PRO B 40 -4.48 31.44 -45.85
CA PRO B 40 -3.77 31.19 -44.61
C PRO B 40 -2.28 31.53 -44.79
N LYS B 41 -1.72 32.18 -43.79
CA LYS B 41 -0.27 32.52 -43.74
C LYS B 41 0.66 31.28 -43.78
N ASP B 42 0.16 30.10 -43.38
CA ASP B 42 0.88 28.79 -43.47
C ASP B 42 1.14 28.26 -44.90
N ASP B 43 0.47 28.80 -45.95
CA ASP B 43 0.67 28.37 -47.35
C ASP B 43 1.85 29.12 -48.00
N VAL B 44 2.91 28.38 -48.30
CA VAL B 44 4.14 28.96 -48.88
C VAL B 44 3.91 29.70 -50.22
N HIS B 45 2.99 29.19 -51.06
CA HIS B 45 2.69 29.78 -52.37
C HIS B 45 1.96 31.13 -52.33
N VAL B 46 1.24 31.41 -51.23
CA VAL B 46 0.54 32.68 -51.02
C VAL B 46 1.55 33.81 -50.95
N ARG B 47 2.47 33.71 -49.99
CA ARG B 47 3.39 34.81 -49.64
C ARG B 47 4.88 34.50 -49.79
N ALA B 48 5.37 33.52 -49.03
CA ALA B 48 6.80 33.25 -48.86
C ALA B 48 7.53 32.99 -50.19
N ARG B 49 6.96 32.09 -50.99
CA ARG B 49 7.45 31.73 -52.31
C ARG B 49 6.38 32.01 -53.37
N TRP B 50 5.84 33.23 -53.35
CA TRP B 50 4.80 33.70 -54.31
C TRP B 50 5.11 33.52 -55.80
N ARG B 51 6.38 33.52 -56.17
CA ARG B 51 6.80 33.22 -57.55
C ARG B 51 6.53 31.79 -58.06
N VAL B 52 6.39 30.82 -57.14
CA VAL B 52 6.33 29.39 -57.47
C VAL B 52 4.86 28.95 -57.67
N PRO B 53 4.52 28.40 -58.86
CA PRO B 53 3.15 27.85 -59.04
C PRO B 53 2.88 26.60 -58.20
N TYR B 54 1.60 26.34 -57.97
CA TYR B 54 1.14 25.11 -57.30
C TYR B 54 1.48 23.88 -58.15
N ASP B 55 1.84 22.78 -57.50
CA ASP B 55 1.85 21.46 -58.16
C ASP B 55 0.38 20.98 -58.34
N ALA B 56 0.21 19.86 -59.04
CA ALA B 56 -1.11 19.29 -59.36
C ALA B 56 -1.98 19.04 -58.12
N ALA B 57 -1.38 18.49 -57.08
CA ALA B 57 -2.07 18.22 -55.82
C ALA B 57 -2.59 19.48 -55.11
N GLY B 58 -1.72 20.49 -55.01
CA GLY B 58 -2.08 21.80 -54.44
C GLY B 58 -3.21 22.49 -55.19
N LEU B 59 -3.17 22.46 -56.52
CA LEU B 59 -4.26 23.02 -57.33
C LEU B 59 -5.57 22.18 -57.22
N ALA B 60 -5.43 20.87 -57.11
CA ALA B 60 -6.57 19.96 -56.94
C ALA B 60 -7.33 20.22 -55.63
N ARG B 61 -6.62 20.42 -54.53
CA ARG B 61 -7.23 20.80 -53.24
C ARG B 61 -8.02 22.11 -53.37
N LEU B 62 -7.47 23.08 -54.10
CA LEU B 62 -8.17 24.36 -54.35
C LEU B 62 -9.46 24.24 -55.15
N THR B 63 -9.44 23.45 -56.23
CA THR B 63 -10.66 23.21 -57.05
C THR B 63 -11.74 22.42 -56.26
N GLU B 64 -11.30 21.42 -55.50
CA GLU B 64 -12.16 20.71 -54.50
C GLU B 64 -12.86 21.67 -53.52
N LEU B 65 -12.10 22.62 -52.98
CA LEU B 65 -12.64 23.69 -52.11
C LEU B 65 -13.66 24.60 -52.81
N ARG B 66 -13.33 24.99 -54.03
CA ARG B 66 -14.25 25.75 -54.87
C ARG B 66 -15.54 24.94 -55.08
N ASP B 67 -15.41 23.65 -55.42
CA ASP B 67 -16.59 22.78 -55.61
C ASP B 67 -17.44 22.62 -54.33
N ALA B 68 -16.76 22.46 -53.19
CA ALA B 68 -17.40 22.36 -51.87
C ALA B 68 -18.15 23.62 -51.50
N ALA B 69 -17.55 24.79 -51.76
CA ALA B 69 -18.26 26.07 -51.64
C ALA B 69 -19.51 26.19 -52.57
N ALA B 70 -19.31 25.87 -53.86
CA ALA B 70 -20.36 25.82 -54.90
C ALA B 70 -21.57 24.98 -54.49
N ALA B 71 -21.34 23.79 -53.94
CA ALA B 71 -22.40 22.89 -53.46
C ALA B 71 -23.28 23.51 -52.38
N ARG B 72 -22.68 24.40 -51.57
CA ARG B 72 -23.37 25.18 -50.53
C ARG B 72 -23.91 26.55 -51.01
N GLY B 73 -23.96 26.78 -52.31
CA GLY B 73 -24.34 28.08 -52.90
C GLY B 73 -23.37 29.21 -52.55
N MET B 74 -22.08 28.86 -52.41
CA MET B 74 -21.03 29.85 -52.01
C MET B 74 -19.93 30.07 -53.08
N VAL B 75 -19.32 31.26 -53.00
CA VAL B 75 -18.17 31.60 -53.83
C VAL B 75 -16.88 31.34 -53.03
N PHE B 76 -15.81 31.02 -53.75
CA PHE B 76 -14.47 30.71 -53.22
C PHE B 76 -13.38 31.62 -53.81
N TYR B 77 -12.60 32.28 -52.96
CA TYR B 77 -11.48 33.16 -53.38
C TYR B 77 -10.12 32.54 -52.99
N VAL B 78 -9.08 32.83 -53.79
CA VAL B 78 -7.70 32.42 -53.54
C VAL B 78 -6.79 33.65 -53.43
N SER B 79 -6.00 33.68 -52.38
CA SER B 79 -5.11 34.79 -52.06
C SER B 79 -3.72 34.65 -52.68
N LEU B 80 -3.12 35.80 -53.00
CA LEU B 80 -1.73 35.93 -53.44
C LEU B 80 -1.15 37.19 -52.79
N ALA B 81 0.10 37.09 -52.32
CA ALA B 81 0.80 38.22 -51.69
C ALA B 81 2.16 38.42 -52.38
N PRO B 82 2.18 39.10 -53.55
CA PRO B 82 3.42 39.42 -54.26
C PRO B 82 3.96 40.78 -53.81
N CYS B 83 4.35 40.86 -52.53
CA CYS B 83 4.83 42.09 -51.88
C CYS B 83 6.13 41.97 -51.05
N LEU B 84 6.73 40.78 -50.93
CA LEU B 84 7.81 40.51 -49.95
C LEU B 84 9.15 41.07 -50.42
N ASP B 85 9.57 40.64 -51.61
CA ASP B 85 10.76 41.19 -52.30
C ASP B 85 10.43 41.42 -53.78
N VAL B 86 9.25 42.01 -54.04
CA VAL B 86 8.79 42.32 -55.40
C VAL B 86 9.48 43.60 -55.88
N THR B 87 9.93 43.59 -57.13
CA THR B 87 10.25 44.80 -57.89
C THR B 87 9.04 45.00 -58.80
N TYR B 88 8.22 46.00 -58.47
CA TYR B 88 6.93 46.23 -59.14
C TYR B 88 7.02 46.43 -60.68
N SER B 89 8.12 47.03 -61.17
CA SER B 89 8.37 47.27 -62.63
C SER B 89 9.12 46.16 -63.42
N ASP B 90 9.58 45.11 -62.74
CA ASP B 90 10.51 44.13 -63.32
C ASP B 90 9.74 43.16 -64.20
N ASP B 93 9.44 39.41 -62.64
CA ASP B 93 8.50 39.45 -61.51
C ASP B 93 7.04 39.60 -61.93
N ARG B 94 6.76 40.51 -62.87
CA ARG B 94 5.41 40.67 -63.48
C ARG B 94 4.92 39.43 -64.18
N ALA B 95 5.82 38.81 -64.95
CA ALA B 95 5.56 37.55 -65.65
C ALA B 95 5.30 36.38 -64.69
N ALA B 96 6.09 36.33 -63.61
CA ALA B 96 5.93 35.31 -62.57
C ALA B 96 4.56 35.41 -61.87
N LEU B 97 4.15 36.64 -61.51
CA LEU B 97 2.78 36.92 -61.05
C LEU B 97 1.71 36.57 -62.09
N LEU B 98 1.94 36.90 -63.36
CA LEU B 98 0.99 36.55 -64.44
C LEU B 98 0.83 35.04 -64.59
N ALA B 99 1.91 34.28 -64.42
CA ALA B 99 1.88 32.81 -64.48
C ALA B 99 1.02 32.20 -63.35
N ARG B 100 1.20 32.71 -62.14
CA ARG B 100 0.41 32.33 -60.96
C ARG B 100 -1.08 32.53 -61.22
N VAL B 101 -1.44 33.72 -61.73
CA VAL B 101 -2.82 34.09 -62.12
C VAL B 101 -3.33 33.20 -63.27
N ASP B 102 -2.47 32.92 -64.26
CA ASP B 102 -2.83 32.06 -65.41
C ASP B 102 -3.18 30.63 -64.99
N GLN B 103 -2.37 30.06 -64.08
CA GLN B 103 -2.62 28.71 -63.51
C GLN B 103 -4.00 28.62 -62.85
N LEU B 104 -4.23 29.52 -61.90
CA LEU B 104 -5.50 29.63 -61.18
C LEU B 104 -6.68 29.85 -62.15
N ALA B 105 -6.49 30.76 -63.10
CA ALA B 105 -7.50 31.08 -64.11
C ALA B 105 -7.85 29.89 -65.02
N ARG B 106 -6.84 29.21 -65.56
CA ARG B 106 -7.02 27.99 -66.37
C ARG B 106 -7.63 26.80 -65.60
N ALA B 107 -7.45 26.78 -64.27
CA ALA B 107 -8.11 25.80 -63.39
C ALA B 107 -9.53 26.20 -62.92
N GLY B 108 -10.03 27.36 -63.37
CA GLY B 108 -11.35 27.89 -63.01
C GLY B 108 -11.44 28.60 -61.66
N LEU B 109 -10.36 29.26 -61.23
CA LEU B 109 -10.29 30.01 -59.98
C LEU B 109 -9.92 31.43 -60.35
N ARG B 110 -10.95 32.24 -60.58
CA ARG B 110 -10.82 33.61 -61.10
C ARG B 110 -11.25 34.65 -60.06
N ASN B 111 -11.44 34.22 -58.80
CA ASN B 111 -11.80 35.10 -57.70
C ASN B 111 -10.53 35.17 -56.86
N LEU B 112 -9.90 36.35 -56.87
CA LEU B 112 -8.54 36.52 -56.35
C LEU B 112 -8.51 37.62 -55.30
N VAL B 113 -7.72 37.41 -54.25
CA VAL B 113 -7.32 38.45 -53.32
C VAL B 113 -5.83 38.72 -53.55
N LEU B 114 -5.49 39.98 -53.86
CA LEU B 114 -4.11 40.44 -53.94
C LEU B 114 -3.76 41.20 -52.68
N LEU B 115 -2.74 40.72 -51.94
CA LEU B 115 -2.33 41.35 -50.67
C LEU B 115 -1.03 42.14 -50.79
N PHE B 116 -1.02 43.34 -50.17
CA PHE B 116 0.12 44.25 -50.20
C PHE B 116 0.40 44.86 -48.81
N ASP B 117 0.16 44.03 -47.80
CA ASP B 117 0.12 44.44 -46.39
C ASP B 117 1.49 44.52 -45.72
N ASP B 118 2.54 43.94 -46.32
CA ASP B 118 3.89 43.96 -45.77
C ASP B 118 4.91 44.22 -46.89
N ILE B 119 5.55 45.40 -46.86
CA ILE B 119 6.50 45.87 -47.90
C ILE B 119 7.84 46.27 -47.29
N ALA B 135 1.76 53.17 -53.64
CA ALA B 135 0.37 53.04 -54.10
C ALA B 135 0.25 52.86 -55.61
N GLU B 136 0.95 53.70 -56.38
CA GLU B 136 0.98 53.67 -57.87
C GLU B 136 1.53 52.35 -58.42
N ALA B 137 2.61 51.86 -57.81
CA ALA B 137 3.26 50.61 -58.19
C ALA B 137 2.36 49.39 -57.94
N GLN B 138 1.81 49.30 -56.73
CA GLN B 138 0.85 48.23 -56.36
C GLN B 138 -0.41 48.25 -57.25
N ALA B 139 -0.96 49.45 -57.48
CA ALA B 139 -2.12 49.69 -58.38
C ALA B 139 -1.89 49.16 -59.79
N ASP B 140 -0.76 49.51 -60.36
CA ASP B 140 -0.40 49.04 -61.70
C ASP B 140 -0.29 47.51 -61.79
N LEU B 141 0.40 46.92 -60.82
CA LEU B 141 0.53 45.45 -60.70
C LEU B 141 -0.83 44.73 -60.58
N SER B 142 -1.73 45.30 -59.80
CA SER B 142 -3.08 44.77 -59.64
C SER B 142 -3.95 44.91 -60.89
N ASN B 143 -3.89 46.08 -61.53
CA ASN B 143 -4.59 46.34 -62.80
C ASN B 143 -4.18 45.36 -63.92
N MET B 144 -2.88 45.05 -64.01
CA MET B 144 -2.33 43.98 -64.86
C MET B 144 -3.03 42.63 -64.62
N VAL B 145 -3.17 42.24 -63.33
CA VAL B 145 -3.86 41.00 -62.96
C VAL B 145 -5.32 41.03 -63.41
N LEU B 146 -6.03 42.12 -63.10
CA LEU B 146 -7.44 42.32 -63.53
C LEU B 146 -7.61 42.20 -65.05
N ARG B 147 -6.74 42.86 -65.80
CA ARG B 147 -6.77 42.83 -67.28
C ARG B 147 -6.49 41.43 -67.85
N HIS B 148 -5.63 40.63 -67.20
CA HIS B 148 -5.39 39.24 -67.58
C HIS B 148 -6.64 38.34 -67.47
N LEU B 149 -7.51 38.64 -66.51
CA LEU B 149 -8.78 37.89 -66.33
C LEU B 149 -9.88 38.14 -67.40
N ARG B 150 -9.71 39.18 -68.21
CA ARG B 150 -10.54 39.47 -69.41
C ARG B 150 -12.04 39.69 -69.10
N GLY B 151 -12.31 40.42 -68.02
CA GLY B 151 -13.66 40.70 -67.52
C GLY B 151 -14.40 39.59 -66.78
N ALA B 152 -13.71 38.50 -66.43
CA ALA B 152 -14.33 37.33 -65.77
C ALA B 152 -13.79 37.19 -64.34
N GLY B 153 -14.67 36.91 -63.39
CA GLY B 153 -14.28 36.83 -61.98
C GLY B 153 -14.09 38.21 -61.35
N HIS B 154 -13.29 38.27 -60.28
CA HIS B 154 -13.31 39.41 -59.36
C HIS B 154 -12.00 39.49 -58.57
N VAL B 155 -11.49 40.71 -58.39
CA VAL B 155 -10.24 40.99 -57.69
C VAL B 155 -10.56 41.87 -56.49
N VAL B 156 -10.10 41.45 -55.31
CA VAL B 156 -10.15 42.27 -54.08
C VAL B 156 -8.70 42.53 -53.61
N PHE B 157 -8.45 43.79 -53.26
CA PHE B 157 -7.10 44.32 -53.01
C PHE B 157 -6.98 44.56 -51.52
N CYS B 158 -5.97 43.98 -50.87
CA CYS B 158 -5.68 44.31 -49.49
C CYS B 158 -4.57 45.36 -49.46
N PRO B 159 -4.89 46.60 -49.01
CA PRO B 159 -3.87 47.66 -49.02
C PRO B 159 -2.83 47.54 -47.91
N THR B 160 -1.74 48.28 -48.08
CA THR B 160 -0.63 48.34 -47.11
C THR B 160 -1.04 49.06 -45.83
N GLU B 161 -1.72 50.19 -46.00
CA GLU B 161 -2.46 50.88 -44.96
C GLU B 161 -3.94 50.44 -45.05
N TYR B 162 -4.34 49.49 -44.21
CA TYR B 162 -5.70 48.92 -44.25
C TYR B 162 -6.55 49.28 -43.03
N CYS B 163 -6.07 50.19 -42.20
CA CYS B 163 -6.82 50.70 -41.07
C CYS B 163 -6.52 52.18 -40.85
N GLY B 164 -7.41 52.84 -40.11
CA GLY B 164 -7.27 54.26 -39.74
C GLY B 164 -5.94 54.69 -39.17
N ARG B 165 -5.44 53.95 -38.18
CA ARG B 165 -4.14 54.17 -37.56
C ARG B 165 -2.98 54.17 -38.56
N MET B 166 -2.95 53.20 -39.48
CA MET B 166 -1.94 53.12 -40.54
C MET B 166 -2.06 54.30 -41.53
N ALA B 167 -3.29 54.72 -41.82
CA ALA B 167 -3.58 55.90 -42.63
C ALA B 167 -3.40 57.27 -41.94
N GLY B 168 -3.24 57.26 -40.62
CA GLY B 168 -2.87 58.42 -39.81
C GLY B 168 -4.02 59.09 -39.05
N GLY B 169 -5.19 58.44 -38.99
CA GLY B 169 -6.36 58.88 -38.23
C GLY B 169 -7.55 59.02 -39.16
N ASP B 170 -7.66 60.19 -39.79
CA ASP B 170 -8.67 60.46 -40.84
C ASP B 170 -8.05 59.88 -42.12
N PRO B 171 -8.66 58.81 -42.72
CA PRO B 171 -8.10 58.20 -43.94
C PRO B 171 -7.95 59.13 -45.15
N ARG B 172 -8.73 60.21 -45.19
CA ARG B 172 -8.63 61.22 -46.25
C ARG B 172 -7.33 62.03 -46.21
N GLY B 173 -6.64 62.05 -45.06
CA GLY B 173 -5.29 62.59 -44.95
C GLY B 173 -4.12 61.71 -45.40
N SER B 174 -4.38 60.46 -45.84
CA SER B 174 -3.33 59.55 -46.33
C SER B 174 -3.00 59.75 -47.81
N ALA B 175 -1.76 60.16 -48.10
CA ALA B 175 -1.17 60.23 -49.44
C ALA B 175 -1.27 58.90 -50.19
N TYR B 176 -0.99 57.81 -49.49
CA TYR B 176 -1.16 56.43 -49.98
C TYR B 176 -2.59 56.12 -50.48
N LEU B 177 -3.59 56.34 -49.64
CA LEU B 177 -4.99 56.02 -49.98
C LEU B 177 -5.57 56.92 -51.07
N GLN B 178 -5.21 58.21 -50.98
CA GLN B 178 -5.49 59.19 -52.05
C GLN B 178 -4.99 58.72 -53.44
N ARG B 179 -3.72 58.33 -53.52
CA ARG B 179 -3.16 57.80 -54.76
C ARG B 179 -3.77 56.45 -55.13
N LEU B 180 -3.91 55.53 -54.16
CA LEU B 180 -4.59 54.23 -54.36
C LEU B 180 -6.02 54.33 -54.93
N GLY B 181 -6.88 55.10 -54.26
CA GLY B 181 -8.27 55.35 -54.68
C GLY B 181 -8.45 55.91 -56.09
N SER B 182 -7.51 56.75 -56.51
CA SER B 182 -7.52 57.33 -57.86
C SER B 182 -6.88 56.42 -58.95
N THR B 183 -6.00 55.49 -58.56
CA THR B 183 -5.14 54.69 -59.50
C THR B 183 -5.57 53.23 -59.68
N LEU B 184 -6.02 52.56 -58.61
CA LEU B 184 -6.56 51.19 -58.68
C LEU B 184 -7.85 51.18 -59.54
N ASP B 185 -7.93 50.25 -60.50
CA ASP B 185 -9.09 50.09 -61.41
C ASP B 185 -10.42 50.09 -60.62
N PRO B 186 -11.45 50.79 -61.11
CA PRO B 186 -12.77 50.78 -60.44
C PRO B 186 -13.47 49.45 -60.16
N ALA B 187 -13.19 48.42 -60.97
CA ALA B 187 -13.73 47.07 -60.80
C ALA B 187 -13.16 46.32 -59.56
N ILE B 188 -11.99 46.75 -59.07
CA ILE B 188 -11.28 46.10 -57.98
C ILE B 188 -11.81 46.67 -56.64
N ASP B 189 -12.30 45.80 -55.76
CA ASP B 189 -12.73 46.21 -54.42
C ASP B 189 -11.52 46.27 -53.48
N ILE B 190 -11.66 47.01 -52.38
CA ILE B 190 -10.57 47.22 -51.41
C ILE B 190 -11.01 46.86 -49.99
N PHE B 191 -10.15 46.08 -49.30
CA PHE B 191 -10.33 45.71 -47.91
C PHE B 191 -10.02 46.87 -46.94
N TRP B 192 -10.66 46.84 -45.78
CA TRP B 192 -10.50 47.87 -44.76
C TRP B 192 -10.89 47.23 -43.42
N THR B 193 -10.05 47.38 -42.39
CA THR B 193 -10.31 46.74 -41.06
C THR B 193 -10.98 47.65 -40.00
N GLY B 194 -11.25 48.92 -40.38
CA GLY B 194 -11.84 49.96 -39.52
C GLY B 194 -10.74 50.89 -39.02
N PRO B 195 -10.95 51.61 -37.88
CA PRO B 195 -9.88 52.49 -37.35
C PRO B 195 -8.57 51.81 -36.86
N GLU B 196 -8.64 50.52 -36.54
CA GLU B 196 -7.49 49.71 -36.06
C GLU B 196 -7.47 48.36 -36.76
N ILE B 197 -6.39 47.59 -36.59
CA ILE B 197 -6.32 46.21 -37.12
C ILE B 197 -7.48 45.40 -36.51
N VAL B 198 -7.65 45.53 -35.19
CA VAL B 198 -8.75 44.96 -34.44
C VAL B 198 -9.53 46.15 -33.88
N SER B 199 -10.64 46.51 -34.56
CA SER B 199 -11.43 47.67 -34.21
C SER B 199 -12.43 47.38 -33.08
N GLU B 200 -12.40 48.21 -32.05
CA GLU B 200 -13.38 48.15 -30.95
C GLU B 200 -14.77 48.57 -31.43
N GLU B 201 -14.78 49.64 -32.24
CA GLU B 201 -15.96 50.15 -32.92
C GLU B 201 -15.63 50.51 -34.38
N ILE B 202 -16.60 50.28 -35.25
CA ILE B 202 -16.59 50.73 -36.64
C ILE B 202 -17.85 51.59 -36.81
N VAL B 203 -17.66 52.90 -37.00
CA VAL B 203 -18.78 53.86 -37.03
C VAL B 203 -18.98 54.46 -38.41
N ALA B 204 -20.21 54.90 -38.64
CA ALA B 204 -20.70 55.39 -39.94
C ALA B 204 -19.88 56.55 -40.52
N ALA B 205 -19.59 57.58 -39.70
CA ALA B 205 -18.72 58.69 -40.14
C ALA B 205 -17.33 58.27 -40.60
N HIS B 206 -16.76 57.24 -39.94
CA HIS B 206 -15.45 56.66 -40.32
C HIS B 206 -15.52 56.07 -41.71
N LEU B 207 -16.49 55.16 -41.91
CA LEU B 207 -16.64 54.48 -43.21
C LEU B 207 -17.03 55.38 -44.38
N ALA B 208 -17.79 56.43 -44.10
CA ALA B 208 -18.05 57.50 -45.08
C ALA B 208 -16.76 58.22 -45.53
N ALA B 209 -15.87 58.53 -44.59
CA ALA B 209 -14.54 59.08 -44.90
C ALA B 209 -13.64 58.12 -45.70
N VAL B 210 -13.68 56.83 -45.35
CA VAL B 210 -12.95 55.78 -46.08
C VAL B 210 -13.42 55.68 -47.54
N GLY B 211 -14.73 55.66 -47.74
CA GLY B 211 -15.33 55.62 -49.06
C GLY B 211 -14.96 56.82 -49.96
N GLU B 212 -14.89 58.00 -49.34
CA GLU B 212 -14.39 59.23 -50.00
C GLU B 212 -12.96 59.09 -50.56
N VAL B 213 -12.01 58.67 -49.73
CA VAL B 213 -10.60 58.56 -50.15
C VAL B 213 -10.35 57.37 -51.13
N LEU B 214 -10.94 56.20 -50.83
CA LEU B 214 -10.91 55.04 -51.73
C LEU B 214 -11.72 55.17 -53.03
N ARG B 215 -12.67 56.12 -53.08
CA ARG B 215 -13.53 56.37 -54.26
C ARG B 215 -14.45 55.16 -54.57
N ARG B 216 -14.83 54.45 -53.49
CA ARG B 216 -15.65 53.24 -53.54
C ARG B 216 -15.95 52.80 -52.10
N ARG B 217 -17.11 52.19 -51.88
CA ARG B 217 -17.44 51.54 -50.59
C ARG B 217 -16.45 50.39 -50.31
N PRO B 218 -15.79 50.37 -49.13
CA PRO B 218 -14.84 49.30 -48.80
C PRO B 218 -15.51 47.94 -48.53
N VAL B 219 -14.77 46.88 -48.78
CA VAL B 219 -15.15 45.56 -48.25
C VAL B 219 -14.52 45.50 -46.87
N ILE B 220 -15.33 45.30 -45.84
CA ILE B 220 -14.81 45.08 -44.48
C ILE B 220 -14.14 43.72 -44.37
N TRP B 221 -12.93 43.75 -43.81
CA TRP B 221 -12.19 42.64 -43.22
C TRP B 221 -12.18 42.92 -41.70
N ASP B 222 -13.05 42.25 -40.98
CA ASP B 222 -13.25 42.47 -39.56
C ASP B 222 -12.32 41.46 -38.82
N ASN B 223 -11.50 41.98 -37.92
CA ASN B 223 -10.70 41.16 -37.00
C ASN B 223 -11.22 41.07 -35.58
N PHE B 224 -12.44 41.48 -35.34
CA PHE B 224 -13.07 41.46 -34.00
C PHE B 224 -12.93 40.08 -33.31
N HIS B 225 -13.22 39.00 -34.04
CA HIS B 225 -13.07 37.61 -33.50
C HIS B 225 -11.69 36.90 -33.64
N ALA B 226 -10.71 37.60 -34.22
CA ALA B 226 -9.36 37.04 -34.37
C ALA B 226 -8.69 36.89 -33.03
N ASN B 227 -7.98 35.80 -32.88
CA ASN B 227 -7.19 35.54 -31.66
C ASN B 227 -5.72 35.22 -31.92
N ASP B 228 -5.21 35.41 -33.15
CA ASP B 228 -3.80 35.12 -33.39
C ASP B 228 -2.82 36.11 -32.69
N TYR B 229 -3.30 37.26 -32.22
CA TYR B 229 -2.44 38.20 -31.45
C TYR B 229 -2.14 37.86 -29.97
N ASP B 230 -2.86 36.93 -29.38
CA ASP B 230 -2.76 36.58 -27.97
C ASP B 230 -3.01 35.07 -27.76
N ILE B 231 -1.92 34.37 -27.39
CA ILE B 231 -1.90 32.96 -27.02
C ILE B 231 -2.93 32.59 -25.90
N ARG B 232 -3.29 33.58 -25.08
CA ARG B 232 -4.18 33.42 -23.92
C ARG B 232 -5.69 33.47 -24.18
N ARG B 233 -6.08 33.82 -25.41
CA ARG B 233 -7.43 34.33 -25.69
C ARG B 233 -8.12 33.64 -26.85
N VAL B 234 -9.45 33.55 -26.74
CA VAL B 234 -10.33 33.03 -27.79
C VAL B 234 -11.67 33.79 -27.62
N PHE B 235 -12.41 33.97 -28.70
CA PHE B 235 -13.57 34.87 -28.72
C PHE B 235 -14.81 34.15 -29.18
N ALA B 236 -15.58 33.69 -28.19
CA ALA B 236 -16.81 33.00 -28.37
C ALA B 236 -18.02 33.85 -28.08
N GLY B 237 -17.83 35.15 -27.82
CA GLY B 237 -18.94 36.08 -27.68
C GLY B 237 -19.52 36.60 -29.01
N PRO B 238 -20.58 37.43 -28.91
CA PRO B 238 -21.21 37.94 -30.12
C PRO B 238 -20.41 39.05 -30.79
N LEU B 239 -20.66 39.27 -32.08
CA LEU B 239 -20.10 40.47 -32.73
C LEU B 239 -20.68 41.71 -32.03
N GLY B 240 -19.82 42.67 -31.70
CA GLY B 240 -20.22 43.93 -31.02
C GLY B 240 -19.43 45.12 -31.54
N GLY B 241 -19.94 46.31 -31.25
CA GLY B 241 -19.30 47.55 -31.67
C GLY B 241 -19.55 48.06 -33.10
N ARG B 242 -20.38 47.35 -33.88
CA ARG B 242 -20.81 47.78 -35.22
C ARG B 242 -22.32 47.85 -35.25
N SER B 243 -22.82 49.07 -35.40
CA SER B 243 -24.23 49.33 -35.71
C SER B 243 -24.58 48.82 -37.10
N ARG B 244 -25.84 48.44 -37.26
CA ARG B 244 -26.35 48.10 -38.60
C ARG B 244 -26.43 49.28 -39.55
N ASP B 245 -26.50 50.51 -39.01
CA ASP B 245 -26.41 51.73 -39.83
C ASP B 245 -25.12 51.95 -40.65
N ILE B 246 -24.06 51.19 -40.35
CA ILE B 246 -22.83 51.20 -41.19
C ILE B 246 -22.96 50.41 -42.52
N LEU B 247 -23.90 49.46 -42.60
CA LEU B 247 -23.95 48.52 -43.75
C LEU B 247 -24.24 49.11 -45.15
N PRO B 248 -25.03 50.19 -45.21
CA PRO B 248 -25.13 51.00 -46.47
C PRO B 248 -23.79 51.57 -47.02
N LEU B 249 -22.80 51.77 -46.14
CA LEU B 249 -21.47 52.30 -46.48
C LEU B 249 -20.41 51.29 -46.91
N VAL B 250 -20.73 49.97 -46.88
CA VAL B 250 -19.82 48.88 -47.30
C VAL B 250 -20.29 48.10 -48.56
N ALA B 251 -19.30 47.55 -49.26
CA ALA B 251 -19.51 46.70 -50.43
C ALA B 251 -19.46 45.19 -50.12
N GLY B 252 -19.10 44.86 -48.87
CA GLY B 252 -18.84 43.50 -48.43
C GLY B 252 -18.46 43.44 -46.95
N TRP B 253 -18.62 42.21 -46.38
CA TRP B 253 -18.27 41.94 -44.99
C TRP B 253 -17.67 40.55 -44.83
N ILE B 254 -16.37 40.52 -44.59
CA ILE B 254 -15.62 39.30 -44.37
C ILE B 254 -15.04 39.36 -42.97
N THR B 255 -15.06 38.24 -42.27
CA THR B 255 -14.53 38.17 -40.91
C THR B 255 -13.34 37.19 -40.88
N ASN B 256 -12.27 37.61 -40.20
CA ASN B 256 -11.06 36.81 -40.02
C ASN B 256 -11.10 36.23 -38.58
N PRO B 257 -11.58 34.96 -38.42
CA PRO B 257 -12.02 34.58 -37.08
C PRO B 257 -10.93 33.90 -36.24
N ASN B 258 -11.33 33.14 -35.21
CA ASN B 258 -10.33 32.44 -34.35
C ASN B 258 -9.55 31.36 -35.14
N ASN B 259 -8.30 31.14 -34.73
CA ASN B 259 -7.43 30.05 -35.26
C ASN B 259 -8.13 28.68 -35.21
N GLU B 260 -8.84 28.41 -34.12
CA GLU B 260 -9.47 27.11 -33.84
C GLU B 260 -10.83 27.09 -34.53
N ALA B 261 -10.98 26.22 -35.52
CA ALA B 261 -12.24 26.19 -36.33
C ALA B 261 -13.51 26.05 -35.46
N GLU B 262 -13.51 25.03 -34.59
CA GLU B 262 -14.65 24.79 -33.64
C GLU B 262 -14.95 25.98 -32.70
N ALA B 263 -14.00 26.86 -32.42
CA ALA B 263 -14.28 28.11 -31.65
C ALA B 263 -15.22 29.10 -32.32
N ASN B 264 -15.31 29.03 -33.66
CA ASN B 264 -16.01 30.05 -34.44
C ASN B 264 -17.51 29.86 -34.68
N PHE B 265 -18.16 28.85 -34.06
CA PHE B 265 -19.62 28.74 -34.18
C PHE B 265 -20.31 30.07 -33.79
N PRO B 266 -20.03 30.62 -32.57
CA PRO B 266 -20.72 31.87 -32.20
C PRO B 266 -20.35 33.08 -33.09
N ALA B 267 -19.06 33.19 -33.45
CA ALA B 267 -18.59 34.23 -34.36
C ALA B 267 -19.37 34.27 -35.67
N ILE B 268 -19.46 33.11 -36.33
CA ILE B 268 -20.18 33.00 -37.62
C ILE B 268 -21.70 33.21 -37.43
N HIS B 269 -22.27 32.56 -36.43
CA HIS B 269 -23.73 32.69 -36.12
C HIS B 269 -24.12 34.15 -35.94
N THR B 270 -23.38 34.86 -35.06
CA THR B 270 -23.72 36.23 -34.67
C THR B 270 -23.39 37.25 -35.80
N THR B 271 -22.31 37.03 -36.52
CA THR B 271 -21.96 37.85 -37.72
C THR B 271 -23.03 37.71 -38.81
N GLY B 272 -23.50 36.50 -39.11
CA GLY B 272 -24.66 36.30 -40.01
C GLY B 272 -25.94 36.95 -39.54
N ALA B 273 -26.22 36.84 -38.24
CA ALA B 273 -27.34 37.54 -37.57
C ALA B 273 -27.23 39.07 -37.72
N TYR B 274 -26.02 39.60 -37.52
CA TYR B 274 -25.77 41.04 -37.67
C TYR B 274 -26.06 41.53 -39.09
N LEU B 275 -25.54 40.79 -40.08
CA LEU B 275 -25.78 41.10 -41.48
C LEU B 275 -27.23 40.91 -41.94
N ALA B 276 -27.98 39.98 -41.34
CA ALA B 276 -29.39 39.73 -41.72
C ALA B 276 -30.46 40.51 -40.95
N ASP B 277 -30.30 40.62 -39.63
CA ASP B 277 -31.41 40.95 -38.70
C ASP B 277 -31.37 42.43 -38.32
N PRO B 278 -32.42 43.21 -38.70
CA PRO B 278 -32.43 44.65 -38.36
C PRO B 278 -32.43 44.98 -36.87
N ASP B 279 -33.05 44.09 -36.07
CA ASP B 279 -33.07 44.19 -34.60
C ASP B 279 -31.86 43.53 -33.90
N TYR B 280 -30.78 43.20 -34.63
CA TYR B 280 -29.55 42.67 -34.02
C TYR B 280 -29.14 43.39 -32.73
N ALA B 281 -28.93 42.58 -31.70
CA ALA B 281 -28.53 43.03 -30.35
C ALA B 281 -27.60 41.92 -29.80
N PRO B 282 -26.32 42.26 -29.42
CA PRO B 282 -25.36 41.18 -29.16
C PRO B 282 -25.76 40.15 -28.09
N GLU B 283 -26.39 40.59 -26.99
CA GLU B 283 -26.77 39.68 -25.91
C GLU B 283 -27.91 38.72 -26.30
N ARG B 284 -28.86 39.23 -27.08
CA ARG B 284 -29.92 38.38 -27.63
C ARG B 284 -29.37 37.42 -28.71
N ALA B 285 -28.44 37.90 -29.52
CA ALA B 285 -27.83 37.08 -30.58
C ALA B 285 -27.01 35.91 -30.01
N ILE B 286 -26.27 36.16 -28.92
CA ILE B 286 -25.49 35.09 -28.30
C ILE B 286 -26.35 34.01 -27.65
N ALA B 287 -27.49 34.41 -27.09
CA ALA B 287 -28.53 33.42 -26.64
C ALA B 287 -29.00 32.53 -27.77
N ALA B 288 -29.26 33.11 -28.94
CA ALA B 288 -29.69 32.33 -30.14
C ALA B 288 -28.56 31.45 -30.66
N ALA B 289 -27.34 31.94 -30.60
CA ALA B 289 -26.16 31.18 -30.99
C ALA B 289 -25.94 29.98 -30.08
N VAL B 290 -26.06 30.22 -28.77
CA VAL B 290 -25.89 29.19 -27.71
C VAL B 290 -26.93 28.07 -27.91
N ALA B 291 -28.19 28.44 -28.13
CA ALA B 291 -29.26 27.46 -28.44
C ALA B 291 -28.99 26.62 -29.69
N ALA B 292 -28.51 27.25 -30.77
CA ALA B 292 -28.09 26.54 -32.00
C ALA B 292 -26.86 25.66 -31.81
N TRP B 293 -25.91 26.13 -31.02
CA TRP B 293 -24.62 25.46 -30.75
C TRP B 293 -24.72 24.26 -29.79
N GLN B 294 -25.65 24.30 -28.84
CA GLN B 294 -25.74 23.32 -27.75
C GLN B 294 -25.77 21.82 -28.15
N PRO B 295 -26.49 21.44 -29.23
CA PRO B 295 -26.44 20.00 -29.69
C PRO B 295 -25.05 19.46 -30.08
N ARG B 296 -24.12 20.34 -30.47
CA ARG B 296 -22.71 19.98 -30.68
C ARG B 296 -21.98 19.51 -29.43
N PHE B 297 -22.53 19.83 -28.27
CA PHE B 297 -22.00 19.44 -26.97
C PHE B 297 -22.66 18.15 -26.45
N ARG B 298 -23.10 17.24 -27.33
CA ARG B 298 -23.67 15.96 -26.91
C ARG B 298 -22.59 15.14 -26.19
N LEU B 299 -23.00 14.43 -25.14
CA LEU B 299 -22.10 13.59 -24.36
C LEU B 299 -21.89 12.23 -25.03
N ALA B 300 -20.67 11.69 -24.93
CA ALA B 300 -20.35 10.39 -25.53
C ALA B 300 -20.95 9.24 -24.70
N PHE B 301 -21.49 8.24 -25.37
CA PHE B 301 -22.11 7.03 -24.73
C PHE B 301 -23.22 7.38 -23.70
N GLY B 302 -24.40 7.75 -24.20
CA GLY B 302 -25.49 8.25 -23.34
C GLY B 302 -26.17 9.46 -23.96
N ASP B 303 -27.39 9.76 -23.48
CA ASP B 303 -28.29 10.73 -24.11
C ASP B 303 -28.23 12.17 -23.57
N GLY B 304 -27.16 12.55 -22.86
CA GLY B 304 -27.01 13.92 -22.34
C GLY B 304 -26.32 14.89 -23.28
N ALA B 305 -26.39 16.19 -22.93
CA ALA B 305 -25.59 17.25 -23.54
C ALA B 305 -25.27 18.26 -22.46
N VAL B 306 -24.18 19.02 -22.66
CA VAL B 306 -23.80 20.12 -21.76
C VAL B 306 -24.97 21.12 -21.72
N PRO B 307 -25.56 21.40 -20.51
CA PRO B 307 -26.65 22.35 -20.35
C PRO B 307 -26.45 23.67 -21.07
N SER B 308 -27.49 24.19 -21.73
CA SER B 308 -27.48 25.56 -22.36
C SER B 308 -26.88 26.67 -21.49
N ASP B 309 -27.20 26.71 -20.21
CA ASP B 309 -26.64 27.72 -19.29
C ASP B 309 -25.11 27.64 -19.09
N LEU B 310 -24.54 26.44 -19.21
CA LEU B 310 -23.08 26.25 -19.08
C LEU B 310 -22.39 26.53 -20.43
N VAL B 311 -23.06 26.26 -21.55
CA VAL B 311 -22.55 26.71 -22.86
C VAL B 311 -22.55 28.25 -22.91
N ALA B 312 -23.62 28.87 -22.42
CA ALA B 312 -23.70 30.34 -22.23
C ALA B 312 -22.57 30.89 -21.38
N LEU B 313 -22.23 30.18 -20.30
CA LEU B 313 -21.08 30.55 -19.47
C LEU B 313 -19.78 30.53 -20.27
N LEU B 314 -19.60 29.51 -21.12
CA LEU B 314 -18.46 29.43 -22.04
C LEU B 314 -18.30 30.73 -22.84
N CYS B 315 -19.38 31.21 -23.45
CA CYS B 315 -19.31 32.48 -24.22
C CYS B 315 -19.02 33.71 -23.32
N ASP B 316 -19.65 33.76 -22.14
CA ASP B 316 -19.42 34.86 -21.17
C ASP B 316 -17.94 34.96 -20.71
N LEU B 317 -17.33 33.83 -20.41
CA LEU B 317 -15.92 33.78 -20.04
C LEU B 317 -14.99 34.22 -21.18
N PHE B 318 -15.32 33.74 -22.37
CA PHE B 318 -14.52 33.93 -23.59
C PHE B 318 -15.28 34.81 -24.58
N TRP B 319 -15.39 36.10 -24.24
CA TRP B 319 -16.46 36.99 -24.79
C TRP B 319 -15.95 37.79 -25.96
N GLN B 320 -15.23 38.88 -25.72
CA GLN B 320 -14.88 39.79 -26.80
C GLN B 320 -13.50 40.38 -26.56
N PRO B 321 -12.87 40.90 -27.65
CA PRO B 321 -11.56 41.58 -27.48
C PRO B 321 -11.53 42.73 -26.47
N PHE B 322 -12.61 43.55 -26.38
CA PHE B 322 -12.59 44.72 -25.50
C PHE B 322 -13.56 44.68 -24.32
N ALA B 323 -14.14 43.51 -24.04
CA ALA B 323 -15.07 43.35 -22.92
C ALA B 323 -15.08 41.92 -22.41
N LEU B 324 -15.22 41.79 -21.09
CA LEU B 324 -15.53 40.49 -20.48
C LEU B 324 -17.04 40.34 -20.65
N GLY B 325 -17.54 39.11 -20.50
CA GLY B 325 -18.99 38.87 -20.62
C GLY B 325 -19.79 39.59 -19.52
N PRO B 326 -21.11 39.77 -19.71
CA PRO B 326 -21.87 40.54 -18.70
C PRO B 326 -21.87 39.92 -17.27
N GLU B 327 -21.96 38.59 -17.18
CA GLU B 327 -21.93 37.86 -15.88
C GLU B 327 -20.56 37.99 -15.21
N THR B 328 -19.51 37.73 -15.99
CA THR B 328 -18.13 37.75 -15.50
C THR B 328 -17.70 39.17 -15.08
N THR B 329 -18.05 40.16 -15.90
CA THR B 329 -17.83 41.58 -15.58
C THR B 329 -18.43 41.98 -14.27
N ARG B 330 -19.72 41.68 -14.06
CA ARG B 330 -20.40 42.03 -12.83
C ARG B 330 -19.82 41.34 -11.59
N ILE B 331 -19.45 40.04 -11.72
CA ILE B 331 -18.85 39.28 -10.59
C ILE B 331 -17.52 39.92 -10.12
N LEU B 332 -16.60 40.18 -11.07
CA LEU B 332 -15.35 40.83 -10.75
C LEU B 332 -15.51 42.28 -10.25
N SER B 333 -16.45 43.03 -10.82
CA SER B 333 -16.71 44.44 -10.45
C SER B 333 -17.22 44.58 -9.02
N ALA B 334 -18.19 43.74 -8.67
CA ALA B 334 -18.68 43.57 -7.30
C ALA B 334 -17.55 43.26 -6.29
N LEU B 335 -16.63 42.38 -6.69
CA LEU B 335 -15.50 42.02 -5.87
C LEU B 335 -14.51 43.20 -5.69
N ARG B 336 -14.14 43.86 -6.79
CA ARG B 336 -13.35 45.13 -6.77
C ARG B 336 -13.87 46.17 -5.78
N ALA B 337 -15.19 46.41 -5.80
CA ALA B 337 -15.83 47.39 -4.93
C ALA B 337 -15.72 46.98 -3.47
N ALA B 338 -15.99 45.71 -3.21
CA ALA B 338 -15.89 45.09 -1.90
C ALA B 338 -14.44 45.08 -1.34
N LEU B 339 -13.45 45.04 -2.26
CA LEU B 339 -12.00 45.13 -1.95
C LEU B 339 -11.38 46.54 -2.00
N THR B 340 -12.19 47.58 -1.80
CA THR B 340 -11.66 48.96 -1.63
C THR B 340 -10.94 49.17 -0.29
N VAL B 341 -11.22 48.31 0.70
CA VAL B 341 -10.59 48.32 2.04
C VAL B 341 -9.51 47.24 2.17
N PRO B 342 -8.50 47.44 3.05
CA PRO B 342 -7.51 46.36 3.25
C PRO B 342 -8.05 45.05 3.88
N ARG B 343 -9.09 45.17 4.72
CA ARG B 343 -9.78 44.05 5.38
C ARG B 343 -11.30 44.19 5.26
N PRO B 344 -11.91 43.51 4.24
CA PRO B 344 -13.37 43.50 4.11
C PRO B 344 -14.07 42.92 5.33
N ASP B 345 -15.23 43.48 5.67
CA ASP B 345 -16.01 43.05 6.84
C ASP B 345 -16.79 41.78 6.43
N PRO B 346 -16.52 40.61 7.07
CA PRO B 346 -17.29 39.40 6.74
C PRO B 346 -18.81 39.52 6.99
N SER B 347 -19.24 40.40 7.89
CA SER B 347 -20.66 40.76 8.12
C SER B 347 -21.35 41.66 7.07
N ASP B 348 -20.58 42.30 6.20
CA ASP B 348 -21.10 43.24 5.19
C ASP B 348 -21.78 42.44 4.06
N PRO B 349 -23.08 42.70 3.77
CA PRO B 349 -23.75 41.98 2.66
C PRO B 349 -23.17 42.20 1.28
N ALA B 350 -22.51 43.35 1.06
CA ALA B 350 -21.82 43.62 -0.20
C ALA B 350 -20.69 42.61 -0.41
N TRP B 351 -19.89 42.41 0.63
CA TRP B 351 -18.80 41.44 0.63
C TRP B 351 -19.34 40.03 0.51
N ARG B 352 -20.28 39.65 1.38
CA ARG B 352 -20.91 38.32 1.38
C ARG B 352 -21.49 37.91 0.02
N ALA B 353 -22.23 38.84 -0.60
CA ALA B 353 -22.78 38.61 -1.95
C ALA B 353 -21.71 38.39 -3.03
N ALA B 354 -20.67 39.23 -3.00
CA ALA B 354 -19.56 39.19 -3.95
C ALA B 354 -18.76 37.89 -3.85
N LEU B 355 -18.44 37.50 -2.62
CA LEU B 355 -17.74 36.25 -2.34
C LEU B 355 -18.57 35.03 -2.78
N GLU B 356 -19.87 35.02 -2.47
CA GLU B 356 -20.75 33.89 -2.83
C GLU B 356 -20.89 33.69 -4.35
N ASP B 357 -21.08 34.79 -5.07
CA ASP B 357 -21.12 34.77 -6.54
C ASP B 357 -19.79 34.31 -7.12
N LEU B 358 -18.68 34.73 -6.52
CA LEU B 358 -17.35 34.24 -6.93
C LEU B 358 -17.20 32.74 -6.76
N ARG B 359 -17.58 32.27 -5.58
CA ARG B 359 -17.65 30.80 -5.30
C ARG B 359 -18.53 30.06 -6.30
N ASP B 360 -19.70 30.59 -6.60
CA ASP B 360 -20.64 30.04 -7.57
C ASP B 360 -20.05 30.05 -8.97
N LEU B 361 -19.37 31.14 -9.33
CA LEU B 361 -18.64 31.18 -10.61
C LEU B 361 -17.66 30.03 -10.73
N LYS B 362 -16.84 29.82 -9.67
CA LYS B 362 -15.89 28.70 -9.57
C LYS B 362 -16.57 27.35 -9.77
N ARG B 363 -17.64 27.10 -9.01
CA ARG B 363 -18.41 25.83 -9.10
C ARG B 363 -18.95 25.57 -10.50
N ARG B 364 -19.43 26.61 -11.18
CA ARG B 364 -20.03 26.50 -12.51
C ARG B 364 -19.01 26.21 -13.60
N ILE B 365 -17.84 26.90 -13.51
CA ILE B 365 -16.71 26.66 -14.38
C ILE B 365 -16.29 25.20 -14.23
N ASN B 366 -16.14 24.73 -12.98
CA ASN B 366 -15.77 23.32 -12.68
C ASN B 366 -16.73 22.33 -13.34
N LYS B 367 -18.02 22.59 -13.20
CA LYS B 367 -19.11 21.79 -13.79
C LYS B 367 -18.99 21.73 -15.32
N LEU B 368 -18.84 22.90 -15.95
CA LEU B 368 -18.61 23.08 -17.38
C LEU B 368 -17.39 22.32 -17.83
N PHE B 369 -16.25 22.54 -17.16
CA PHE B 369 -15.00 21.84 -17.49
C PHE B 369 -15.16 20.32 -17.45
N THR B 370 -15.71 19.79 -16.36
CA THR B 370 -15.90 18.34 -16.23
C THR B 370 -16.76 17.77 -17.36
N LEU B 371 -17.87 18.45 -17.65
CA LEU B 371 -18.77 18.03 -18.73
C LEU B 371 -18.14 18.10 -20.11
N MET B 372 -17.31 19.13 -20.39
CA MET B 372 -16.54 19.21 -21.63
C MET B 372 -15.61 17.99 -21.88
N THR B 373 -14.98 17.46 -20.83
CA THR B 373 -14.16 16.24 -20.94
C THR B 373 -14.97 15.01 -21.42
N GLU B 374 -16.28 15.03 -21.20
CA GLU B 374 -17.21 13.95 -21.57
C GLU B 374 -17.94 14.09 -22.93
N ILE B 375 -17.82 15.24 -23.63
CA ILE B 375 -18.49 15.42 -24.96
C ILE B 375 -17.94 14.49 -26.08
N GLU B 376 -18.80 14.18 -27.05
CA GLU B 376 -18.49 13.31 -28.18
C GLU B 376 -17.48 13.97 -29.12
N ASN B 377 -17.73 15.22 -29.48
CA ASN B 377 -16.84 15.99 -30.37
C ASN B 377 -15.52 16.40 -29.68
N ARG B 378 -14.48 15.60 -29.94
CA ARG B 378 -13.17 15.81 -29.30
C ARG B 378 -12.42 17.04 -29.81
N ASP B 379 -12.68 17.44 -31.07
CA ASP B 379 -12.10 18.67 -31.63
C ASP B 379 -12.59 19.92 -30.89
N LEU B 380 -13.89 19.97 -30.58
CA LEU B 380 -14.52 21.05 -29.76
C LEU B 380 -13.97 21.03 -28.34
N PHE B 381 -13.84 19.81 -27.77
CA PHE B 381 -13.21 19.67 -26.44
C PHE B 381 -11.81 20.27 -26.41
N HIS B 382 -10.92 19.78 -27.29
CA HIS B 382 -9.55 20.28 -27.35
C HIS B 382 -9.45 21.78 -27.77
N THR B 383 -10.43 22.29 -28.48
CA THR B 383 -10.51 23.77 -28.72
C THR B 383 -10.51 24.58 -27.40
N PHE B 384 -11.37 24.19 -26.45
CA PHE B 384 -11.56 24.94 -25.19
C PHE B 384 -10.90 24.40 -23.95
N HIS B 385 -10.37 23.18 -24.02
CA HIS B 385 -9.70 22.55 -22.86
C HIS B 385 -8.74 23.50 -22.13
N ASN B 386 -7.73 23.99 -22.83
CA ASN B 386 -6.72 24.89 -22.23
C ASN B 386 -7.25 26.24 -21.73
N TYR B 387 -8.09 26.86 -22.53
CA TYR B 387 -8.74 28.12 -22.14
C TYR B 387 -9.59 27.99 -20.88
N LEU B 388 -10.30 26.88 -20.78
CA LEU B 388 -11.11 26.56 -19.59
C LEU B 388 -10.33 26.28 -18.33
N TRP B 389 -9.28 25.45 -18.44
CA TRP B 389 -8.27 25.27 -17.37
C TRP B 389 -7.78 26.60 -16.85
N GLU B 390 -7.38 27.48 -17.75
CA GLU B 390 -6.75 28.78 -17.39
C GLU B 390 -7.70 29.61 -16.49
N ALA B 391 -8.96 29.69 -16.93
CA ALA B 391 -10.03 30.44 -16.29
C ALA B 391 -10.37 29.87 -14.88
N GLN B 392 -10.49 28.54 -14.85
CA GLN B 392 -10.66 27.77 -13.61
C GLN B 392 -9.55 28.02 -12.58
N GLU B 393 -8.30 28.00 -13.04
CA GLU B 393 -7.15 28.21 -12.17
C GLU B 393 -7.19 29.64 -11.58
N GLU B 394 -7.48 30.63 -12.44
CA GLU B 394 -7.52 32.03 -12.01
C GLU B 394 -8.60 32.25 -10.99
N VAL B 395 -9.80 31.79 -11.32
CA VAL B 395 -10.94 31.87 -10.39
C VAL B 395 -10.64 31.17 -9.06
N GLY B 396 -10.05 29.97 -9.11
CA GLY B 396 -9.68 29.21 -7.86
C GLY B 396 -8.72 29.97 -6.93
N HIS B 397 -7.71 30.61 -7.51
CA HIS B 397 -6.77 31.43 -6.75
C HIS B 397 -7.37 32.72 -6.13
N LEU B 398 -8.24 33.37 -6.89
CA LEU B 398 -9.00 34.51 -6.39
C LEU B 398 -9.91 34.10 -5.23
N VAL B 399 -10.61 32.97 -5.39
CA VAL B 399 -11.42 32.36 -4.31
C VAL B 399 -10.55 32.05 -3.07
N ALA B 400 -9.36 31.45 -3.24
CA ALA B 400 -8.44 31.12 -2.10
C ALA B 400 -8.01 32.40 -1.33
N TYR B 401 -7.73 33.46 -2.09
CA TYR B 401 -7.40 34.77 -1.51
C TYR B 401 -8.57 35.43 -0.77
N CYS B 402 -9.72 35.49 -1.43
CA CYS B 402 -10.93 36.05 -0.84
C CYS B 402 -11.44 35.22 0.39
N ASP B 403 -11.38 33.88 0.30
CA ASP B 403 -11.59 32.97 1.45
C ASP B 403 -10.70 33.29 2.66
N TRP B 404 -9.40 33.58 2.42
CA TRP B 404 -8.47 33.98 3.52
C TRP B 404 -8.90 35.31 4.15
N LEU B 405 -9.27 36.30 3.31
CA LEU B 405 -9.85 37.56 3.83
C LEU B 405 -11.16 37.36 4.60
N ASP B 406 -11.95 36.36 4.20
CA ASP B 406 -13.24 36.06 4.89
C ASP B 406 -13.10 35.53 6.33
N GLU B 407 -11.92 34.97 6.68
CA GLU B 407 -11.54 34.60 8.06
C GLU B 407 -11.19 35.79 8.98
N ALA B 408 -11.16 37.02 8.43
CA ALA B 408 -10.82 38.26 9.14
C ALA B 408 -9.41 38.21 9.77
N PRO B 409 -8.35 38.10 8.93
CA PRO B 409 -6.97 38.09 9.45
C PRO B 409 -6.58 39.47 9.99
N PRO B 410 -5.59 39.56 10.92
CA PRO B 410 -5.16 40.90 11.40
C PRO B 410 -4.51 41.76 10.31
N PRO B 411 -4.54 43.12 10.43
CA PRO B 411 -4.01 44.01 9.37
C PRO B 411 -2.55 43.75 8.96
N GLY B 412 -1.70 43.39 9.93
CA GLY B 412 -0.30 43.00 9.68
C GLY B 412 -0.05 41.64 9.03
N ALA B 413 -1.01 40.71 9.16
CA ALA B 413 -0.89 39.36 8.55
C ALA B 413 -0.79 39.41 7.02
N VAL B 414 0.02 38.52 6.45
CA VAL B 414 0.25 38.41 5.00
C VAL B 414 -0.30 37.07 4.51
N PHE B 415 -1.02 37.10 3.39
CA PHE B 415 -1.60 35.92 2.73
C PHE B 415 -0.60 34.76 2.58
N PRO B 416 -0.94 33.56 3.12
CA PRO B 416 0.01 32.43 3.04
C PRO B 416 -0.06 31.76 1.66
N ALA B 417 0.58 32.42 0.68
CA ALA B 417 0.51 32.01 -0.73
C ALA B 417 1.10 30.62 -1.02
N THR B 418 2.21 30.30 -0.35
CA THR B 418 2.90 29.01 -0.53
C THR B 418 1.99 27.78 -0.25
N ASP B 419 1.10 27.88 0.74
CA ASP B 419 0.15 26.79 1.07
C ASP B 419 -1.14 26.79 0.20
N ARG B 420 -1.49 27.94 -0.38
CA ARG B 420 -2.78 28.17 -1.03
C ARG B 420 -2.73 28.29 -2.57
N ILE B 421 -1.60 28.72 -3.15
CA ILE B 421 -1.42 28.94 -4.60
C ILE B 421 -0.23 28.14 -5.10
N HIS B 422 -0.38 27.52 -6.27
CA HIS B 422 0.67 26.62 -6.77
C HIS B 422 1.91 27.44 -7.06
N ASN B 423 3.07 26.86 -6.74
CA ASN B 423 4.38 27.49 -7.03
C ASN B 423 4.57 27.88 -8.52
N PHE B 424 3.98 27.10 -9.42
CA PHE B 424 4.09 27.37 -10.89
C PHE B 424 3.23 28.52 -11.46
N TYR B 425 2.35 29.09 -10.66
CA TYR B 425 1.37 30.07 -11.13
C TYR B 425 2.01 31.44 -11.45
N ARG B 426 1.62 31.97 -12.59
CA ARG B 426 1.98 33.31 -13.05
C ARG B 426 3.47 33.57 -13.01
N ARG B 427 4.16 32.85 -13.88
CA ARG B 427 5.64 32.94 -14.03
C ARG B 427 6.00 33.06 -15.52
N GLY B 428 7.28 33.22 -15.79
CA GLY B 428 7.80 33.20 -17.17
C GLY B 428 8.23 34.55 -17.76
N PHE B 429 8.54 34.54 -19.06
CA PHE B 429 9.19 35.72 -19.73
C PHE B 429 8.20 36.89 -19.91
N GLY B 430 7.02 36.61 -20.45
CA GLY B 430 5.96 37.60 -20.55
C GLY B 430 5.54 38.22 -19.22
N VAL B 431 5.36 37.42 -18.16
CA VAL B 431 5.13 38.01 -16.81
C VAL B 431 6.32 38.92 -16.36
N ALA B 432 7.58 38.52 -16.62
CA ALA B 432 8.78 39.32 -16.26
C ALA B 432 8.80 40.67 -16.95
N VAL B 433 8.41 40.67 -18.23
CA VAL B 433 8.31 41.93 -19.01
C VAL B 433 7.20 42.80 -18.45
N GLN B 434 6.02 42.21 -18.26
CA GLN B 434 4.88 42.94 -17.67
C GLN B 434 5.13 43.50 -16.26
N ASP B 435 5.97 42.83 -15.47
CA ASP B 435 6.42 43.34 -14.17
C ASP B 435 7.19 44.64 -14.27
N ILE B 436 7.93 44.84 -15.36
CA ILE B 436 8.68 46.09 -15.63
C ILE B 436 7.76 47.12 -16.29
N LEU B 437 7.13 46.71 -17.40
CA LEU B 437 6.20 47.59 -18.18
C LEU B 437 4.80 47.51 -17.59
N GLN B 438 4.61 48.25 -16.50
CA GLN B 438 3.37 48.25 -15.75
C GLN B 438 2.34 49.13 -16.42
N ARG B 439 1.09 48.87 -16.09
CA ARG B 439 -0.04 49.65 -16.61
C ARG B 439 -1.06 49.82 -15.49
N ASP B 440 -1.45 51.08 -15.28
CA ASP B 440 -2.35 51.43 -14.18
C ASP B 440 -3.82 51.30 -14.65
N ARG B 441 -4.75 51.57 -13.73
CA ARG B 441 -6.18 51.39 -13.96
C ARG B 441 -6.77 52.31 -15.04
N GLN B 442 -6.20 53.52 -15.21
CA GLN B 442 -6.62 54.46 -16.27
C GLN B 442 -5.94 54.19 -17.64
N GLY B 443 -5.10 53.15 -17.72
CA GLY B 443 -4.48 52.67 -18.95
C GLY B 443 -3.08 53.20 -19.25
N ARG B 444 -2.48 53.91 -18.29
CA ARG B 444 -1.22 54.62 -18.51
C ARG B 444 -0.08 53.69 -18.15
N TYR B 445 0.95 53.68 -18.99
CA TYR B 445 2.16 52.89 -18.73
C TYR B 445 3.15 53.62 -17.85
N HIS B 446 3.88 52.82 -17.07
CA HIS B 446 4.83 53.29 -16.07
C HIS B 446 5.68 52.08 -15.62
N HIS B 447 6.65 52.31 -14.74
CA HIS B 447 7.54 51.23 -14.24
C HIS B 447 7.65 51.15 -12.71
N GLY B 448 6.50 51.39 -12.06
CA GLY B 448 6.38 51.43 -10.59
C GLY B 448 7.16 52.56 -9.91
N VAL B 449 6.98 53.78 -10.41
CA VAL B 449 7.62 55.03 -9.92
C VAL B 449 9.14 54.92 -9.65
N MET C 3 28.13 -35.41 51.23
CA MET C 3 27.95 -34.53 50.01
C MET C 3 26.45 -34.23 49.80
N LEU C 4 26.12 -32.97 49.47
CA LEU C 4 24.74 -32.55 49.13
C LEU C 4 24.37 -33.20 47.80
N THR C 5 23.32 -34.04 47.77
CA THR C 5 22.84 -34.65 46.54
C THR C 5 21.32 -34.61 46.52
N GLY C 6 20.77 -34.21 45.38
CA GLY C 6 19.32 -34.28 45.18
C GLY C 6 18.77 -33.41 44.07
N VAL C 7 17.64 -32.79 44.37
CA VAL C 7 16.86 -32.06 43.39
C VAL C 7 16.61 -30.62 43.84
N ILE C 8 16.66 -29.69 42.89
CA ILE C 8 16.08 -28.36 43.07
C ILE C 8 14.78 -28.24 42.29
N GLU C 9 13.73 -27.76 42.96
CA GLU C 9 12.52 -27.22 42.31
C GLU C 9 12.83 -25.77 41.92
N GLY C 10 13.37 -25.59 40.73
CA GLY C 10 13.99 -24.32 40.30
C GLY C 10 13.78 -23.89 38.88
N PHE C 11 12.66 -24.31 38.30
CA PHE C 11 12.33 -24.10 36.88
C PHE C 11 11.32 -22.98 36.73
N TYR C 12 11.25 -22.40 35.53
CA TYR C 12 10.25 -21.42 35.11
C TYR C 12 8.90 -22.09 34.73
N GLY C 13 7.91 -21.91 35.61
CA GLY C 13 6.50 -22.26 35.35
C GLY C 13 5.77 -22.53 36.65
N ARG C 14 4.67 -23.27 36.60
CA ARG C 14 3.86 -23.51 37.79
C ARG C 14 4.64 -24.38 38.80
N ASP C 15 4.55 -24.03 40.08
CA ASP C 15 5.24 -24.81 41.14
C ASP C 15 4.45 -26.11 41.40
N TRP C 16 5.15 -27.07 41.98
CA TRP C 16 4.55 -28.36 42.35
C TRP C 16 3.54 -28.22 43.49
N ARG C 17 2.54 -29.10 43.48
CA ARG C 17 1.62 -29.29 44.61
C ARG C 17 2.31 -30.04 45.78
N ARG C 18 1.77 -29.90 46.98
CA ARG C 18 2.27 -30.61 48.19
C ARG C 18 2.52 -32.12 47.97
N ASP C 19 1.54 -32.77 47.39
CA ASP C 19 1.62 -34.23 47.07
C ASP C 19 2.69 -34.57 46.01
N GLU C 20 2.87 -33.70 45.03
CA GLU C 20 3.91 -33.88 44.00
C GLU C 20 5.31 -33.75 44.62
N ARG C 21 5.51 -32.73 45.46
CA ARG C 21 6.74 -32.59 46.25
C ARG C 21 7.01 -33.84 47.11
N ALA C 22 5.98 -34.36 47.76
CA ALA C 22 6.09 -35.66 48.48
C ALA C 22 6.53 -36.83 47.60
N THR C 23 5.90 -36.99 46.43
CA THR C 23 6.29 -38.04 45.47
C THR C 23 7.76 -37.93 45.06
N VAL C 24 8.18 -36.70 44.74
CA VAL C 24 9.53 -36.44 44.30
C VAL C 24 10.54 -36.74 45.44
N MET C 25 10.22 -36.31 46.67
CA MET C 25 11.05 -36.61 47.83
C MET C 25 11.21 -38.13 48.05
N ASP C 26 10.13 -38.90 47.87
CA ASP C 26 10.16 -40.38 47.90
C ASP C 26 11.24 -40.93 46.94
N TRP C 27 11.21 -40.42 45.71
CA TRP C 27 12.12 -40.80 44.62
C TRP C 27 13.58 -40.40 44.89
N ILE C 28 13.76 -39.20 45.42
CA ILE C 28 15.08 -38.74 45.87
C ILE C 28 15.67 -39.73 46.91
N ALA C 29 14.86 -40.07 47.91
CA ALA C 29 15.26 -40.95 49.02
C ALA C 29 15.57 -42.37 48.51
N ALA C 30 14.66 -42.91 47.68
CA ALA C 30 14.83 -44.24 47.04
C ALA C 30 16.09 -44.34 46.18
N ALA C 31 16.49 -43.23 45.55
CA ALA C 31 17.68 -43.16 44.70
C ALA C 31 19.03 -42.94 45.44
N GLY C 32 19.00 -42.91 46.77
CA GLY C 32 20.20 -42.76 47.59
C GLY C 32 20.64 -41.33 47.84
N MET C 33 19.84 -40.34 47.40
CA MET C 33 20.18 -38.91 47.55
C MET C 33 19.58 -38.33 48.84
N ASN C 34 19.96 -37.12 49.21
CA ASN C 34 19.69 -36.57 50.56
C ASN C 34 19.19 -35.14 50.67
N THR C 35 18.88 -34.47 49.55
CA THR C 35 18.57 -33.03 49.53
C THR C 35 17.35 -32.72 48.66
N TYR C 36 16.50 -31.82 49.15
CA TYR C 36 15.49 -31.14 48.36
C TYR C 36 15.70 -29.64 48.57
N ILE C 37 15.81 -28.91 47.43
CA ILE C 37 15.90 -27.44 47.41
C ILE C 37 14.59 -26.84 46.90
N TYR C 38 13.96 -26.03 47.74
CA TYR C 38 12.77 -25.27 47.35
C TYR C 38 13.20 -23.94 46.72
N GLY C 39 12.98 -23.78 45.42
CA GLY C 39 13.20 -22.46 44.76
C GLY C 39 12.42 -22.17 43.49
N PRO C 40 11.09 -22.45 43.48
CA PRO C 40 10.34 -22.32 42.25
C PRO C 40 10.15 -20.81 41.92
N LYS C 41 10.37 -20.48 40.65
CA LYS C 41 10.15 -19.11 40.14
C LYS C 41 8.70 -18.55 40.35
N ASP C 42 7.71 -19.44 40.50
CA ASP C 42 6.29 -19.06 40.79
C ASP C 42 6.03 -18.47 42.20
N ASP C 43 6.99 -18.59 43.16
CA ASP C 43 6.83 -18.04 44.54
C ASP C 43 7.25 -16.56 44.59
N VAL C 44 6.28 -15.69 44.82
CA VAL C 44 6.51 -14.23 44.85
C VAL C 44 7.57 -13.78 45.89
N HIS C 45 7.62 -14.45 47.05
CA HIS C 45 8.55 -14.11 48.15
C HIS C 45 10.02 -14.45 47.87
N VAL C 46 10.26 -15.41 46.96
CA VAL C 46 11.62 -15.79 46.54
C VAL C 46 12.30 -14.61 45.85
N ARG C 47 11.67 -14.12 44.78
CA ARG C 47 12.28 -13.13 43.87
C ARG C 47 11.52 -11.81 43.72
N ALA C 48 10.28 -11.89 43.22
CA ALA C 48 9.51 -10.72 42.79
C ALA C 48 9.30 -9.68 43.89
N ARG C 49 8.86 -10.15 45.05
CA ARG C 49 8.66 -9.34 46.26
C ARG C 49 9.52 -9.88 47.41
N TRP C 50 10.83 -10.05 47.14
CA TRP C 50 11.81 -10.54 48.13
C TRP C 50 11.88 -9.80 49.47
N ARG C 51 11.51 -8.52 49.47
CA ARG C 51 11.42 -7.75 50.72
C ARG C 51 10.31 -8.18 51.70
N VAL C 52 9.27 -8.87 51.22
CA VAL C 52 8.07 -9.17 51.99
C VAL C 52 8.22 -10.54 52.69
N PRO C 53 8.08 -10.58 54.04
CA PRO C 53 8.10 -11.88 54.73
C PRO C 53 6.87 -12.74 54.44
N TYR C 54 7.02 -14.05 54.63
CA TYR C 54 5.92 -15.01 54.53
C TYR C 54 4.86 -14.73 55.61
N ASP C 55 3.59 -14.90 55.27
CA ASP C 55 2.53 -15.02 56.30
C ASP C 55 2.63 -16.41 56.98
N ALA C 56 1.80 -16.62 58.00
CA ALA C 56 1.82 -17.86 58.81
C ALA C 56 1.62 -19.13 57.98
N ALA C 57 0.68 -19.08 57.05
CA ALA C 57 0.41 -20.22 56.15
C ALA C 57 1.59 -20.58 55.24
N GLY C 58 2.19 -19.57 54.61
CA GLY C 58 3.38 -19.75 53.79
C GLY C 58 4.57 -20.33 54.53
N LEU C 59 4.80 -19.86 55.76
CA LEU C 59 5.86 -20.41 56.61
C LEU C 59 5.54 -21.86 57.09
N ALA C 60 4.25 -22.12 57.38
CA ALA C 60 3.80 -23.44 57.78
C ALA C 60 4.01 -24.51 56.71
N ARG C 61 3.72 -24.18 55.45
CA ARG C 61 4.00 -25.07 54.30
C ARG C 61 5.50 -25.42 54.22
N LEU C 62 6.35 -24.41 54.44
CA LEU C 62 7.81 -24.61 54.44
C LEU C 62 8.33 -25.54 55.55
N THR C 63 7.82 -25.36 56.77
CA THR C 63 8.22 -26.23 57.91
C THR C 63 7.70 -27.67 57.72
N GLU C 64 6.47 -27.82 57.23
CA GLU C 64 5.90 -29.12 56.77
C GLU C 64 6.81 -29.84 55.76
N LEU C 65 7.30 -29.10 54.77
CA LEU C 65 8.27 -29.61 53.78
C LEU C 65 9.60 -30.05 54.39
N ARG C 66 10.12 -29.22 55.30
CA ARG C 66 11.31 -29.57 56.06
C ARG C 66 11.07 -30.86 56.85
N ASP C 67 9.93 -30.96 57.53
CA ASP C 67 9.58 -32.19 58.30
C ASP C 67 9.46 -33.43 57.41
N ALA C 68 8.82 -33.27 56.25
CA ALA C 68 8.67 -34.32 55.26
C ALA C 68 10.01 -34.82 54.71
N ALA C 69 10.91 -33.89 54.41
CA ALA C 69 12.30 -34.24 54.05
C ALA C 69 13.05 -34.99 55.19
N ALA C 70 12.98 -34.43 56.42
CA ALA C 70 13.53 -35.01 57.66
C ALA C 70 13.12 -36.47 57.89
N ALA C 71 11.83 -36.76 57.72
CA ALA C 71 11.27 -38.12 57.88
C ALA C 71 11.89 -39.14 56.92
N ARG C 72 12.30 -38.67 55.74
CA ARG C 72 13.00 -39.46 54.72
C ARG C 72 14.54 -39.44 54.84
N GLY C 73 15.08 -38.95 55.96
CA GLY C 73 16.53 -38.78 56.14
C GLY C 73 17.14 -37.74 55.22
N MET C 74 16.35 -36.71 54.87
CA MET C 74 16.79 -35.66 53.91
C MET C 74 16.85 -34.23 54.51
N VAL C 75 17.72 -33.40 53.91
CA VAL C 75 17.80 -31.98 54.22
C VAL C 75 16.92 -31.19 53.25
N PHE C 76 16.44 -30.04 53.74
CA PHE C 76 15.54 -29.11 53.01
C PHE C 76 16.13 -27.69 52.98
N TYR C 77 16.28 -27.10 51.78
CA TYR C 77 16.77 -25.72 51.60
C TYR C 77 15.65 -24.79 51.10
N VAL C 78 15.75 -23.51 51.45
CA VAL C 78 14.80 -22.47 51.02
C VAL C 78 15.56 -21.34 50.31
N SER C 79 15.06 -20.97 49.12
CA SER C 79 15.72 -20.00 48.26
C SER C 79 15.25 -18.57 48.51
N LEU C 80 16.17 -17.62 48.29
CA LEU C 80 15.92 -16.19 48.26
C LEU C 80 16.71 -15.55 47.12
N ALA C 81 16.09 -14.61 46.41
CA ALA C 81 16.74 -13.90 45.31
C ALA C 81 16.61 -12.39 45.53
N PRO C 82 17.48 -11.80 46.37
CA PRO C 82 17.50 -10.34 46.61
C PRO C 82 18.46 -9.65 45.63
N CYS C 83 18.11 -9.72 44.34
CA CYS C 83 18.94 -9.18 43.24
C CYS C 83 18.23 -8.31 42.19
N LEU C 84 16.90 -8.13 42.29
CA LEU C 84 16.09 -7.54 41.19
C LEU C 84 16.26 -6.02 41.11
N ASP C 85 15.96 -5.36 42.23
CA ASP C 85 16.19 -3.91 42.39
C ASP C 85 16.83 -3.63 43.77
N VAL C 86 17.83 -4.46 44.12
CA VAL C 86 18.57 -4.34 45.38
C VAL C 86 19.62 -3.23 45.25
N THR C 87 19.71 -2.39 46.28
CA THR C 87 20.87 -1.53 46.53
C THR C 87 21.68 -2.25 47.60
N ASP C 93 17.31 -2.02 52.75
CA ASP C 93 17.41 -3.25 51.95
C ASP C 93 18.16 -4.39 52.65
N ARG C 94 19.30 -4.07 53.29
CA ARG C 94 20.06 -5.04 54.12
C ARG C 94 19.26 -5.59 55.29
N ALA C 95 18.56 -4.68 55.98
CA ALA C 95 17.65 -5.00 57.09
C ALA C 95 16.47 -5.84 56.64
N ALA C 96 15.91 -5.52 55.47
CA ALA C 96 14.80 -6.28 54.88
C ALA C 96 15.20 -7.73 54.56
N LEU C 97 16.37 -7.90 53.95
CA LEU C 97 16.98 -9.24 53.78
C LEU C 97 17.26 -9.94 55.11
N LEU C 98 17.78 -9.21 56.10
CA LEU C 98 18.03 -9.79 57.43
C LEU C 98 16.74 -10.29 58.10
N ALA C 99 15.64 -9.55 57.92
CA ALA C 99 14.32 -9.93 58.45
C ALA C 99 13.79 -11.24 57.84
N ARG C 100 13.92 -11.36 56.52
CA ARG C 100 13.58 -12.59 55.77
C ARG C 100 14.33 -13.80 56.32
N VAL C 101 15.65 -13.64 56.48
CA VAL C 101 16.53 -14.67 57.08
C VAL C 101 16.17 -14.95 58.55
N ASP C 102 15.84 -13.91 59.32
CA ASP C 102 15.44 -14.06 60.74
C ASP C 102 14.15 -14.88 60.90
N GLN C 103 13.15 -14.60 60.06
CA GLN C 103 11.88 -15.36 60.02
C GLN C 103 12.12 -16.85 59.80
N LEU C 104 12.81 -17.16 58.71
CA LEU C 104 13.18 -18.53 58.35
C LEU C 104 14.00 -19.21 59.46
N ALA C 105 14.97 -18.48 59.99
CA ALA C 105 15.84 -18.97 61.08
C ALA C 105 15.09 -19.26 62.38
N ARG C 106 14.24 -18.33 62.82
CA ARG C 106 13.36 -18.52 64.00
C ARG C 106 12.32 -19.64 63.84
N ALA C 107 11.93 -19.95 62.60
CA ALA C 107 11.07 -21.09 62.27
C ALA C 107 11.82 -22.43 62.09
N GLY C 108 13.14 -22.44 62.26
CA GLY C 108 14.00 -23.61 62.09
C GLY C 108 14.38 -23.98 60.66
N LEU C 109 14.51 -22.99 59.78
CA LEU C 109 14.91 -23.18 58.38
C LEU C 109 16.16 -22.35 58.15
N ARG C 110 17.31 -23.01 58.37
CA ARG C 110 18.63 -22.38 58.38
C ARG C 110 19.48 -22.87 57.20
N ASN C 111 18.88 -23.58 56.24
CA ASN C 111 19.57 -24.05 55.04
C ASN C 111 19.02 -23.17 53.92
N LEU C 112 19.87 -22.29 53.38
CA LEU C 112 19.45 -21.19 52.52
C LEU C 112 20.20 -21.24 51.19
N VAL C 113 19.49 -20.92 50.11
CA VAL C 113 20.10 -20.65 48.81
C VAL C 113 19.89 -19.13 48.54
N LEU C 114 21.00 -18.42 48.34
CA LEU C 114 20.97 -17.02 47.92
C LEU C 114 21.25 -16.93 46.44
N LEU C 115 20.30 -16.39 45.66
CA LEU C 115 20.45 -16.30 44.19
C LEU C 115 20.74 -14.86 43.71
N PHE C 116 21.68 -14.76 42.76
CA PHE C 116 22.13 -13.48 42.21
C PHE C 116 22.28 -13.55 40.68
N ASP C 117 21.37 -14.33 40.08
CA ASP C 117 21.45 -14.72 38.67
C ASP C 117 20.94 -13.68 37.66
N ASP C 118 20.18 -12.69 38.14
CA ASP C 118 19.52 -11.69 37.28
C ASP C 118 19.69 -10.29 37.93
N PHE C 134 30.07 -5.79 41.16
CA PHE C 134 28.94 -6.65 41.53
C PHE C 134 29.37 -7.79 42.46
N ALA C 135 30.46 -8.48 42.12
CA ALA C 135 30.96 -9.61 42.92
C ALA C 135 31.19 -9.26 44.40
N GLU C 136 31.88 -8.14 44.65
CA GLU C 136 32.19 -7.65 46.02
C GLU C 136 30.92 -7.29 46.81
N ALA C 137 29.97 -6.63 46.13
CA ALA C 137 28.67 -6.26 46.70
C ALA C 137 27.83 -7.47 47.10
N GLN C 138 27.66 -8.40 46.15
CA GLN C 138 26.94 -9.67 46.41
C GLN C 138 27.58 -10.49 47.52
N ALA C 139 28.91 -10.61 47.49
CA ALA C 139 29.72 -11.30 48.53
C ALA C 139 29.48 -10.75 49.92
N ASP C 140 29.54 -9.43 50.05
CA ASP C 140 29.30 -8.77 51.34
C ASP C 140 27.89 -9.04 51.89
N LEU C 141 26.89 -8.89 51.02
CA LEU C 141 25.49 -9.19 51.34
C LEU C 141 25.25 -10.65 51.80
N SER C 142 25.91 -11.58 51.12
CA SER C 142 25.85 -13.00 51.49
C SER C 142 26.56 -13.31 52.81
N ASN C 143 27.75 -12.75 53.00
CA ASN C 143 28.52 -12.88 54.26
C ASN C 143 27.74 -12.37 55.49
N MET C 144 27.02 -11.25 55.34
CA MET C 144 26.05 -10.74 56.33
C MET C 144 25.01 -11.81 56.71
N VAL C 145 24.42 -12.46 55.70
CA VAL C 145 23.43 -13.54 55.93
C VAL C 145 24.08 -14.70 56.70
N LEU C 146 25.24 -15.16 56.25
CA LEU C 146 26.01 -16.23 56.94
C LEU C 146 26.30 -15.91 58.40
N ARG C 147 26.78 -14.69 58.66
CA ARG C 147 27.08 -14.22 60.02
C ARG C 147 25.84 -14.15 60.94
N HIS C 148 24.68 -13.80 60.37
CA HIS C 148 23.39 -13.80 61.10
C HIS C 148 22.98 -15.21 61.59
N LEU C 149 23.34 -16.25 60.84
CA LEU C 149 23.06 -17.65 61.22
C LEU C 149 23.89 -18.21 62.41
N ARG C 150 24.97 -17.52 62.78
CA ARG C 150 25.80 -17.81 63.98
C ARG C 150 26.42 -19.22 64.00
N GLY C 151 26.93 -19.65 62.85
CA GLY C 151 27.52 -20.98 62.65
C GLY C 151 26.58 -22.17 62.54
N ALA C 152 25.27 -21.93 62.38
CA ALA C 152 24.26 -23.00 62.33
C ALA C 152 23.63 -23.03 60.93
N GLY C 153 23.47 -24.23 60.37
CA GLY C 153 22.95 -24.38 59.01
C GLY C 153 24.00 -24.06 57.95
N HIS C 154 23.54 -23.70 56.76
CA HIS C 154 24.38 -23.73 55.55
C HIS C 154 23.82 -22.80 54.46
N VAL C 155 24.73 -22.09 53.79
CA VAL C 155 24.39 -21.12 52.74
C VAL C 155 25.05 -21.60 51.42
N VAL C 156 24.23 -21.72 50.37
CA VAL C 156 24.72 -21.97 49.00
C VAL C 156 24.35 -20.77 48.11
N PHE C 157 25.32 -20.34 47.31
CA PHE C 157 25.28 -19.07 46.57
C PHE C 157 25.13 -19.41 45.10
N CYS C 158 24.09 -18.86 44.44
CA CYS C 158 24.00 -18.98 42.99
C CYS C 158 24.58 -17.69 42.36
N PRO C 159 25.72 -17.82 41.64
CA PRO C 159 26.34 -16.61 41.07
C PRO C 159 25.63 -16.08 39.83
N THR C 160 25.98 -14.85 39.47
CA THR C 160 25.43 -14.16 38.29
C THR C 160 25.93 -14.79 37.00
N GLU C 161 27.23 -15.06 36.96
CA GLU C 161 27.89 -15.92 35.97
C GLU C 161 28.00 -17.34 36.57
N TYR C 162 27.06 -18.22 36.20
CA TYR C 162 27.01 -19.58 36.77
C TYR C 162 27.34 -20.67 35.75
N CYS C 163 27.81 -20.28 34.57
CA CYS C 163 28.29 -21.20 33.56
C CYS C 163 29.48 -20.62 32.81
N GLY C 164 30.23 -21.50 32.15
CA GLY C 164 31.40 -21.15 31.33
C GLY C 164 31.21 -20.01 30.35
N ARG C 165 30.15 -20.10 29.55
CA ARG C 165 29.76 -19.07 28.58
C ARG C 165 29.59 -17.67 29.19
N MET C 166 28.88 -17.60 30.32
CA MET C 166 28.70 -16.33 31.07
C MET C 166 30.03 -15.79 31.63
N ALA C 167 30.90 -16.71 32.07
CA ALA C 167 32.28 -16.37 32.52
C ALA C 167 33.31 -16.09 31.41
N GLY C 168 32.95 -16.40 30.16
CA GLY C 168 33.70 -16.02 28.96
C GLY C 168 34.52 -17.12 28.32
N GLY C 169 34.32 -18.38 28.76
CA GLY C 169 34.95 -19.58 28.19
C GLY C 169 35.70 -20.32 29.28
N ASP C 170 36.95 -19.91 29.51
CA ASP C 170 37.75 -20.37 30.64
C ASP C 170 37.30 -19.52 31.84
N PRO C 171 36.69 -20.15 32.88
CA PRO C 171 36.21 -19.40 34.06
C PRO C 171 37.28 -18.59 34.82
N ARG C 172 38.54 -19.01 34.70
CA ARG C 172 39.67 -18.29 35.31
C ARG C 172 39.95 -16.92 34.68
N GLY C 173 39.47 -16.69 33.46
CA GLY C 173 39.45 -15.37 32.83
C GLY C 173 38.37 -14.37 33.25
N SER C 174 37.43 -14.77 34.13
CA SER C 174 36.34 -13.88 34.61
C SER C 174 36.77 -13.03 35.82
N ALA C 175 36.77 -11.71 35.62
CA ALA C 175 36.90 -10.69 36.68
C ALA C 175 35.92 -10.89 37.84
N TYR C 176 34.67 -11.16 37.48
CA TYR C 176 33.59 -11.51 38.41
C TYR C 176 33.93 -12.70 39.32
N LEU C 177 34.29 -13.85 38.72
CA LEU C 177 34.55 -15.08 39.49
C LEU C 177 35.82 -14.99 40.34
N GLN C 178 36.85 -14.37 39.76
CA GLN C 178 38.07 -14.00 40.49
C GLN C 178 37.81 -13.21 41.78
N ARG C 179 37.02 -12.14 41.66
CA ARG C 179 36.63 -11.33 42.83
C ARG C 179 35.70 -12.12 43.76
N LEU C 180 34.68 -12.80 43.19
CA LEU C 180 33.78 -13.69 43.98
C LEU C 180 34.49 -14.76 44.81
N GLY C 181 35.32 -15.58 44.16
CA GLY C 181 36.12 -16.62 44.81
C GLY C 181 37.01 -16.18 45.98
N SER C 182 37.56 -14.97 45.85
CA SER C 182 38.39 -14.37 46.90
C SER C 182 37.59 -13.67 48.04
N THR C 183 36.35 -13.24 47.76
CA THR C 183 35.55 -12.36 48.66
C THR C 183 34.41 -13.07 49.41
N LEU C 184 33.71 -14.00 48.76
CA LEU C 184 32.67 -14.83 49.40
C LEU C 184 33.29 -15.70 50.50
N ASP C 185 32.68 -15.70 51.70
CA ASP C 185 33.15 -16.48 52.86
C ASP C 185 33.44 -17.94 52.47
N PRO C 186 34.57 -18.52 52.94
CA PRO C 186 34.87 -19.94 52.68
C PRO C 186 33.82 -21.02 53.03
N ALA C 187 32.97 -20.75 54.03
CA ALA C 187 31.89 -21.65 54.45
C ALA C 187 30.73 -21.76 53.43
N ILE C 188 30.59 -20.76 52.55
CA ILE C 188 29.50 -20.67 51.59
C ILE C 188 29.89 -21.46 50.32
N ASP C 189 29.07 -22.43 49.94
CA ASP C 189 29.29 -23.18 48.69
C ASP C 189 28.69 -22.39 47.50
N ILE C 190 29.17 -22.69 46.30
CA ILE C 190 28.78 -21.99 45.06
C ILE C 190 28.27 -22.98 44.01
N PHE C 191 27.12 -22.63 43.42
CA PHE C 191 26.53 -23.38 42.31
C PHE C 191 27.25 -23.12 40.99
N TRP C 192 27.21 -24.11 40.10
CA TRP C 192 27.84 -24.03 38.79
C TRP C 192 27.09 -25.00 37.88
N THR C 193 26.70 -24.56 36.68
CA THR C 193 25.92 -25.42 35.74
C THR C 193 26.74 -26.15 34.65
N GLY C 194 28.06 -25.94 34.66
CA GLY C 194 29.03 -26.47 33.68
C GLY C 194 29.36 -25.39 32.64
N PRO C 195 29.82 -25.78 31.42
CA PRO C 195 30.14 -24.77 30.39
C PRO C 195 28.96 -23.92 29.82
N GLU C 196 27.73 -24.43 29.96
CA GLU C 196 26.49 -23.78 29.50
C GLU C 196 25.42 -23.88 30.57
N ILE C 197 24.30 -23.17 30.39
CA ILE C 197 23.15 -23.28 31.31
C ILE C 197 22.67 -24.75 31.31
N VAL C 198 22.54 -25.31 30.11
CA VAL C 198 22.23 -26.71 29.87
C VAL C 198 23.46 -27.29 29.18
N SER C 199 24.31 -27.98 29.96
CA SER C 199 25.60 -28.51 29.48
C SER C 199 25.43 -29.87 28.79
N GLU C 200 25.95 -29.98 27.59
CA GLU C 200 25.98 -31.27 26.86
C GLU C 200 26.96 -32.23 27.52
N GLU C 201 28.11 -31.68 27.91
CA GLU C 201 29.14 -32.39 28.69
C GLU C 201 29.68 -31.49 29.82
N ILE C 202 29.99 -32.14 30.95
CA ILE C 202 30.72 -31.52 32.06
C ILE C 202 31.97 -32.39 32.24
N VAL C 203 33.13 -31.80 31.93
CA VAL C 203 34.39 -32.55 31.89
C VAL C 203 35.35 -32.07 32.98
N ALA C 204 36.24 -33.00 33.35
CA ALA C 204 37.16 -32.84 34.47
C ALA C 204 38.07 -31.60 34.40
N ALA C 205 38.68 -31.34 33.24
CA ALA C 205 39.50 -30.12 33.04
C ALA C 205 38.73 -28.81 33.25
N HIS C 206 37.44 -28.80 32.85
CA HIS C 206 36.55 -27.66 33.08
C HIS C 206 36.36 -27.39 34.57
N LEU C 207 35.93 -28.43 35.29
CA LEU C 207 35.69 -28.32 36.74
C LEU C 207 36.91 -28.03 37.60
N ALA C 208 38.07 -28.53 37.18
CA ALA C 208 39.35 -28.15 37.78
C ALA C 208 39.64 -26.64 37.66
N ALA C 209 39.39 -26.07 36.47
CA ALA C 209 39.50 -24.62 36.25
C ALA C 209 38.49 -23.80 37.07
N VAL C 210 37.26 -24.29 37.17
CA VAL C 210 36.20 -23.68 38.01
C VAL C 210 36.59 -23.63 39.48
N GLY C 211 37.09 -24.75 39.99
CA GLY C 211 37.56 -24.85 41.37
C GLY C 211 38.71 -23.90 41.71
N GLU C 212 39.63 -23.73 40.76
CA GLU C 212 40.71 -22.73 40.85
C GLU C 212 40.20 -21.29 41.04
N VAL C 213 39.30 -20.83 40.17
CA VAL C 213 38.79 -19.44 40.23
C VAL C 213 37.84 -19.19 41.43
N LEU C 214 36.92 -20.13 41.69
CA LEU C 214 36.05 -20.11 42.88
C LEU C 214 36.75 -20.36 44.23
N ARG C 215 37.96 -20.94 44.20
CA ARG C 215 38.76 -21.26 45.41
C ARG C 215 38.04 -22.31 46.31
N ARG C 216 37.29 -23.20 45.65
CA ARG C 216 36.49 -24.25 46.30
C ARG C 216 35.87 -25.12 45.20
N ARG C 217 35.67 -26.40 45.50
CA ARG C 217 34.92 -27.31 44.61
C ARG C 217 33.46 -26.82 44.48
N PRO C 218 32.93 -26.66 43.25
CA PRO C 218 31.54 -26.20 43.07
C PRO C 218 30.49 -27.26 43.44
N VAL C 219 29.32 -26.80 43.85
CA VAL C 219 28.16 -27.67 43.89
C VAL C 219 27.56 -27.58 42.50
N ILE C 220 27.43 -28.73 41.83
CA ILE C 220 26.75 -28.76 40.52
C ILE C 220 25.25 -28.54 40.69
N TRP C 221 24.73 -27.63 39.86
CA TRP C 221 23.31 -27.45 39.51
C TRP C 221 23.22 -27.87 38.04
N ASP C 222 22.74 -29.09 37.82
CA ASP C 222 22.67 -29.68 36.51
C ASP C 222 21.28 -29.37 35.93
N ASN C 223 21.26 -28.78 34.73
CA ASN C 223 20.01 -28.58 33.97
C ASN C 223 19.80 -29.55 32.81
N PHE C 224 20.57 -30.62 32.77
CA PHE C 224 20.48 -31.64 31.72
C PHE C 224 19.01 -32.10 31.47
N HIS C 225 18.25 -32.39 32.52
CA HIS C 225 16.81 -32.79 32.43
C HIS C 225 15.74 -31.69 32.46
N ALA C 226 16.16 -30.43 32.51
CA ALA C 226 15.21 -29.30 32.52
C ALA C 226 14.55 -29.18 31.16
N ASN C 227 13.26 -28.90 31.18
CA ASN C 227 12.49 -28.70 29.95
C ASN C 227 11.74 -27.36 29.86
N ASP C 228 11.98 -26.43 30.79
CA ASP C 228 11.30 -25.13 30.72
C ASP C 228 11.70 -24.25 29.52
N TYR C 229 12.79 -24.55 28.82
CA TYR C 229 13.17 -23.78 27.59
C TYR C 229 12.44 -24.09 26.28
N ASP C 230 11.69 -25.20 26.23
CA ASP C 230 11.03 -25.68 25.01
C ASP C 230 9.67 -26.31 25.34
N ILE C 231 8.61 -25.65 24.86
CA ILE C 231 7.23 -26.08 24.97
C ILE C 231 6.99 -27.53 24.42
N ARG C 232 7.81 -27.93 23.45
CA ARG C 232 7.69 -29.20 22.72
C ARG C 232 8.35 -30.43 23.40
N ARG C 233 9.10 -30.21 24.48
CA ARG C 233 10.08 -31.19 24.95
C ARG C 233 9.96 -31.56 26.44
N VAL C 234 10.33 -32.81 26.74
CA VAL C 234 10.38 -33.41 28.06
C VAL C 234 11.49 -34.49 28.01
N PHE C 235 12.14 -34.75 29.13
CA PHE C 235 13.38 -35.56 29.16
C PHE C 235 13.25 -36.71 30.14
N ALA C 236 12.88 -37.84 29.58
CA ALA C 236 12.72 -39.10 30.29
C ALA C 236 13.86 -40.04 30.08
N GLY C 237 14.90 -39.64 29.34
CA GLY C 237 16.13 -40.44 29.21
C GLY C 237 17.10 -40.41 30.39
N PRO C 238 18.18 -41.21 30.31
CA PRO C 238 19.17 -41.21 31.38
C PRO C 238 20.06 -39.99 31.43
N LEU C 239 20.65 -39.71 32.58
CA LEU C 239 21.70 -38.68 32.65
C LEU C 239 22.88 -39.14 31.77
N GLY C 240 23.38 -38.23 30.93
CA GLY C 240 24.50 -38.49 30.01
C GLY C 240 25.42 -37.29 29.91
N GLY C 241 26.62 -37.54 29.38
CA GLY C 241 27.65 -36.51 29.21
C GLY C 241 28.51 -36.13 30.42
N ARG C 242 28.33 -36.80 31.57
CA ARG C 242 29.17 -36.60 32.76
C ARG C 242 29.80 -37.92 33.15
N SER C 243 31.12 -37.99 33.02
CA SER C 243 31.93 -39.08 33.57
C SER C 243 31.89 -39.08 35.10
N ARG C 244 32.03 -40.26 35.67
CA ARG C 244 32.20 -40.37 37.13
C ARG C 244 33.55 -39.81 37.64
N ASP C 245 34.55 -39.72 36.76
CA ASP C 245 35.84 -39.07 37.06
C ASP C 245 35.77 -37.55 37.41
N ILE C 246 34.64 -36.89 37.11
CA ILE C 246 34.42 -35.51 37.57
C ILE C 246 34.02 -35.37 39.06
N LEU C 247 33.51 -36.43 39.69
CA LEU C 247 32.94 -36.33 41.05
C LEU C 247 33.89 -35.96 42.20
N PRO C 248 35.18 -36.36 42.12
CA PRO C 248 36.21 -35.80 43.01
C PRO C 248 36.40 -34.26 42.99
N LEU C 249 36.04 -33.63 41.87
CA LEU C 249 36.13 -32.17 41.66
C LEU C 249 34.92 -31.32 42.12
N VAL C 250 33.85 -31.96 42.60
CA VAL C 250 32.63 -31.30 43.11
C VAL C 250 32.37 -31.49 44.63
N ALA C 251 31.66 -30.51 45.20
CA ALA C 251 31.21 -30.53 46.59
C ALA C 251 29.76 -31.02 46.77
N GLY C 252 29.06 -31.20 45.65
CA GLY C 252 27.63 -31.48 45.62
C GLY C 252 27.09 -31.66 44.21
N TRP C 253 25.89 -32.27 44.15
CA TRP C 253 25.20 -32.54 42.89
C TRP C 253 23.70 -32.40 43.03
N ILE C 254 23.16 -31.32 42.49
CA ILE C 254 21.73 -31.02 42.49
C ILE C 254 21.28 -30.97 41.05
N THR C 255 20.11 -31.52 40.78
CA THR C 255 19.54 -31.52 39.43
C THR C 255 18.24 -30.74 39.42
N ASN C 256 18.08 -29.89 38.38
CA ASN C 256 16.90 -29.06 38.18
C ASN C 256 16.07 -29.74 37.06
N PRO C 257 15.05 -30.55 37.43
CA PRO C 257 14.52 -31.48 36.45
C PRO C 257 13.33 -30.91 35.64
N ASN C 258 12.52 -31.79 35.04
CA ASN C 258 11.37 -31.34 34.24
C ASN C 258 10.29 -30.63 35.10
N ASN C 259 9.57 -29.69 34.48
CA ASN C 259 8.40 -29.03 35.10
C ASN C 259 7.37 -30.01 35.68
N GLU C 260 7.12 -31.08 34.94
CA GLU C 260 6.09 -32.09 35.28
C GLU C 260 6.69 -33.09 36.26
N ALA C 261 6.15 -33.10 37.48
CA ALA C 261 6.72 -33.97 38.55
C ALA C 261 6.83 -35.44 38.14
N GLU C 262 5.71 -35.99 37.66
CA GLU C 262 5.66 -37.41 37.18
C GLU C 262 6.64 -37.73 36.03
N ALA C 263 7.06 -36.76 35.25
CA ALA C 263 8.13 -36.98 34.23
C ALA C 263 9.49 -37.37 34.80
N ASN C 264 9.76 -37.00 36.05
CA ASN C 264 11.11 -37.10 36.64
C ASN C 264 11.57 -38.43 37.24
N PHE C 265 10.74 -39.48 37.18
CA PHE C 265 11.19 -40.78 37.70
C PHE C 265 12.53 -41.22 37.07
N PRO C 266 12.64 -41.24 35.71
CA PRO C 266 13.95 -41.64 35.15
C PRO C 266 15.11 -40.70 35.44
N ALA C 267 14.85 -39.39 35.41
CA ALA C 267 15.87 -38.37 35.76
C ALA C 267 16.46 -38.63 37.16
N ILE C 268 15.59 -38.80 38.15
CA ILE C 268 16.02 -39.05 39.56
C ILE C 268 16.70 -40.43 39.69
N HIS C 269 16.08 -41.47 39.14
CA HIS C 269 16.63 -42.85 39.17
C HIS C 269 18.05 -42.88 38.63
N THR C 270 18.23 -42.34 37.42
CA THR C 270 19.51 -42.42 36.70
C THR C 270 20.59 -41.47 37.32
N THR C 271 20.17 -40.29 37.76
CA THR C 271 21.07 -39.36 38.51
C THR C 271 21.58 -39.99 39.82
N GLY C 272 20.69 -40.61 40.60
CA GLY C 272 21.08 -41.40 41.79
C GLY C 272 22.01 -42.56 41.49
N ALA C 273 21.71 -43.29 40.41
CA ALA C 273 22.60 -44.36 39.87
C ALA C 273 23.98 -43.84 39.48
N TYR C 274 24.01 -42.67 38.82
CA TYR C 274 25.29 -42.04 38.44
C TYR C 274 26.15 -41.70 39.64
N LEU C 275 25.53 -41.08 40.64
CA LEU C 275 26.23 -40.75 41.89
C LEU C 275 26.63 -41.97 42.74
N ALA C 276 25.87 -43.07 42.68
CA ALA C 276 26.17 -44.27 43.51
C ALA C 276 27.05 -45.34 42.84
N ASP C 277 26.81 -45.62 41.55
CA ASP C 277 27.29 -46.82 40.87
C ASP C 277 28.55 -46.52 40.05
N PRO C 278 29.72 -47.11 40.40
CA PRO C 278 30.94 -46.84 39.61
C PRO C 278 30.90 -47.27 38.14
N ASP C 279 30.16 -48.36 37.88
CA ASP C 279 29.91 -48.88 36.52
C ASP C 279 28.71 -48.23 35.80
N TYR C 280 28.20 -47.09 36.28
CA TYR C 280 27.19 -46.31 35.57
C TYR C 280 27.42 -46.22 34.06
N ALA C 281 26.38 -46.57 33.32
CA ALA C 281 26.34 -46.56 31.85
C ALA C 281 24.89 -46.16 31.46
N PRO C 282 24.70 -45.06 30.66
CA PRO C 282 23.32 -44.53 30.53
C PRO C 282 22.26 -45.50 30.00
N GLU C 283 22.62 -46.32 29.02
CA GLU C 283 21.67 -47.26 28.41
C GLU C 283 21.28 -48.40 29.36
N ARG C 284 22.24 -48.88 30.16
CA ARG C 284 21.94 -49.86 31.20
C ARG C 284 21.12 -49.24 32.34
N ALA C 285 21.42 -47.99 32.71
CA ALA C 285 20.71 -47.28 33.76
C ALA C 285 19.24 -47.03 33.41
N ILE C 286 18.97 -46.67 32.16
CA ILE C 286 17.58 -46.42 31.75
C ILE C 286 16.74 -47.71 31.73
N ALA C 287 17.35 -48.83 31.37
CA ALA C 287 16.72 -50.16 31.52
C ALA C 287 16.31 -50.44 32.97
N ALA C 288 17.20 -50.15 33.91
CA ALA C 288 16.92 -50.34 35.36
C ALA C 288 15.85 -49.37 35.85
N ALA C 289 15.88 -48.15 35.34
CA ALA C 289 14.87 -47.15 35.66
C ALA C 289 13.49 -47.58 35.17
N VAL C 290 13.44 -48.04 33.91
CA VAL C 290 12.19 -48.49 33.26
C VAL C 290 11.56 -49.65 34.03
N ALA C 291 12.38 -50.63 34.43
CA ALA C 291 11.92 -51.75 35.27
C ALA C 291 11.33 -51.29 36.63
N ALA C 292 11.99 -50.34 37.29
CA ALA C 292 11.49 -49.74 38.54
C ALA C 292 10.23 -48.90 38.37
N TRP C 293 10.17 -48.17 37.25
CA TRP C 293 9.07 -47.26 36.90
C TRP C 293 7.78 -47.94 36.44
N GLN C 294 7.90 -49.09 35.77
CA GLN C 294 6.77 -49.76 35.10
C GLN C 294 5.51 -50.04 35.96
N PRO C 295 5.64 -50.46 37.24
CA PRO C 295 4.43 -50.62 38.08
C PRO C 295 3.54 -49.35 38.29
N ARG C 296 4.12 -48.17 38.16
N ARG C 296 4.12 -48.16 38.17
CA ARG C 296 3.37 -46.91 38.13
CA ARG C 296 3.35 -46.92 38.15
C ARG C 296 2.39 -46.75 36.96
C ARG C 296 2.39 -46.75 36.97
N PHE C 297 2.59 -47.55 35.92
CA PHE C 297 1.73 -47.61 34.74
C PHE C 297 0.65 -48.69 34.85
N ARG C 298 0.17 -49.01 36.06
CA ARG C 298 -0.90 -50.00 36.24
C ARG C 298 -2.18 -49.44 35.60
N LEU C 299 -2.95 -50.34 34.97
CA LEU C 299 -4.21 -49.96 34.33
C LEU C 299 -5.34 -49.86 35.33
N ALA C 300 -6.26 -48.91 35.14
CA ALA C 300 -7.44 -48.73 36.02
C ALA C 300 -8.47 -49.82 35.73
N PHE C 301 -9.07 -50.39 36.78
CA PHE C 301 -10.09 -51.48 36.66
C PHE C 301 -9.61 -52.71 35.87
N GLY C 302 -8.76 -53.51 36.51
CA GLY C 302 -8.15 -54.69 35.88
C GLY C 302 -6.68 -54.82 36.24
N ASP C 303 -6.14 -56.02 36.01
CA ASP C 303 -4.79 -56.41 36.46
C ASP C 303 -3.64 -56.19 35.47
N GLY C 304 -3.84 -55.36 34.43
CA GLY C 304 -2.77 -55.03 33.47
C GLY C 304 -1.89 -53.85 33.85
N ALA C 305 -0.78 -53.72 33.13
CA ALA C 305 0.10 -52.55 33.19
C ALA C 305 0.74 -52.38 31.82
N VAL C 306 1.13 -51.15 31.50
CA VAL C 306 1.80 -50.83 30.22
C VAL C 306 3.10 -51.65 30.14
N PRO C 307 3.28 -52.51 29.11
CA PRO C 307 4.50 -53.30 28.91
C PRO C 307 5.79 -52.52 29.07
N SER C 308 6.77 -53.12 29.76
CA SER C 308 8.16 -52.57 29.89
C SER C 308 8.78 -52.01 28.60
N ASP C 309 8.62 -52.73 27.49
CA ASP C 309 9.15 -52.25 26.20
C ASP C 309 8.51 -50.96 25.66
N LEU C 310 7.24 -50.72 26.00
CA LEU C 310 6.56 -49.47 25.61
C LEU C 310 6.88 -48.33 26.57
N VAL C 311 7.12 -48.64 27.84
CA VAL C 311 7.67 -47.62 28.77
C VAL C 311 9.07 -47.21 28.31
N ALA C 312 9.90 -48.19 27.93
CA ALA C 312 11.22 -47.94 27.31
C ALA C 312 11.13 -47.07 26.06
N LEU C 313 10.11 -47.30 25.23
CA LEU C 313 9.86 -46.46 24.06
C LEU C 313 9.59 -45.01 24.45
N LEU C 314 8.80 -44.81 25.52
CA LEU C 314 8.56 -43.49 26.06
C LEU C 314 9.88 -42.74 26.34
N CYS C 315 10.81 -43.40 27.03
CA CYS C 315 12.14 -42.78 27.28
C CYS C 315 12.96 -42.53 26.00
N ASP C 316 12.95 -43.47 25.07
CA ASP C 316 13.64 -43.34 23.77
C ASP C 316 13.16 -42.14 22.94
N LEU C 317 11.85 -41.96 22.87
CA LEU C 317 11.24 -40.82 22.16
C LEU C 317 11.61 -39.48 22.83
N PHE C 318 11.54 -39.48 24.16
CA PHE C 318 11.70 -38.30 24.98
C PHE C 318 12.98 -38.46 25.84
N TRP C 319 14.13 -38.36 25.17
CA TRP C 319 15.41 -38.92 25.65
C TRP C 319 16.25 -37.86 26.34
N GLN C 320 16.95 -37.04 25.57
CA GLN C 320 17.93 -36.13 26.18
C GLN C 320 17.95 -34.83 25.41
N PRO C 321 18.44 -33.74 26.06
CA PRO C 321 18.56 -32.45 25.35
C PRO C 321 19.39 -32.47 24.05
N PHE C 322 20.45 -33.27 23.96
CA PHE C 322 21.31 -33.24 22.77
C PHE C 322 21.36 -34.55 21.98
N ALA C 323 20.36 -35.41 22.16
CA ALA C 323 20.33 -36.72 21.48
C ALA C 323 18.91 -37.28 21.50
N LEU C 324 18.51 -37.90 20.38
CA LEU C 324 17.32 -38.71 20.35
C LEU C 324 17.75 -40.07 20.95
N GLY C 325 16.77 -40.88 21.34
CA GLY C 325 17.07 -42.20 21.90
C GLY C 325 17.73 -43.12 20.89
N PRO C 326 18.39 -44.21 21.35
CA PRO C 326 19.12 -45.06 20.40
C PRO C 326 18.23 -45.72 19.30
N GLU C 327 17.02 -46.15 19.65
CA GLU C 327 16.05 -46.76 18.69
C GLU C 327 15.55 -45.72 17.69
N THR C 328 15.16 -44.56 18.21
CA THR C 328 14.59 -43.48 17.38
C THR C 328 15.64 -42.90 16.44
N THR C 329 16.85 -42.67 16.97
CA THR C 329 18.02 -42.23 16.17
C THR C 329 18.29 -43.13 15.00
N ARG C 330 18.41 -44.43 15.25
CA ARG C 330 18.70 -45.40 14.20
C ARG C 330 17.59 -45.48 13.13
N ILE C 331 16.31 -45.43 13.56
CA ILE C 331 15.15 -45.49 12.63
C ILE C 331 15.14 -44.28 11.67
N LEU C 332 15.28 -43.08 12.22
CA LEU C 332 15.35 -41.86 11.40
C LEU C 332 16.62 -41.78 10.55
N SER C 333 17.76 -42.24 11.05
CA SER C 333 19.04 -42.23 10.30
C SER C 333 18.99 -43.12 9.06
N ALA C 334 18.49 -44.35 9.26
CA ALA C 334 18.16 -45.28 8.17
C ALA C 334 17.23 -44.67 7.09
N LEU C 335 16.21 -43.94 7.55
CA LEU C 335 15.26 -43.26 6.66
C LEU C 335 15.95 -42.13 5.86
N ARG C 336 16.69 -41.26 6.55
CA ARG C 336 17.54 -40.21 5.91
C ARG C 336 18.43 -40.72 4.79
N ALA C 337 19.11 -41.85 5.04
CA ALA C 337 20.01 -42.47 4.06
C ALA C 337 19.25 -42.96 2.84
N ALA C 338 18.13 -43.63 3.11
CA ALA C 338 17.22 -44.14 2.09
C ALA C 338 16.57 -43.02 1.24
N LEU C 339 16.39 -41.83 1.86
CA LEU C 339 15.88 -40.61 1.21
C LEU C 339 16.95 -39.64 0.61
N THR C 340 18.13 -40.16 0.28
CA THR C 340 19.14 -39.37 -0.45
C THR C 340 18.76 -39.12 -1.93
N VAL C 341 17.84 -39.93 -2.47
CA VAL C 341 17.32 -39.82 -3.85
C VAL C 341 15.94 -39.16 -3.89
N PRO C 342 15.58 -38.51 -5.02
CA PRO C 342 14.20 -37.97 -5.11
C PRO C 342 13.06 -39.02 -5.12
N ARG C 343 13.34 -40.21 -5.67
CA ARG C 343 12.42 -41.35 -5.74
C ARG C 343 13.11 -42.65 -5.29
N PRO C 344 12.95 -43.03 -3.99
CA PRO C 344 13.49 -44.32 -3.51
C PRO C 344 12.88 -45.52 -4.24
N ASP C 345 13.70 -46.55 -4.46
CA ASP C 345 13.29 -47.76 -5.17
C ASP C 345 12.49 -48.65 -4.19
N PRO C 346 11.18 -48.89 -4.45
CA PRO C 346 10.40 -49.75 -3.55
C PRO C 346 10.92 -51.19 -3.40
N SER C 347 11.64 -51.70 -4.41
CA SER C 347 12.33 -53.01 -4.36
C SER C 347 13.65 -53.07 -3.55
N ASP C 348 14.22 -51.92 -3.20
CA ASP C 348 15.50 -51.84 -2.47
C ASP C 348 15.28 -52.25 -0.99
N PRO C 349 16.00 -53.30 -0.50
CA PRO C 349 15.83 -53.69 0.92
C PRO C 349 16.21 -52.65 1.96
N ALA C 350 17.10 -51.71 1.61
CA ALA C 350 17.44 -50.58 2.47
C ALA C 350 16.21 -49.72 2.72
N TRP C 351 15.51 -49.38 1.64
CA TRP C 351 14.27 -48.59 1.71
C TRP C 351 13.19 -49.37 2.43
N ARG C 352 12.93 -50.61 1.99
CA ARG C 352 11.91 -51.49 2.60
C ARG C 352 12.08 -51.67 4.11
N ALA C 353 13.31 -51.92 4.56
CA ALA C 353 13.61 -52.02 6.00
C ALA C 353 13.33 -50.73 6.79
N ALA C 354 13.76 -49.60 6.21
CA ALA C 354 13.59 -48.28 6.81
C ALA C 354 12.11 -47.88 6.95
N LEU C 355 11.35 -48.10 5.88
CA LEU C 355 9.91 -47.85 5.86
C LEU C 355 9.17 -48.75 6.84
N GLU C 356 9.50 -50.04 6.90
CA GLU C 356 8.84 -51.00 7.81
C GLU C 356 9.06 -50.67 9.28
N ASP C 357 10.30 -50.32 9.65
CA ASP C 357 10.63 -49.88 11.00
C ASP C 357 9.90 -48.58 11.35
N LEU C 358 9.78 -47.67 10.38
CA LEU C 358 9.01 -46.42 10.58
C LEU C 358 7.51 -46.75 10.85
N ARG C 359 6.93 -47.60 10.02
CA ARG C 359 5.57 -48.10 10.23
C ARG C 359 5.37 -48.76 11.62
N ASP C 360 6.34 -49.60 12.02
CA ASP C 360 6.35 -50.26 13.32
C ASP C 360 6.49 -49.24 14.45
N LEU C 361 7.33 -48.22 14.26
CA LEU C 361 7.44 -47.13 15.21
C LEU C 361 6.07 -46.47 15.43
N LYS C 362 5.38 -46.13 14.33
CA LYS C 362 4.01 -45.59 14.35
C LYS C 362 3.05 -46.45 15.14
N ARG C 363 2.99 -47.75 14.81
CA ARG C 363 2.11 -48.72 15.52
C ARG C 363 2.38 -48.78 17.03
N ARG C 364 3.65 -48.74 17.41
CA ARG C 364 4.07 -48.82 18.84
C ARG C 364 3.74 -47.58 19.64
N ILE C 365 3.95 -46.41 19.03
CA ILE C 365 3.54 -45.11 19.60
C ILE C 365 2.04 -45.13 19.83
N ASN C 366 1.27 -45.55 18.82
CA ASN C 366 -0.22 -45.65 18.91
C ASN C 366 -0.65 -46.55 20.08
N LYS C 367 -0.01 -47.71 20.19
CA LYS C 367 -0.22 -48.68 21.26
C LYS C 367 0.04 -48.07 22.64
N LEU C 368 1.20 -47.43 22.79
CA LEU C 368 1.64 -46.69 23.98
C LEU C 368 0.63 -45.63 24.34
N PHE C 369 0.30 -44.76 23.37
CA PHE C 369 -0.71 -43.71 23.59
C PHE C 369 -2.06 -44.25 24.10
N THR C 370 -2.60 -45.25 23.42
CA THR C 370 -3.90 -45.84 23.81
C THR C 370 -3.85 -46.38 25.24
N LEU C 371 -2.77 -47.12 25.56
CA LEU C 371 -2.62 -47.71 26.90
C LEU C 371 -2.45 -46.65 27.99
N MET C 372 -1.73 -45.56 27.70
CA MET C 372 -1.61 -44.42 28.62
C MET C 372 -2.96 -43.78 29.02
N THR C 373 -3.91 -43.70 28.07
CA THR C 373 -5.28 -43.22 28.38
C THR C 373 -5.99 -44.08 29.43
N GLU C 374 -5.60 -45.35 29.54
CA GLU C 374 -6.18 -46.32 30.48
C GLU C 374 -5.47 -46.50 31.84
N ILE C 375 -4.28 -45.91 32.06
CA ILE C 375 -3.57 -46.05 33.37
C ILE C 375 -4.31 -45.37 34.55
N GLU C 376 -4.07 -45.90 35.74
CA GLU C 376 -4.74 -45.45 36.97
C GLU C 376 -4.27 -44.05 37.39
N ASN C 377 -2.95 -43.86 37.36
CA ASN C 377 -2.33 -42.56 37.69
C ASN C 377 -2.57 -41.49 36.61
N ARG C 378 -3.57 -40.66 36.83
CA ARG C 378 -3.97 -39.62 35.87
C ARG C 378 -2.97 -38.47 35.75
N ASP C 379 -2.21 -38.21 36.80
CA ASP C 379 -1.13 -37.18 36.76
C ASP C 379 -0.02 -37.60 35.79
N LEU C 380 0.37 -38.88 35.83
CA LEU C 380 1.34 -39.49 34.87
C LEU C 380 0.80 -39.46 33.45
N PHE C 381 -0.49 -39.81 33.31
CA PHE C 381 -1.16 -39.73 32.00
C PHE C 381 -1.08 -38.30 31.42
N HIS C 382 -1.59 -37.32 32.17
CA HIS C 382 -1.58 -35.92 31.71
C HIS C 382 -0.15 -35.32 31.58
N THR C 383 0.84 -35.87 32.28
CA THR C 383 2.25 -35.51 32.02
C THR C 383 2.65 -35.75 30.55
N PHE C 384 2.34 -36.95 30.02
CA PHE C 384 2.78 -37.34 28.69
C PHE C 384 1.75 -37.28 27.57
N HIS C 385 0.48 -37.06 27.90
CA HIS C 385 -0.59 -36.96 26.92
C HIS C 385 -0.23 -36.09 25.70
N ASN C 386 0.05 -34.80 25.92
N ASN C 386 0.05 -34.80 25.92
CA ASN C 386 0.36 -33.88 24.82
CA ASN C 386 0.34 -33.87 24.80
C ASN C 386 1.65 -34.20 24.05
C ASN C 386 1.65 -34.21 24.04
N TYR C 387 2.71 -34.55 24.76
CA TYR C 387 3.96 -34.97 24.13
C TYR C 387 3.84 -36.20 23.24
N LEU C 388 3.02 -37.13 23.70
CA LEU C 388 2.72 -38.36 22.92
C LEU C 388 1.86 -38.13 21.69
N TRP C 389 0.78 -37.33 21.82
CA TRP C 389 0.00 -36.83 20.67
C TRP C 389 0.95 -36.22 19.60
N GLU C 390 1.84 -35.33 20.03
CA GLU C 390 2.73 -34.60 19.14
C GLU C 390 3.58 -35.52 18.27
N ALA C 391 4.17 -36.51 18.95
CA ALA C 391 5.07 -37.50 18.37
C ALA C 391 4.35 -38.41 17.38
N GLN C 392 3.16 -38.86 17.81
CA GLN C 392 2.24 -39.64 16.98
C GLN C 392 1.86 -38.94 15.68
N GLU C 393 1.51 -37.64 15.79
CA GLU C 393 1.10 -36.89 14.63
C GLU C 393 2.27 -36.73 13.64
N GLU C 394 3.45 -36.44 14.15
CA GLU C 394 4.65 -36.25 13.32
C GLU C 394 5.02 -37.51 12.60
N VAL C 395 5.10 -38.60 13.37
CA VAL C 395 5.39 -39.92 12.79
C VAL C 395 4.35 -40.32 11.76
N GLY C 396 3.04 -40.10 12.03
CA GLY C 396 1.96 -40.40 11.06
C GLY C 396 2.09 -39.69 9.71
N HIS C 397 2.42 -38.41 9.76
CA HIS C 397 2.67 -37.61 8.53
C HIS C 397 3.91 -38.04 7.73
N LEU C 398 4.98 -38.40 8.43
CA LEU C 398 6.20 -38.96 7.81
C LEU C 398 5.87 -40.29 7.13
N VAL C 399 5.13 -41.16 7.84
CA VAL C 399 4.60 -42.42 7.28
C VAL C 399 3.73 -42.15 6.03
N ALA C 400 2.81 -41.19 6.06
CA ALA C 400 1.93 -40.84 4.89
C ALA C 400 2.76 -40.37 3.66
N TYR C 401 3.80 -39.60 3.93
CA TYR C 401 4.74 -39.15 2.89
C TYR C 401 5.57 -40.31 2.30
N CYS C 402 6.19 -41.08 3.19
CA CYS C 402 6.99 -42.25 2.78
C CYS C 402 6.13 -43.34 2.06
N ASP C 403 4.91 -43.60 2.57
CA ASP C 403 3.88 -44.43 1.89
C ASP C 403 3.59 -43.96 0.46
N TRP C 404 3.46 -42.65 0.24
CA TRP C 404 3.24 -42.08 -1.12
C TRP C 404 4.46 -42.35 -2.03
N LEU C 405 5.67 -42.13 -1.51
CA LEU C 405 6.89 -42.53 -2.23
C LEU C 405 6.98 -44.04 -2.52
N ASP C 406 6.44 -44.86 -1.63
CA ASP C 406 6.43 -46.33 -1.83
C ASP C 406 5.56 -46.85 -2.98
N GLU C 407 4.58 -46.05 -3.41
CA GLU C 407 3.77 -46.28 -4.65
C GLU C 407 4.53 -45.98 -5.98
N ALA C 408 5.77 -45.47 -5.88
CA ALA C 408 6.62 -45.10 -7.03
C ALA C 408 5.96 -44.06 -7.94
N PRO C 409 5.70 -42.83 -7.42
CA PRO C 409 5.10 -41.77 -8.24
C PRO C 409 6.10 -41.26 -9.30
N PRO C 410 5.62 -40.67 -10.44
CA PRO C 410 6.57 -40.11 -11.41
C PRO C 410 7.38 -38.92 -10.86
N PRO C 411 8.58 -38.63 -11.42
CA PRO C 411 9.43 -37.53 -10.88
C PRO C 411 8.77 -36.15 -10.81
N GLY C 412 7.93 -35.83 -11.80
CA GLY C 412 7.13 -34.60 -11.82
C GLY C 412 5.94 -34.51 -10.86
N ALA C 413 5.42 -35.65 -10.41
CA ALA C 413 4.28 -35.69 -9.45
C ALA C 413 4.62 -35.04 -8.10
N VAL C 414 3.65 -34.33 -7.52
CA VAL C 414 3.79 -33.65 -6.23
C VAL C 414 2.88 -34.32 -5.21
N PHE C 415 3.43 -34.54 -4.00
CA PHE C 415 2.72 -35.15 -2.87
C PHE C 415 1.33 -34.50 -2.62
N PRO C 416 0.24 -35.32 -2.63
CA PRO C 416 -1.12 -34.75 -2.47
C PRO C 416 -1.41 -34.51 -0.98
N ALA C 417 -0.83 -33.44 -0.46
CA ALA C 417 -0.88 -33.11 0.97
C ALA C 417 -2.27 -32.86 1.54
N THR C 418 -3.14 -32.19 0.75
CA THR C 418 -4.52 -31.88 1.15
C THR C 418 -5.34 -33.13 1.55
N ASP C 419 -5.16 -34.25 0.85
CA ASP C 419 -5.88 -35.51 1.25
C ASP C 419 -5.19 -36.34 2.32
N ARG C 420 -3.88 -36.13 2.51
CA ARG C 420 -3.02 -36.98 3.36
C ARG C 420 -2.55 -36.39 4.69
N ILE C 421 -2.49 -35.05 4.79
CA ILE C 421 -2.05 -34.30 6.00
C ILE C 421 -3.12 -33.32 6.43
N HIS C 422 -3.37 -33.17 7.73
CA HIS C 422 -4.41 -32.27 8.20
C HIS C 422 -4.06 -30.83 7.79
N ASN C 423 -5.09 -30.09 7.38
CA ASN C 423 -4.93 -28.67 7.01
C ASN C 423 -4.26 -27.79 8.11
N PHE C 424 -4.50 -28.14 9.37
CA PHE C 424 -3.93 -27.36 10.51
C PHE C 424 -2.45 -27.60 10.85
N TYR C 425 -1.82 -28.58 10.20
CA TYR C 425 -0.51 -29.10 10.65
C TYR C 425 0.61 -28.12 10.33
N ARG C 426 1.49 -27.94 11.30
CA ARG C 426 2.70 -27.14 11.21
C ARG C 426 2.44 -25.73 10.65
N ARG C 427 1.70 -24.96 11.43
CA ARG C 427 1.34 -23.58 11.14
C ARG C 427 1.54 -22.72 12.40
N GLY C 428 1.45 -21.41 12.23
CA GLY C 428 1.60 -20.45 13.31
C GLY C 428 2.92 -19.65 13.35
N PHE C 429 3.12 -18.90 14.42
CA PHE C 429 4.17 -17.88 14.54
C PHE C 429 5.60 -18.44 14.54
N GLY C 430 5.86 -19.41 15.40
CA GLY C 430 7.13 -20.14 15.45
C GLY C 430 7.52 -20.78 14.12
N VAL C 431 6.58 -21.50 13.48
CA VAL C 431 6.86 -22.01 12.09
C VAL C 431 7.20 -20.87 11.08
N ALA C 432 6.47 -19.74 11.14
CA ALA C 432 6.70 -18.57 10.24
C ALA C 432 8.12 -18.01 10.40
N VAL C 433 8.57 -17.94 11.67
CA VAL C 433 9.95 -17.50 11.97
C VAL C 433 10.95 -18.48 11.46
N GLN C 434 10.76 -19.76 11.76
CA GLN C 434 11.68 -20.83 11.28
C GLN C 434 11.76 -20.94 9.75
N ASP C 435 10.66 -20.61 9.04
CA ASP C 435 10.67 -20.54 7.57
C ASP C 435 11.67 -19.47 7.05
N ILE C 436 11.86 -18.37 7.81
CA ILE C 436 12.81 -17.32 7.47
C ILE C 436 14.20 -17.67 7.99
N LEU C 437 14.30 -17.96 9.27
CA LEU C 437 15.57 -18.34 9.95
C LEU C 437 15.85 -19.84 9.78
N GLN C 438 16.36 -20.19 8.60
CA GLN C 438 16.63 -21.51 8.20
C GLN C 438 17.96 -21.98 8.79
N ARG C 439 18.11 -23.30 8.88
CA ARG C 439 19.31 -23.92 9.42
C ARG C 439 19.59 -25.18 8.60
N ASP C 440 20.82 -25.29 8.11
CA ASP C 440 21.23 -26.42 7.26
C ASP C 440 21.71 -27.59 8.13
N ARG C 441 22.07 -28.70 7.48
CA ARG C 441 22.43 -29.94 8.17
C ARG C 441 23.71 -29.85 9.02
N GLN C 442 24.66 -28.98 8.62
CA GLN C 442 25.91 -28.74 9.36
C GLN C 442 25.74 -27.69 10.50
N GLY C 443 24.52 -27.15 10.67
CA GLY C 443 24.15 -26.28 11.77
C GLY C 443 24.22 -24.78 11.47
N ARG C 444 24.46 -24.41 10.20
CA ARG C 444 24.68 -23.02 9.81
C ARG C 444 23.35 -22.38 9.48
N TYR C 445 23.16 -21.15 9.96
CA TYR C 445 21.96 -20.37 9.69
C TYR C 445 22.05 -19.61 8.38
N HIS C 446 20.88 -19.43 7.77
CA HIS C 446 20.72 -18.79 6.45
C HIS C 446 19.24 -18.42 6.28
N HIS C 447 18.91 -17.78 5.16
CA HIS C 447 17.50 -17.41 4.84
C HIS C 447 17.00 -17.84 3.47
N GLY C 448 17.47 -19.01 3.03
CA GLY C 448 17.22 -19.57 1.70
C GLY C 448 17.71 -18.77 0.53
N VAL C 449 18.98 -18.36 0.58
CA VAL C 449 19.69 -17.55 -0.45
C VAL C 449 18.89 -16.36 -1.04
N SER D 2 -34.04 -18.24 20.31
CA SER D 2 -34.56 -19.63 20.02
C SER D 2 -33.50 -20.64 19.55
N MET D 3 -32.63 -20.23 18.63
CA MET D 3 -31.51 -21.03 18.08
C MET D 3 -30.48 -21.39 19.18
N LEU D 4 -29.95 -22.64 19.17
CA LEU D 4 -28.86 -23.05 20.11
C LEU D 4 -27.60 -22.26 19.77
N THR D 5 -27.06 -21.49 20.72
CA THR D 5 -25.79 -20.79 20.55
C THR D 5 -24.97 -20.93 21.82
N GLY D 6 -23.72 -21.28 21.67
CA GLY D 6 -22.80 -21.32 22.79
C GLY D 6 -21.52 -22.06 22.61
N VAL D 7 -21.13 -22.74 23.67
CA VAL D 7 -19.83 -23.38 23.77
C VAL D 7 -20.00 -24.86 24.12
N ILE D 8 -19.18 -25.68 23.50
CA ILE D 8 -18.94 -27.05 23.99
C ILE D 8 -17.57 -27.14 24.67
N GLU D 9 -17.58 -27.70 25.89
CA GLU D 9 -16.36 -28.22 26.55
C GLU D 9 -16.08 -29.60 25.99
N GLY D 10 -15.33 -29.66 24.90
CA GLY D 10 -15.25 -30.86 24.03
C GLY D 10 -13.89 -31.15 23.43
N PHE D 11 -12.83 -30.74 24.11
CA PHE D 11 -11.43 -30.87 23.61
C PHE D 11 -10.72 -32.03 24.33
N TYR D 12 -9.64 -32.50 23.72
CA TYR D 12 -8.69 -33.47 24.30
C TYR D 12 -7.71 -32.78 25.27
N GLY D 13 -7.89 -33.07 26.57
CA GLY D 13 -6.96 -32.71 27.66
C GLY D 13 -7.73 -32.56 28.97
N ARG D 14 -7.14 -31.86 29.94
CA ARG D 14 -7.74 -31.78 31.27
C ARG D 14 -9.04 -30.96 31.21
N ASP D 15 -10.07 -31.43 31.91
CA ASP D 15 -11.37 -30.73 31.94
C ASP D 15 -11.24 -29.49 32.84
N TRP D 16 -12.16 -28.56 32.63
CA TRP D 16 -12.21 -27.33 33.43
C TRP D 16 -12.63 -27.60 34.88
N ARG D 17 -12.12 -26.78 35.80
CA ARG D 17 -12.53 -26.72 37.18
C ARG D 17 -13.93 -26.06 37.32
N ARG D 18 -14.61 -26.29 38.45
CA ARG D 18 -15.93 -25.67 38.73
C ARG D 18 -15.96 -24.14 38.50
N ASP D 19 -14.95 -23.46 39.04
CA ASP D 19 -14.80 -22.00 38.91
C ASP D 19 -14.56 -21.52 37.47
N GLU D 20 -13.80 -22.33 36.70
CA GLU D 20 -13.53 -22.02 35.28
C GLU D 20 -14.82 -22.13 34.46
N ARG D 21 -15.57 -23.22 34.67
CA ARG D 21 -16.90 -23.39 34.07
C ARG D 21 -17.82 -22.20 34.42
N ALA D 22 -17.82 -21.78 35.67
CA ALA D 22 -18.57 -20.54 36.06
C ALA D 22 -18.14 -19.27 35.29
N THR D 23 -16.84 -19.03 35.22
CA THR D 23 -16.30 -17.88 34.45
C THR D 23 -16.72 -17.93 32.97
N VAL D 24 -16.62 -19.11 32.36
CA VAL D 24 -16.97 -19.29 30.97
C VAL D 24 -18.47 -19.09 30.75
N MET D 25 -19.31 -19.61 31.64
CA MET D 25 -20.77 -19.40 31.55
C MET D 25 -21.11 -17.90 31.64
N ASP D 26 -20.43 -17.16 32.53
CA ASP D 26 -20.55 -15.68 32.61
C ASP D 26 -20.35 -15.02 31.24
N TRP D 27 -19.26 -15.42 30.60
CA TRP D 27 -18.82 -14.91 29.26
C TRP D 27 -19.81 -15.28 28.13
N ILE D 28 -20.29 -16.52 28.18
CA ILE D 28 -21.35 -16.98 27.25
C ILE D 28 -22.59 -16.08 27.36
N ALA D 29 -23.03 -15.85 28.61
CA ALA D 29 -24.25 -15.10 28.89
C ALA D 29 -24.07 -13.63 28.47
N ALA D 30 -22.92 -13.03 28.84
CA ALA D 30 -22.58 -11.64 28.46
C ALA D 30 -22.51 -11.42 26.95
N ALA D 31 -22.10 -12.47 26.20
CA ALA D 31 -22.00 -12.45 24.75
C ALA D 31 -23.31 -12.67 23.97
N GLY D 32 -24.43 -12.83 24.68
CA GLY D 32 -25.75 -13.02 24.08
C GLY D 32 -26.06 -14.46 23.69
N MET D 33 -25.20 -15.41 24.08
CA MET D 33 -25.39 -16.84 23.76
C MET D 33 -26.18 -17.54 24.88
N ASN D 34 -26.65 -18.73 24.61
CA ASN D 34 -27.65 -19.41 25.47
C ASN D 34 -27.39 -20.87 25.85
N THR D 35 -26.24 -21.43 25.49
CA THR D 35 -25.96 -22.87 25.64
C THR D 35 -24.57 -23.11 26.22
N TYR D 36 -24.50 -24.07 27.15
CA TYR D 36 -23.27 -24.72 27.53
C TYR D 36 -23.47 -26.23 27.31
N ILE D 37 -22.57 -26.84 26.55
CA ILE D 37 -22.52 -28.31 26.35
C ILE D 37 -21.34 -28.90 27.15
N TYR D 38 -21.69 -29.81 28.05
CA TYR D 38 -20.70 -30.55 28.82
C TYR D 38 -20.31 -31.82 28.04
N GLY D 39 -19.08 -31.87 27.52
CA GLY D 39 -18.56 -33.11 26.89
C GLY D 39 -17.05 -33.30 26.87
N PRO D 40 -16.37 -33.09 28.02
CA PRO D 40 -14.90 -33.14 27.99
C PRO D 40 -14.47 -34.60 27.85
N LYS D 41 -13.49 -34.84 26.96
CA LYS D 41 -12.89 -36.18 26.77
C LYS D 41 -12.28 -36.81 28.06
N ASP D 42 -11.92 -35.99 29.04
CA ASP D 42 -11.43 -36.39 30.38
C ASP D 42 -12.46 -37.11 31.31
N ASP D 43 -13.77 -37.03 31.00
CA ASP D 43 -14.84 -37.71 31.80
C ASP D 43 -15.04 -39.16 31.35
N VAL D 44 -14.70 -40.08 32.23
CA VAL D 44 -14.80 -41.53 31.92
C VAL D 44 -16.21 -42.01 31.51
N HIS D 45 -17.26 -41.43 32.11
CA HIS D 45 -18.66 -41.80 31.85
C HIS D 45 -19.19 -41.37 30.49
N VAL D 46 -18.59 -40.34 29.88
CA VAL D 46 -18.95 -39.87 28.53
C VAL D 46 -18.66 -40.97 27.51
N ARG D 47 -17.39 -41.39 27.46
CA ARG D 47 -16.88 -42.28 26.39
C ARG D 47 -16.31 -43.62 26.87
N ALA D 48 -15.25 -43.56 27.67
CA ALA D 48 -14.43 -44.72 28.02
C ALA D 48 -15.23 -45.87 28.68
N ARG D 49 -16.01 -45.50 29.70
CA ARG D 49 -16.89 -46.40 30.43
C ARG D 49 -18.35 -45.92 30.33
N TRP D 50 -18.80 -45.66 29.09
CA TRP D 50 -20.19 -45.21 28.80
C TRP D 50 -21.32 -46.06 29.38
N ARG D 51 -21.08 -47.34 29.59
CA ARG D 51 -22.06 -48.22 30.26
C ARG D 51 -22.35 -47.89 31.75
N VAL D 52 -21.43 -47.21 32.43
CA VAL D 52 -21.48 -47.01 33.87
C VAL D 52 -22.21 -45.71 34.22
N PRO D 53 -23.31 -45.78 35.03
CA PRO D 53 -23.95 -44.52 35.47
C PRO D 53 -23.11 -43.69 36.43
N TYR D 54 -23.41 -42.39 36.50
CA TYR D 54 -22.78 -41.48 37.46
C TYR D 54 -23.10 -41.89 38.90
N ASP D 55 -22.12 -41.74 39.79
CA ASP D 55 -22.39 -41.77 41.24
C ASP D 55 -23.09 -40.44 41.65
N ALA D 56 -23.52 -40.37 42.91
CA ALA D 56 -24.30 -39.24 43.43
C ALA D 56 -23.57 -37.89 43.29
N ALA D 57 -22.25 -37.91 43.57
CA ALA D 57 -21.43 -36.71 43.46
C ALA D 57 -21.33 -36.18 42.01
N GLY D 58 -21.05 -37.07 41.07
CA GLY D 58 -21.00 -36.74 39.64
C GLY D 58 -22.31 -36.21 39.10
N LEU D 59 -23.43 -36.79 39.49
CA LEU D 59 -24.76 -36.27 39.11
C LEU D 59 -25.08 -34.93 39.78
N ALA D 60 -24.64 -34.74 41.03
CA ALA D 60 -24.83 -33.48 41.75
C ALA D 60 -24.09 -32.31 41.09
N ARG D 61 -22.86 -32.52 40.66
CA ARG D 61 -22.08 -31.52 39.89
C ARG D 61 -22.84 -31.13 38.60
N LEU D 62 -23.41 -32.12 37.91
CA LEU D 62 -24.20 -31.87 36.70
C LEU D 62 -25.46 -31.04 36.90
N THR D 63 -26.23 -31.33 37.97
CA THR D 63 -27.44 -30.54 38.30
C THR D 63 -27.10 -29.13 38.73
N GLU D 64 -26.04 -28.99 39.54
CA GLU D 64 -25.42 -27.65 39.86
C GLU D 64 -25.08 -26.83 38.63
N LEU D 65 -24.44 -27.46 37.63
CA LEU D 65 -24.13 -26.84 36.34
C LEU D 65 -25.37 -26.41 35.58
N ARG D 66 -26.36 -27.30 35.52
CA ARG D 66 -27.64 -26.99 34.92
C ARG D 66 -28.28 -25.78 35.64
N ASP D 67 -28.27 -25.78 36.97
CA ASP D 67 -28.84 -24.64 37.74
C ASP D 67 -28.11 -23.32 37.48
N ALA D 68 -26.78 -23.40 37.43
CA ALA D 68 -25.90 -22.26 37.16
C ALA D 68 -26.14 -21.68 35.77
N ALA D 69 -26.29 -22.55 34.76
CA ALA D 69 -26.69 -22.14 33.43
C ALA D 69 -28.11 -21.48 33.40
N ALA D 70 -29.10 -22.14 34.02
CA ALA D 70 -30.48 -21.66 34.22
C ALA D 70 -30.56 -20.24 34.77
N ALA D 71 -29.79 -19.97 35.84
CA ALA D 71 -29.75 -18.62 36.47
C ALA D 71 -29.31 -17.52 35.51
N ARG D 72 -28.44 -17.88 34.54
CA ARG D 72 -27.94 -17.00 33.49
C ARG D 72 -28.81 -17.00 32.19
N GLY D 73 -30.02 -17.57 32.24
CA GLY D 73 -30.89 -17.72 31.10
C GLY D 73 -30.33 -18.66 30.05
N MET D 74 -29.58 -19.68 30.49
CA MET D 74 -28.90 -20.64 29.58
C MET D 74 -29.40 -22.11 29.75
N VAL D 75 -29.30 -22.85 28.64
N VAL D 75 -29.48 -22.83 28.61
CA VAL D 75 -29.53 -24.29 28.63
CA VAL D 75 -29.60 -24.31 28.63
C VAL D 75 -28.20 -25.03 28.82
C VAL D 75 -28.25 -25.07 28.74
N PHE D 76 -28.31 -26.22 29.42
CA PHE D 76 -27.18 -27.12 29.72
C PHE D 76 -27.39 -28.51 29.10
N TYR D 77 -26.42 -28.97 28.31
CA TYR D 77 -26.45 -30.32 27.68
C TYR D 77 -25.39 -31.25 28.29
N VAL D 78 -25.69 -32.56 28.31
CA VAL D 78 -24.74 -33.58 28.76
C VAL D 78 -24.49 -34.57 27.62
N SER D 79 -23.21 -34.82 27.35
CA SER D 79 -22.76 -35.70 26.29
C SER D 79 -22.63 -37.17 26.71
N LEU D 80 -22.86 -38.04 25.74
CA LEU D 80 -22.67 -39.50 25.83
C LEU D 80 -22.11 -40.01 24.50
N ALA D 81 -21.15 -40.92 24.59
CA ALA D 81 -20.49 -41.49 23.39
C ALA D 81 -20.54 -43.02 23.51
N PRO D 82 -21.69 -43.64 23.15
CA PRO D 82 -21.85 -45.08 23.13
C PRO D 82 -21.48 -45.66 21.77
N CYS D 83 -20.21 -45.51 21.40
CA CYS D 83 -19.66 -45.92 20.09
C CYS D 83 -18.34 -46.74 20.12
N LEU D 84 -17.77 -47.00 21.30
CA LEU D 84 -16.38 -47.52 21.41
C LEU D 84 -16.32 -49.01 21.11
N ASP D 85 -17.10 -49.78 21.86
CA ASP D 85 -17.29 -51.24 21.61
C ASP D 85 -18.79 -51.58 21.75
N VAL D 86 -19.63 -50.74 21.13
CA VAL D 86 -21.09 -50.92 21.15
C VAL D 86 -21.46 -51.96 20.09
N THR D 87 -22.36 -52.88 20.46
CA THR D 87 -23.11 -53.72 19.54
C THR D 87 -24.48 -53.05 19.47
N TYR D 88 -24.75 -52.39 18.34
CA TYR D 88 -25.93 -51.53 18.18
C TYR D 88 -27.28 -52.26 18.37
N SER D 89 -27.36 -53.55 18.04
CA SER D 89 -28.57 -54.42 18.19
C SER D 89 -28.73 -55.19 19.53
N ASP D 90 -27.73 -55.12 20.42
CA ASP D 90 -27.64 -56.02 21.59
C ASP D 90 -28.59 -55.50 22.69
N PRO D 91 -29.41 -56.37 23.32
CA PRO D 91 -30.31 -55.93 24.42
C PRO D 91 -29.64 -55.23 25.61
N GLN D 92 -28.60 -55.84 26.16
CA GLN D 92 -27.87 -55.29 27.33
C GLN D 92 -27.23 -53.95 27.02
N ASP D 93 -26.61 -53.82 25.84
CA ASP D 93 -26.03 -52.53 25.39
C ASP D 93 -27.07 -51.40 25.21
N ARG D 94 -28.20 -51.75 24.57
CA ARG D 94 -29.35 -50.81 24.41
C ARG D 94 -29.95 -50.38 25.75
N ALA D 95 -30.11 -51.37 26.63
CA ALA D 95 -30.61 -51.18 27.99
C ALA D 95 -29.65 -50.38 28.85
N ALA D 96 -28.35 -50.61 28.69
CA ALA D 96 -27.32 -49.86 29.40
C ALA D 96 -27.30 -48.38 29.01
N LEU D 97 -27.40 -48.11 27.71
CA LEU D 97 -27.66 -46.74 27.20
C LEU D 97 -28.97 -46.14 27.71
N LEU D 98 -30.04 -46.91 27.72
CA LEU D 98 -31.34 -46.44 28.26
C LEU D 98 -31.26 -46.07 29.75
N ALA D 99 -30.49 -46.85 30.53
CA ALA D 99 -30.28 -46.57 31.96
C ALA D 99 -29.53 -45.24 32.18
N ARG D 100 -28.48 -45.00 31.40
CA ARG D 100 -27.72 -43.74 31.42
C ARG D 100 -28.63 -42.55 31.17
N VAL D 101 -29.46 -42.66 30.12
CA VAL D 101 -30.47 -41.64 29.75
C VAL D 101 -31.54 -41.49 30.86
N ASP D 102 -31.99 -42.60 31.44
CA ASP D 102 -32.99 -42.60 32.53
C ASP D 102 -32.50 -41.87 33.78
N GLN D 103 -31.24 -42.11 34.17
CA GLN D 103 -30.59 -41.43 35.31
C GLN D 103 -30.60 -39.91 35.12
N LEU D 104 -30.04 -39.48 34.00
CA LEU D 104 -29.98 -38.06 33.62
C LEU D 104 -31.41 -37.46 33.55
N ALA D 105 -32.32 -38.17 32.93
CA ALA D 105 -33.73 -37.75 32.79
C ALA D 105 -34.47 -37.61 34.12
N ARG D 106 -34.36 -38.60 34.99
CA ARG D 106 -34.93 -38.56 36.37
C ARG D 106 -34.31 -37.46 37.26
N ALA D 107 -33.06 -37.08 36.97
CA ALA D 107 -32.39 -35.95 37.63
C ALA D 107 -32.69 -34.57 36.99
N GLY D 108 -33.53 -34.52 35.96
CA GLY D 108 -33.89 -33.31 35.22
C GLY D 108 -32.90 -32.80 34.19
N LEU D 109 -32.17 -33.72 33.54
CA LEU D 109 -31.15 -33.39 32.51
C LEU D 109 -31.57 -34.14 31.25
N ARG D 110 -32.37 -33.44 30.44
CA ARG D 110 -33.02 -34.07 29.26
C ARG D 110 -32.49 -33.48 27.94
N ASN D 111 -31.37 -32.71 28.02
CA ASN D 111 -30.73 -32.14 26.85
C ASN D 111 -29.46 -32.94 26.67
N LEU D 112 -29.40 -33.70 25.60
CA LEU D 112 -28.37 -34.77 25.42
C LEU D 112 -27.64 -34.56 24.10
N VAL D 113 -26.33 -34.79 24.13
CA VAL D 113 -25.53 -34.95 22.91
C VAL D 113 -25.14 -36.46 22.83
N LEU D 114 -25.50 -37.12 21.74
CA LEU D 114 -25.05 -38.47 21.42
C LEU D 114 -23.92 -38.40 20.39
N LEU D 115 -22.73 -38.90 20.75
CA LEU D 115 -21.55 -38.88 19.86
C LEU D 115 -21.25 -40.25 19.23
N PHE D 116 -20.92 -40.23 17.94
CA PHE D 116 -20.62 -41.45 17.15
C PHE D 116 -19.39 -41.25 16.25
N ASP D 117 -18.46 -40.48 16.76
CA ASP D 117 -17.31 -39.96 16.01
C ASP D 117 -16.13 -40.92 15.91
N ASP D 118 -16.09 -41.97 16.74
CA ASP D 118 -15.03 -42.99 16.70
C ASP D 118 -15.63 -44.40 16.79
N ILE D 119 -15.55 -45.15 15.69
CA ILE D 119 -16.10 -46.53 15.58
C ILE D 119 -15.01 -47.50 15.08
N PRO D 120 -15.24 -48.83 15.19
CA PRO D 120 -14.34 -49.80 14.56
C PRO D 120 -14.38 -49.83 13.02
N SER D 121 -13.48 -50.61 12.42
CA SER D 121 -13.22 -50.59 10.97
C SER D 121 -14.33 -51.17 10.08
N VAL D 122 -15.09 -52.15 10.60
CA VAL D 122 -16.28 -52.70 9.92
C VAL D 122 -17.42 -52.94 10.91
N LEU D 123 -18.65 -53.05 10.39
CA LEU D 123 -19.87 -53.26 11.20
C LEU D 123 -19.74 -54.54 12.05
N PRO D 124 -20.10 -54.48 13.37
CA PRO D 124 -20.07 -55.71 14.21
C PRO D 124 -20.94 -56.86 13.70
N GLU D 125 -20.50 -58.10 13.96
CA GLU D 125 -21.08 -59.29 13.35
C GLU D 125 -22.53 -59.54 13.79
N ALA D 126 -22.79 -59.43 15.10
CA ALA D 126 -24.16 -59.56 15.65
C ALA D 126 -25.15 -58.51 15.12
N ASP D 127 -24.64 -57.35 14.68
CA ASP D 127 -25.42 -56.31 14.00
C ASP D 127 -25.68 -56.49 12.49
N ARG D 128 -24.80 -57.19 11.76
CA ARG D 128 -24.94 -57.40 10.28
C ARG D 128 -26.28 -58.02 9.81
N HIS D 129 -26.89 -58.86 10.65
CA HIS D 129 -28.20 -59.47 10.34
C HIS D 129 -29.40 -58.53 10.60
N ARG D 130 -29.24 -57.51 11.46
CA ARG D 130 -30.27 -56.49 11.73
C ARG D 130 -30.11 -55.23 10.88
N PHE D 131 -28.89 -54.73 10.77
CA PHE D 131 -28.60 -53.42 10.18
C PHE D 131 -27.72 -53.59 8.96
N ASP D 132 -28.00 -52.81 7.91
CA ASP D 132 -27.24 -52.80 6.66
C ASP D 132 -26.01 -51.86 6.62
N SER D 133 -25.86 -50.96 7.61
CA SER D 133 -24.80 -49.95 7.66
C SER D 133 -24.64 -49.34 9.04
N PHE D 134 -23.48 -48.76 9.28
CA PHE D 134 -23.24 -47.98 10.52
C PHE D 134 -24.28 -46.88 10.72
N ALA D 135 -24.59 -46.13 9.66
CA ALA D 135 -25.58 -45.04 9.72
C ALA D 135 -26.96 -45.51 10.25
N GLU D 136 -27.47 -46.63 9.72
CA GLU D 136 -28.77 -47.20 10.11
C GLU D 136 -28.78 -47.70 11.59
N ALA D 137 -27.67 -48.32 12.00
CA ALA D 137 -27.47 -48.78 13.37
C ALA D 137 -27.43 -47.63 14.39
N GLN D 138 -26.58 -46.64 14.12
CA GLN D 138 -26.48 -45.42 14.95
C GLN D 138 -27.83 -44.67 15.05
N ALA D 139 -28.50 -44.52 13.91
CA ALA D 139 -29.83 -43.89 13.80
C ALA D 139 -30.87 -44.56 14.69
N ASP D 140 -30.95 -45.89 14.60
CA ASP D 140 -31.89 -46.63 15.42
C ASP D 140 -31.64 -46.48 16.93
N LEU D 141 -30.37 -46.59 17.32
CA LEU D 141 -29.95 -46.37 18.71
C LEU D 141 -30.30 -44.96 19.25
N SER D 142 -30.10 -43.95 18.43
CA SER D 142 -30.47 -42.58 18.78
C SER D 142 -31.98 -42.34 18.87
N ASN D 143 -32.71 -42.86 17.90
CA ASN D 143 -34.20 -42.83 17.91
C ASN D 143 -34.83 -43.44 19.17
N MET D 144 -34.27 -44.58 19.62
CA MET D 144 -34.58 -45.20 20.92
C MET D 144 -34.44 -44.22 22.08
N VAL D 145 -33.30 -43.51 22.14
CA VAL D 145 -33.05 -42.49 23.17
C VAL D 145 -34.11 -41.39 23.11
N LEU D 146 -34.34 -40.84 21.91
CA LEU D 146 -35.36 -39.79 21.69
C LEU D 146 -36.76 -40.22 22.16
N ARG D 147 -37.17 -41.44 21.80
CA ARG D 147 -38.47 -41.98 22.20
C ARG D 147 -38.61 -42.18 23.73
N HIS D 148 -37.51 -42.55 24.39
CA HIS D 148 -37.48 -42.65 25.86
C HIS D 148 -37.75 -41.30 26.58
N LEU D 149 -37.34 -40.20 25.97
CA LEU D 149 -37.57 -38.85 26.52
C LEU D 149 -39.03 -38.34 26.49
N ARG D 150 -39.88 -38.99 25.68
CA ARG D 150 -41.35 -38.78 25.66
C ARG D 150 -41.77 -37.34 25.28
N GLY D 151 -41.11 -36.80 24.27
CA GLY D 151 -41.29 -35.42 23.79
C GLY D 151 -40.75 -34.27 24.61
N ALA D 152 -39.93 -34.56 25.63
CA ALA D 152 -39.36 -33.53 26.52
C ALA D 152 -37.84 -33.43 26.31
N GLY D 153 -37.33 -32.21 26.24
CA GLY D 153 -35.91 -31.97 26.01
C GLY D 153 -35.53 -32.17 24.54
N HIS D 154 -34.25 -32.46 24.30
CA HIS D 154 -33.66 -32.29 22.96
C HIS D 154 -32.40 -33.17 22.81
N VAL D 155 -32.24 -33.77 21.64
CA VAL D 155 -31.14 -34.69 21.31
C VAL D 155 -30.40 -34.09 20.11
N VAL D 156 -29.07 -33.93 20.25
CA VAL D 156 -28.18 -33.55 19.15
C VAL D 156 -27.18 -34.69 18.91
N PHE D 157 -26.94 -35.00 17.66
CA PHE D 157 -26.22 -36.19 17.20
C PHE D 157 -24.92 -35.72 16.58
N CYS D 158 -23.79 -36.21 17.08
CA CYS D 158 -22.50 -36.00 16.41
C CYS D 158 -22.18 -37.17 15.48
N PRO D 159 -22.17 -36.95 14.15
CA PRO D 159 -21.95 -38.07 13.23
C PRO D 159 -20.50 -38.52 13.13
N THR D 160 -20.31 -39.70 12.57
CA THR D 160 -18.98 -40.31 12.37
C THR D 160 -18.17 -39.56 11.32
N GLU D 161 -18.84 -39.25 10.21
CA GLU D 161 -18.34 -38.30 9.20
C GLU D 161 -18.99 -36.91 9.51
N TYR D 162 -18.22 -36.04 10.17
CA TYR D 162 -18.78 -34.74 10.63
C TYR D 162 -18.18 -33.54 9.89
N CYS D 163 -17.40 -33.79 8.85
CA CYS D 163 -16.87 -32.77 7.99
C CYS D 163 -16.83 -33.24 6.55
N GLY D 164 -16.71 -32.26 5.64
CA GLY D 164 -16.62 -32.49 4.18
C GLY D 164 -15.62 -33.54 3.72
N ARG D 165 -14.39 -33.40 4.22
CA ARG D 165 -13.30 -34.35 3.96
C ARG D 165 -13.64 -35.81 4.30
N MET D 166 -14.20 -36.03 5.49
CA MET D 166 -14.66 -37.36 5.93
C MET D 166 -15.82 -37.90 5.08
N ALA D 167 -16.70 -37.01 4.64
CA ALA D 167 -17.79 -37.33 3.70
C ALA D 167 -17.39 -37.46 2.22
N GLY D 168 -16.18 -37.06 1.89
CA GLY D 168 -15.54 -37.30 0.58
C GLY D 168 -15.47 -36.12 -0.35
N GLY D 169 -15.81 -34.91 0.14
CA GLY D 169 -15.70 -33.64 -0.60
C GLY D 169 -17.06 -32.97 -0.61
N ASP D 170 -17.89 -33.35 -1.58
CA ASP D 170 -19.31 -32.97 -1.63
C ASP D 170 -20.03 -33.94 -0.69
N PRO D 171 -20.61 -33.44 0.43
CA PRO D 171 -21.32 -34.32 1.40
C PRO D 171 -22.47 -35.15 0.83
N ARG D 172 -23.07 -34.67 -0.26
CA ARG D 172 -24.14 -35.40 -0.97
C ARG D 172 -23.67 -36.69 -1.64
N GLY D 173 -22.38 -36.84 -1.89
CA GLY D 173 -21.77 -38.11 -2.31
C GLY D 173 -21.49 -39.16 -1.24
N SER D 174 -21.78 -38.88 0.03
CA SER D 174 -21.57 -39.86 1.15
C SER D 174 -22.76 -40.79 1.34
N ALA D 175 -22.52 -42.09 1.13
CA ALA D 175 -23.43 -43.22 1.49
C ALA D 175 -23.88 -43.15 2.94
N TYR D 176 -22.92 -42.88 3.84
CA TYR D 176 -23.16 -42.67 5.28
C TYR D 176 -24.20 -41.57 5.56
N LEU D 177 -23.95 -40.36 5.03
CA LEU D 177 -24.83 -39.21 5.31
C LEU D 177 -26.20 -39.32 4.67
N GLN D 178 -26.22 -39.85 3.45
CA GLN D 178 -27.45 -40.24 2.75
C GLN D 178 -28.36 -41.17 3.58
N ARG D 179 -27.78 -42.26 4.10
CA ARG D 179 -28.52 -43.18 4.98
C ARG D 179 -28.87 -42.51 6.32
N LEU D 180 -27.91 -41.82 6.94
CA LEU D 180 -28.14 -41.02 8.18
C LEU D 180 -29.29 -40.02 8.10
N GLY D 181 -29.24 -39.12 7.11
CA GLY D 181 -30.26 -38.10 6.85
C GLY D 181 -31.67 -38.62 6.66
N SER D 182 -31.78 -39.80 6.03
CA SER D 182 -33.08 -40.45 5.81
C SER D 182 -33.59 -41.27 7.01
N THR D 183 -32.70 -41.72 7.91
CA THR D 183 -33.00 -42.69 8.99
C THR D 183 -33.12 -42.07 10.40
N LEU D 184 -32.25 -41.12 10.73
CA LEU D 184 -32.31 -40.38 12.02
C LEU D 184 -33.63 -39.59 12.12
N ASP D 185 -34.33 -39.72 13.25
CA ASP D 185 -35.62 -39.02 13.52
C ASP D 185 -35.46 -37.50 13.22
N PRO D 186 -36.47 -36.89 12.56
CA PRO D 186 -36.45 -35.44 12.28
C PRO D 186 -36.24 -34.44 13.44
N ALA D 187 -36.64 -34.82 14.66
CA ALA D 187 -36.51 -34.02 15.86
C ALA D 187 -35.04 -33.90 16.34
N ILE D 188 -34.18 -34.86 15.93
CA ILE D 188 -32.80 -34.91 16.35
C ILE D 188 -31.95 -34.04 15.42
N ASP D 189 -31.25 -33.06 15.99
CA ASP D 189 -30.36 -32.20 15.19
C ASP D 189 -29.00 -32.91 15.02
N ILE D 190 -28.24 -32.52 13.98
CA ILE D 190 -26.96 -33.04 13.63
C ILE D 190 -25.86 -31.99 13.62
N PHE D 191 -24.74 -32.32 14.26
CA PHE D 191 -23.52 -31.50 14.25
C PHE D 191 -22.79 -31.59 12.90
N TRP D 192 -22.07 -30.55 12.56
CA TRP D 192 -21.27 -30.51 11.33
C TRP D 192 -20.16 -29.48 11.57
N THR D 193 -18.93 -29.83 11.25
CA THR D 193 -17.76 -28.88 11.47
C THR D 193 -17.33 -28.02 10.27
N GLY D 194 -18.01 -28.19 9.13
CA GLY D 194 -17.72 -27.52 7.84
C GLY D 194 -16.94 -28.47 6.93
N PRO D 195 -16.17 -27.93 5.95
CA PRO D 195 -15.40 -28.83 5.04
C PRO D 195 -14.25 -29.66 5.68
N GLU D 196 -13.74 -29.23 6.84
CA GLU D 196 -12.66 -29.88 7.61
C GLU D 196 -13.02 -29.92 9.09
N ILE D 197 -12.24 -30.64 9.90
CA ILE D 197 -12.43 -30.65 11.36
C ILE D 197 -12.29 -29.19 11.90
N VAL D 198 -11.27 -28.53 11.42
CA VAL D 198 -10.94 -27.13 11.68
C VAL D 198 -11.04 -26.45 10.31
N SER D 199 -12.20 -25.82 10.05
CA SER D 199 -12.52 -25.24 8.74
C SER D 199 -11.93 -23.80 8.64
N GLU D 200 -11.20 -23.57 7.56
CA GLU D 200 -10.66 -22.21 7.29
C GLU D 200 -11.79 -21.25 6.89
N GLU D 201 -12.71 -21.76 6.07
CA GLU D 201 -13.94 -21.11 5.67
C GLU D 201 -15.12 -22.08 5.73
N ILE D 202 -16.28 -21.54 6.08
CA ILE D 202 -17.57 -22.22 6.01
C ILE D 202 -18.43 -21.35 5.10
N VAL D 203 -18.74 -21.87 3.90
CA VAL D 203 -19.47 -21.08 2.89
C VAL D 203 -20.86 -21.59 2.62
N ALA D 204 -21.70 -20.68 2.16
CA ALA D 204 -23.13 -20.92 1.93
C ALA D 204 -23.46 -22.09 0.99
N ALA D 205 -22.78 -22.20 -0.15
CA ALA D 205 -22.98 -23.39 -1.04
C ALA D 205 -22.65 -24.73 -0.39
N HIS D 206 -21.63 -24.75 0.46
CA HIS D 206 -21.26 -25.94 1.26
C HIS D 206 -22.40 -26.35 2.17
N LEU D 207 -22.85 -25.40 3.01
CA LEU D 207 -23.93 -25.67 3.98
C LEU D 207 -25.29 -26.02 3.37
N ALA D 208 -25.59 -25.44 2.21
CA ALA D 208 -26.75 -25.85 1.40
C ALA D 208 -26.69 -27.32 0.96
N ALA D 209 -25.52 -27.78 0.50
CA ALA D 209 -25.28 -29.19 0.18
C ALA D 209 -25.38 -30.12 1.40
N VAL D 210 -24.86 -29.69 2.53
CA VAL D 210 -24.95 -30.42 3.81
C VAL D 210 -26.40 -30.61 4.26
N GLY D 211 -27.17 -29.52 4.20
CA GLY D 211 -28.59 -29.55 4.55
C GLY D 211 -29.41 -30.49 3.67
N GLU D 212 -29.08 -30.53 2.36
CA GLU D 212 -29.65 -31.50 1.43
C GLU D 212 -29.45 -32.97 1.83
N VAL D 213 -28.22 -33.37 2.09
CA VAL D 213 -27.92 -34.79 2.45
C VAL D 213 -28.41 -35.19 3.85
N LEU D 214 -28.19 -34.31 4.84
CA LEU D 214 -28.74 -34.48 6.21
C LEU D 214 -30.26 -34.34 6.34
N ARG D 215 -30.93 -33.72 5.36
CA ARG D 215 -32.38 -33.50 5.33
C ARG D 215 -32.85 -32.57 6.48
N ARG D 216 -31.96 -31.65 6.86
CA ARG D 216 -32.17 -30.71 7.96
C ARG D 216 -30.97 -29.74 8.00
N ARG D 217 -31.21 -28.50 8.41
CA ARG D 217 -30.12 -27.55 8.68
C ARG D 217 -29.22 -28.07 9.84
N PRO D 218 -27.89 -28.13 9.62
CA PRO D 218 -26.98 -28.59 10.66
C PRO D 218 -26.83 -27.62 11.84
N VAL D 219 -26.52 -28.16 13.02
CA VAL D 219 -25.96 -27.36 14.09
C VAL D 219 -24.46 -27.33 13.85
N ILE D 220 -23.90 -26.13 13.72
CA ILE D 220 -22.44 -25.99 13.58
C ILE D 220 -21.76 -26.28 14.93
N TRP D 221 -20.74 -27.14 14.84
CA TRP D 221 -19.70 -27.36 15.84
C TRP D 221 -18.42 -26.79 15.19
N ASP D 222 -18.06 -25.59 15.60
CA ASP D 222 -16.94 -24.87 15.03
C ASP D 222 -15.70 -25.18 15.90
N ASN D 223 -14.64 -25.64 15.27
CA ASN D 223 -13.33 -25.83 15.88
C ASN D 223 -12.29 -24.77 15.53
N PHE D 224 -12.75 -23.68 14.96
CA PHE D 224 -11.88 -22.54 14.62
C PHE D 224 -10.90 -22.15 15.74
N HIS D 225 -11.38 -22.01 16.97
CA HIS D 225 -10.54 -21.64 18.17
C HIS D 225 -9.94 -22.80 18.99
N ALA D 226 -10.15 -24.05 18.53
CA ALA D 226 -9.61 -25.21 19.24
C ALA D 226 -8.10 -25.26 19.09
N ASN D 227 -7.43 -25.65 20.15
CA ASN D 227 -5.95 -25.73 20.15
C ASN D 227 -5.39 -27.04 20.64
N ASP D 228 -6.23 -28.06 20.86
CA ASP D 228 -5.71 -29.34 21.33
C ASP D 228 -4.82 -30.09 20.31
N TYR D 229 -4.84 -29.72 19.02
CA TYR D 229 -4.04 -30.37 17.97
C TYR D 229 -2.53 -30.00 17.88
N ASP D 230 -2.13 -28.92 18.54
CA ASP D 230 -0.79 -28.39 18.52
C ASP D 230 -0.44 -27.81 19.91
N ILE D 231 0.53 -28.47 20.56
CA ILE D 231 1.09 -28.06 21.84
C ILE D 231 1.64 -26.59 21.83
N ARG D 232 2.03 -26.11 20.66
CA ARG D 232 2.64 -24.79 20.43
C ARG D 232 1.66 -23.63 20.26
N ARG D 233 0.38 -23.87 20.21
CA ARG D 233 -0.62 -22.91 19.69
C ARG D 233 -1.79 -22.66 20.62
N VAL D 234 -2.31 -21.40 20.53
CA VAL D 234 -3.48 -20.92 21.29
C VAL D 234 -4.08 -19.81 20.40
N PHE D 235 -5.38 -19.62 20.47
CA PHE D 235 -6.12 -18.75 19.51
C PHE D 235 -6.94 -17.72 20.24
N ALA D 236 -6.32 -16.56 20.37
CA ALA D 236 -6.90 -15.38 21.01
C ALA D 236 -7.41 -14.38 19.99
N GLY D 237 -7.33 -14.68 18.69
CA GLY D 237 -7.95 -13.84 17.65
C GLY D 237 -9.47 -13.94 17.48
N PRO D 238 -10.04 -13.10 16.60
CA PRO D 238 -11.46 -13.13 16.37
C PRO D 238 -11.92 -14.31 15.51
N LEU D 239 -13.20 -14.66 15.60
CA LEU D 239 -13.76 -15.62 14.65
C LEU D 239 -13.66 -15.03 13.22
N GLY D 240 -13.16 -15.83 12.28
CA GLY D 240 -13.00 -15.41 10.86
C GLY D 240 -13.31 -16.53 9.90
N GLY D 241 -13.54 -16.17 8.64
CA GLY D 241 -13.85 -17.13 7.58
C GLY D 241 -15.32 -17.60 7.45
N ARG D 242 -16.24 -17.06 8.27
CA ARG D 242 -17.68 -17.36 8.16
C ARG D 242 -18.43 -16.05 7.96
N SER D 243 -19.04 -15.95 6.79
CA SER D 243 -19.99 -14.91 6.47
C SER D 243 -21.26 -15.03 7.31
N ARG D 244 -21.89 -13.90 7.59
CA ARG D 244 -23.22 -13.93 8.23
C ARG D 244 -24.33 -14.48 7.31
N ASP D 245 -24.11 -14.44 5.97
CA ASP D 245 -25.02 -15.06 5.01
C ASP D 245 -25.19 -16.61 5.12
N ILE D 246 -24.27 -17.28 5.83
CA ILE D 246 -24.44 -18.71 6.16
C ILE D 246 -25.50 -19.01 7.25
N LEU D 247 -25.83 -18.04 8.10
CA LEU D 247 -26.67 -18.32 9.29
C LEU D 247 -28.13 -18.76 9.06
N PRO D 248 -28.77 -18.30 7.96
CA PRO D 248 -30.05 -18.92 7.52
C PRO D 248 -30.01 -20.43 7.21
N LEU D 249 -28.83 -20.96 6.87
CA LEU D 249 -28.59 -22.38 6.53
C LEU D 249 -28.27 -23.31 7.73
N VAL D 250 -28.16 -22.78 8.95
CA VAL D 250 -27.89 -23.52 10.20
C VAL D 250 -29.05 -23.47 11.23
N ALA D 251 -29.11 -24.52 12.05
CA ALA D 251 -30.05 -24.66 13.17
C ALA D 251 -29.46 -24.33 14.52
N GLY D 252 -28.16 -23.98 14.55
CA GLY D 252 -27.38 -23.75 15.77
C GLY D 252 -25.93 -23.46 15.49
N TRP D 253 -25.27 -22.84 16.50
CA TRP D 253 -23.85 -22.54 16.46
C TRP D 253 -23.19 -22.76 17.81
N ILE D 254 -22.38 -23.79 17.89
CA ILE D 254 -21.60 -24.13 19.07
C ILE D 254 -20.15 -24.08 18.70
N THR D 255 -19.32 -23.57 19.61
CA THR D 255 -17.89 -23.46 19.37
C THR D 255 -17.13 -24.28 20.41
N ASN D 256 -16.12 -25.01 19.95
CA ASN D 256 -15.26 -25.86 20.78
C ASN D 256 -13.92 -25.09 20.95
N PRO D 257 -13.75 -24.37 22.08
CA PRO D 257 -12.65 -23.41 22.11
C PRO D 257 -11.31 -23.95 22.63
N ASN D 258 -10.41 -23.06 23.08
CA ASN D 258 -9.10 -23.45 23.58
C ASN D 258 -9.22 -24.31 24.89
N ASN D 259 -8.27 -25.18 25.10
CA ASN D 259 -8.13 -25.94 26.37
C ASN D 259 -8.13 -25.06 27.62
N GLU D 260 -7.41 -23.94 27.54
CA GLU D 260 -7.19 -23.03 28.66
C GLU D 260 -8.38 -22.10 28.78
N ALA D 261 -9.15 -22.22 29.86
CA ALA D 261 -10.39 -21.43 30.02
C ALA D 261 -10.16 -19.93 29.85
N GLU D 262 -9.18 -19.41 30.60
CA GLU D 262 -8.79 -17.96 30.49
C GLU D 262 -8.38 -17.49 29.08
N ALA D 263 -7.88 -18.37 28.21
CA ALA D 263 -7.59 -18.00 26.80
C ALA D 263 -8.86 -17.62 25.97
N ASN D 264 -10.03 -18.08 26.38
CA ASN D 264 -11.24 -18.00 25.56
C ASN D 264 -12.11 -16.76 25.62
N PHE D 265 -11.69 -15.74 26.37
CA PHE D 265 -12.45 -14.49 26.37
C PHE D 265 -12.67 -13.94 24.96
N PRO D 266 -11.61 -13.80 24.12
CA PRO D 266 -11.85 -13.25 22.77
C PRO D 266 -12.69 -14.19 21.87
N ALA D 267 -12.45 -15.51 21.95
CA ALA D 267 -13.24 -16.49 21.20
C ALA D 267 -14.74 -16.35 21.47
N ILE D 268 -15.11 -16.30 22.76
CA ILE D 268 -16.54 -16.17 23.16
C ILE D 268 -17.11 -14.78 22.75
N HIS D 269 -16.37 -13.74 23.07
CA HIS D 269 -16.79 -12.33 22.76
C HIS D 269 -17.07 -12.18 21.27
N THR D 270 -16.12 -12.60 20.44
CA THR D 270 -16.22 -12.41 18.98
C THR D 270 -17.26 -13.35 18.31
N THR D 271 -17.35 -14.59 18.79
CA THR D 271 -18.42 -15.54 18.34
C THR D 271 -19.81 -15.01 18.66
N GLY D 272 -20.02 -14.50 19.88
CA GLY D 272 -21.28 -13.81 20.23
C GLY D 272 -21.60 -12.59 19.36
N ALA D 273 -20.57 -11.76 19.13
CA ALA D 273 -20.65 -10.64 18.18
C ALA D 273 -21.04 -11.08 16.75
N TYR D 274 -20.43 -12.17 16.28
CA TYR D 274 -20.75 -12.70 14.94
C TYR D 274 -22.21 -13.14 14.83
N LEU D 275 -22.68 -13.86 15.83
CA LEU D 275 -24.10 -14.29 15.87
C LEU D 275 -25.10 -13.15 16.06
N ALA D 276 -24.72 -12.07 16.77
CA ALA D 276 -25.64 -10.94 17.04
C ALA D 276 -25.61 -9.79 16.03
N ASP D 277 -24.42 -9.41 15.57
CA ASP D 277 -24.19 -8.12 14.90
C ASP D 277 -24.12 -8.30 13.40
N PRO D 278 -25.09 -7.70 12.63
CA PRO D 278 -25.03 -7.87 11.15
C PRO D 278 -23.81 -7.27 10.46
N ASP D 279 -23.28 -6.20 11.04
CA ASP D 279 -22.02 -5.53 10.63
C ASP D 279 -20.73 -6.15 11.22
N TYR D 280 -20.78 -7.36 11.80
CA TYR D 280 -19.62 -8.11 12.19
C TYR D 280 -18.44 -8.03 11.21
N ALA D 281 -17.29 -7.63 11.75
CA ALA D 281 -16.01 -7.48 11.05
C ALA D 281 -14.91 -7.95 12.01
N PRO D 282 -14.07 -8.96 11.62
CA PRO D 282 -13.18 -9.56 12.68
C PRO D 282 -12.25 -8.61 13.39
N GLU D 283 -11.67 -7.66 12.66
CA GLU D 283 -10.69 -6.74 13.25
C GLU D 283 -11.35 -5.70 14.18
N ARG D 284 -12.57 -5.27 13.81
CA ARG D 284 -13.36 -4.43 14.73
C ARG D 284 -13.83 -5.18 15.97
N ALA D 285 -14.22 -6.46 15.79
CA ALA D 285 -14.69 -7.29 16.88
C ALA D 285 -13.57 -7.57 17.92
N ILE D 286 -12.36 -7.81 17.44
CA ILE D 286 -11.25 -8.11 18.35
C ILE D 286 -10.87 -6.87 19.18
N ALA D 287 -10.96 -5.67 18.58
CA ALA D 287 -10.82 -4.41 19.32
C ALA D 287 -11.82 -4.29 20.45
N ALA D 288 -13.09 -4.64 20.18
CA ALA D 288 -14.17 -4.60 21.21
C ALA D 288 -13.92 -5.65 22.31
N ALA D 289 -13.44 -6.82 21.88
CA ALA D 289 -13.11 -7.89 22.81
C ALA D 289 -11.95 -7.46 23.74
N VAL D 290 -10.90 -6.90 23.14
CA VAL D 290 -9.69 -6.44 23.85
C VAL D 290 -10.06 -5.38 24.90
N ALA D 291 -10.88 -4.41 24.52
CA ALA D 291 -11.40 -3.39 25.47
C ALA D 291 -12.17 -3.98 26.66
N ALA D 292 -13.05 -4.95 26.38
CA ALA D 292 -13.77 -5.68 27.43
C ALA D 292 -12.88 -6.56 28.32
N TRP D 293 -11.87 -7.18 27.70
CA TRP D 293 -10.94 -8.12 28.34
C TRP D 293 -9.86 -7.45 29.22
N GLN D 294 -9.44 -6.24 28.85
CA GLN D 294 -8.30 -5.56 29.48
C GLN D 294 -8.30 -5.44 31.03
N PRO D 295 -9.45 -5.13 31.68
CA PRO D 295 -9.47 -5.10 33.16
C PRO D 295 -9.08 -6.41 33.90
N ARG D 296 -9.22 -7.56 33.23
N ARG D 296 -9.24 -7.57 33.25
CA ARG D 296 -8.71 -8.84 33.75
CA ARG D 296 -8.67 -8.88 33.69
C ARG D 296 -7.18 -8.91 33.90
C ARG D 296 -7.17 -8.90 33.92
N PHE D 297 -6.48 -8.00 33.22
CA PHE D 297 -5.03 -7.88 33.27
C PHE D 297 -4.55 -6.87 34.33
N ARG D 298 -5.31 -6.65 35.43
CA ARG D 298 -4.88 -5.77 36.50
C ARG D 298 -3.59 -6.31 37.16
N LEU D 299 -2.70 -5.40 37.52
CA LEU D 299 -1.43 -5.76 38.18
C LEU D 299 -1.63 -5.98 39.68
N ALA D 300 -0.91 -6.95 40.25
CA ALA D 300 -0.97 -7.25 41.70
C ALA D 300 -0.16 -6.18 42.46
N PHE D 301 -0.69 -5.73 43.59
CA PHE D 301 0.01 -4.71 44.47
C PHE D 301 0.36 -3.41 43.72
N GLY D 302 -0.65 -2.58 43.48
CA GLY D 302 -0.51 -1.34 42.68
C GLY D 302 -1.67 -1.17 41.74
N ASP D 303 -1.84 0.06 41.25
CA ASP D 303 -3.04 0.48 40.49
C ASP D 303 -2.99 0.34 38.96
N GLY D 304 -2.00 -0.39 38.41
CA GLY D 304 -1.86 -0.55 36.96
C GLY D 304 -2.59 -1.74 36.35
N ALA D 305 -2.59 -1.78 35.03
CA ALA D 305 -3.05 -2.92 34.24
C ALA D 305 -2.24 -2.95 32.96
N VAL D 306 -2.13 -4.13 32.35
CA VAL D 306 -1.45 -4.31 31.04
C VAL D 306 -2.19 -3.41 30.03
N PRO D 307 -1.46 -2.45 29.37
CA PRO D 307 -2.04 -1.56 28.35
C PRO D 307 -2.85 -2.29 27.30
N SER D 308 -3.99 -1.71 26.91
N SER D 308 -3.91 -1.64 26.82
CA SER D 308 -4.84 -2.20 25.77
CA SER D 308 -4.81 -2.22 25.79
C SER D 308 -4.08 -2.60 24.50
C SER D 308 -4.09 -2.61 24.50
N ASP D 309 -3.11 -1.80 24.09
CA ASP D 309 -2.28 -2.14 22.90
C ASP D 309 -1.43 -3.39 23.04
N LEU D 310 -1.00 -3.73 24.26
CA LEU D 310 -0.25 -4.95 24.52
C LEU D 310 -1.15 -6.17 24.65
N VAL D 311 -2.36 -5.97 25.17
CA VAL D 311 -3.38 -7.04 25.14
C VAL D 311 -3.74 -7.34 23.68
N ALA D 312 -3.95 -6.29 22.86
CA ALA D 312 -4.14 -6.41 21.40
C ALA D 312 -2.99 -7.17 20.71
N LEU D 313 -1.76 -6.91 21.13
CA LEU D 313 -0.59 -7.64 20.64
C LEU D 313 -0.67 -9.11 20.95
N LEU D 314 -1.11 -9.46 22.16
CA LEU D 314 -1.35 -10.84 22.55
C LEU D 314 -2.25 -11.55 21.55
N CYS D 315 -3.38 -10.93 21.20
CA CYS D 315 -4.28 -11.49 20.16
C CYS D 315 -3.63 -11.59 18.77
N ASP D 316 -2.91 -10.56 18.35
CA ASP D 316 -2.20 -10.53 17.05
C ASP D 316 -1.17 -11.67 16.91
N LEU D 317 -0.38 -11.89 17.95
CA LEU D 317 0.61 -12.97 17.97
C LEU D 317 -0.06 -14.36 17.90
N PHE D 318 -1.13 -14.48 18.69
CA PHE D 318 -1.85 -15.74 18.89
C PHE D 318 -3.27 -15.63 18.31
N TRP D 319 -3.35 -15.61 16.98
CA TRP D 319 -4.48 -15.03 16.23
C TRP D 319 -5.45 -16.10 15.79
N GLN D 320 -5.17 -16.83 14.72
CA GLN D 320 -6.16 -17.74 14.16
C GLN D 320 -5.43 -18.99 13.62
N PRO D 321 -6.18 -20.10 13.45
CA PRO D 321 -5.56 -21.30 12.87
C PRO D 321 -4.89 -21.15 11.49
N PHE D 322 -5.44 -20.31 10.60
CA PHE D 322 -4.86 -20.19 9.24
C PHE D 322 -4.34 -18.80 8.90
N ALA D 323 -4.07 -17.98 9.90
CA ALA D 323 -3.54 -16.63 9.69
C ALA D 323 -2.83 -16.16 10.94
N LEU D 324 -1.69 -15.48 10.75
CA LEU D 324 -1.07 -14.72 11.80
C LEU D 324 -1.88 -13.40 11.86
N GLY D 325 -1.73 -12.65 12.93
CA GLY D 325 -2.45 -11.37 13.09
C GLY D 325 -2.04 -10.37 12.05
N PRO D 326 -2.84 -9.29 11.83
CA PRO D 326 -2.54 -8.36 10.76
C PRO D 326 -1.12 -7.66 10.91
N GLU D 327 -0.75 -7.30 12.15
CA GLU D 327 0.55 -6.67 12.46
C GLU D 327 1.70 -7.66 12.24
N THR D 328 1.54 -8.85 12.79
CA THR D 328 2.57 -9.90 12.75
C THR D 328 2.80 -10.39 11.32
N THR D 329 1.71 -10.61 10.59
CA THR D 329 1.74 -10.95 9.15
C THR D 329 2.52 -10.00 8.32
N ARG D 330 2.19 -8.70 8.44
CA ARG D 330 2.86 -7.66 7.67
C ARG D 330 4.37 -7.56 8.03
N ILE D 331 4.73 -7.68 9.32
CA ILE D 331 6.13 -7.58 9.78
C ILE D 331 6.98 -8.72 9.17
N LEU D 332 6.51 -9.96 9.27
CA LEU D 332 7.19 -11.10 8.67
C LEU D 332 7.25 -11.07 7.16
N SER D 333 6.15 -10.63 6.51
N SER D 333 6.15 -10.62 6.51
CA SER D 333 6.05 -10.57 5.04
CA SER D 333 6.04 -10.56 5.05
C SER D 333 7.03 -9.58 4.43
C SER D 333 7.06 -9.59 4.45
N ALA D 334 7.07 -8.39 5.03
CA ALA D 334 8.08 -7.34 4.76
C ALA D 334 9.52 -7.84 4.89
N LEU D 335 9.79 -8.65 5.93
CA LEU D 335 11.11 -9.23 6.17
C LEU D 335 11.46 -10.27 5.08
N ARG D 336 10.52 -11.20 4.79
CA ARG D 336 10.64 -12.15 3.66
C ARG D 336 11.02 -11.52 2.33
N ALA D 337 10.32 -10.42 1.99
CA ALA D 337 10.56 -9.71 0.73
C ALA D 337 11.95 -9.11 0.70
N ALA D 338 12.32 -8.48 1.82
CA ALA D 338 13.63 -7.86 2.01
C ALA D 338 14.78 -8.90 2.00
N LEU D 339 14.48 -10.13 2.41
CA LEU D 339 15.41 -11.29 2.38
C LEU D 339 15.34 -12.18 1.11
N THR D 340 14.90 -11.62 -0.02
CA THR D 340 15.02 -12.31 -1.31
C THR D 340 16.48 -12.37 -1.83
N VAL D 341 17.36 -11.49 -1.30
CA VAL D 341 18.79 -11.46 -1.63
C VAL D 341 19.64 -12.07 -0.51
N PRO D 342 20.86 -12.60 -0.82
CA PRO D 342 21.68 -13.12 0.29
C PRO D 342 22.20 -12.07 1.31
N ARG D 343 22.42 -10.84 0.85
CA ARG D 343 22.88 -9.70 1.66
C ARG D 343 22.03 -8.45 1.37
N PRO D 344 21.00 -8.17 2.20
CA PRO D 344 20.19 -6.94 2.07
C PRO D 344 21.06 -5.67 2.28
N ASP D 345 20.71 -4.62 1.54
CA ASP D 345 21.40 -3.33 1.58
C ASP D 345 20.94 -2.57 2.85
N PRO D 346 21.87 -2.30 3.80
CA PRO D 346 21.49 -1.54 5.01
C PRO D 346 20.97 -0.11 4.76
N SER D 347 21.31 0.48 3.63
CA SER D 347 20.77 1.79 3.14
C SER D 347 19.35 1.76 2.52
N ASP D 348 18.84 0.57 2.20
CA ASP D 348 17.53 0.41 1.55
C ASP D 348 16.42 0.64 2.61
N PRO D 349 15.51 1.61 2.37
CA PRO D 349 14.41 1.85 3.35
C PRO D 349 13.46 0.69 3.57
N ALA D 350 13.32 -0.22 2.59
CA ALA D 350 12.52 -1.41 2.73
C ALA D 350 13.11 -2.31 3.79
N TRP D 351 14.43 -2.52 3.75
CA TRP D 351 15.15 -3.31 4.74
C TRP D 351 15.10 -2.62 6.09
N ARG D 352 15.49 -1.33 6.13
CA ARG D 352 15.47 -0.54 7.38
C ARG D 352 14.13 -0.52 8.10
N ALA D 353 13.05 -0.34 7.37
CA ALA D 353 11.66 -0.43 7.93
C ALA D 353 11.32 -1.80 8.51
N ALA D 354 11.66 -2.86 7.77
CA ALA D 354 11.40 -4.26 8.16
C ALA D 354 12.15 -4.66 9.43
N LEU D 355 13.43 -4.29 9.46
CA LEU D 355 14.28 -4.52 10.63
C LEU D 355 13.80 -3.74 11.85
N GLU D 356 13.45 -2.46 11.68
CA GLU D 356 12.98 -1.59 12.82
C GLU D 356 11.67 -2.12 13.44
N ASP D 357 10.72 -2.52 12.60
CA ASP D 357 9.47 -3.12 13.05
C ASP D 357 9.71 -4.43 13.76
N LEU D 358 10.66 -5.22 13.27
CA LEU D 358 11.05 -6.49 13.94
C LEU D 358 11.62 -6.20 15.33
N ARG D 359 12.56 -5.25 15.40
CA ARG D 359 13.11 -4.79 16.69
C ARG D 359 12.01 -4.32 17.67
N ASP D 360 11.08 -3.51 17.14
CA ASP D 360 9.97 -3.01 17.91
C ASP D 360 9.03 -4.13 18.36
N LEU D 361 8.79 -5.08 17.49
CA LEU D 361 8.04 -6.29 17.86
C LEU D 361 8.67 -7.00 19.05
N LYS D 362 9.99 -7.22 18.99
CA LYS D 362 10.79 -7.79 20.10
C LYS D 362 10.61 -7.00 21.41
N ARG D 363 10.81 -5.69 21.37
CA ARG D 363 10.64 -4.81 22.54
C ARG D 363 9.24 -4.91 23.18
N ARG D 364 8.21 -4.98 22.33
CA ARG D 364 6.81 -5.05 22.79
C ARG D 364 6.44 -6.38 23.42
N ILE D 365 6.91 -7.47 22.81
CA ILE D 365 6.78 -8.84 23.35
C ILE D 365 7.44 -8.87 24.71
N ASN D 366 8.66 -8.34 24.82
CA ASN D 366 9.42 -8.29 26.11
C ASN D 366 8.62 -7.57 27.20
N LYS D 367 8.08 -6.40 26.83
CA LYS D 367 7.24 -5.59 27.69
C LYS D 367 6.00 -6.34 28.18
N LEU D 368 5.28 -6.93 27.23
CA LEU D 368 4.09 -7.78 27.44
C LEU D 368 4.42 -8.91 28.37
N PHE D 369 5.47 -9.67 28.03
CA PHE D 369 5.88 -10.81 28.89
C PHE D 369 6.17 -10.38 30.34
N THR D 370 6.97 -9.34 30.50
CA THR D 370 7.33 -8.85 31.85
C THR D 370 6.09 -8.43 32.64
N LEU D 371 5.20 -7.68 32.01
CA LEU D 371 3.96 -7.25 32.66
C LEU D 371 3.02 -8.38 33.01
N MET D 372 2.92 -9.40 32.15
CA MET D 372 2.16 -10.64 32.47
C MET D 372 2.61 -11.35 33.74
N THR D 373 3.92 -11.39 34.01
CA THR D 373 4.46 -11.94 35.26
C THR D 373 3.95 -11.20 36.52
N GLU D 374 3.56 -9.93 36.36
CA GLU D 374 3.04 -9.09 37.41
C GLU D 374 1.52 -9.01 37.61
N ILE D 375 0.71 -9.58 36.69
CA ILE D 375 -0.78 -9.54 36.82
C ILE D 375 -1.33 -10.34 38.03
N GLU D 376 -2.48 -9.90 38.53
CA GLU D 376 -3.08 -10.46 39.75
C GLU D 376 -3.62 -11.88 39.50
N ASN D 377 -4.32 -12.03 38.40
CA ASN D 377 -4.89 -13.31 37.96
C ASN D 377 -3.80 -14.27 37.43
N ARG D 378 -3.39 -15.18 38.32
CA ARG D 378 -2.30 -16.13 38.01
C ARG D 378 -2.72 -17.22 37.00
N ASP D 379 -4.00 -17.54 36.93
CA ASP D 379 -4.53 -18.50 35.94
C ASP D 379 -4.36 -17.95 34.51
N LEU D 380 -4.66 -16.66 34.32
CA LEU D 380 -4.45 -15.94 33.03
C LEU D 380 -2.96 -15.85 32.70
N PHE D 381 -2.14 -15.57 33.71
CA PHE D 381 -0.69 -15.56 33.53
C PHE D 381 -0.18 -16.92 33.03
N HIS D 382 -0.47 -18.00 33.77
CA HIS D 382 -0.03 -19.34 33.38
C HIS D 382 -0.68 -19.84 32.07
N THR D 383 -1.85 -19.31 31.69
CA THR D 383 -2.39 -19.60 30.35
C THR D 383 -1.43 -19.21 29.23
N PHE D 384 -0.86 -17.99 29.29
CA PHE D 384 0.00 -17.48 28.24
C PHE D 384 1.51 -17.48 28.47
N HIS D 385 1.93 -17.76 29.69
CA HIS D 385 3.37 -17.79 30.06
C HIS D 385 4.23 -18.53 29.03
N ASN D 386 3.96 -19.83 28.81
CA ASN D 386 4.79 -20.63 27.90
C ASN D 386 4.70 -20.19 26.42
N TYR D 387 3.50 -19.88 25.94
CA TYR D 387 3.32 -19.39 24.59
C TYR D 387 4.07 -18.06 24.32
N LEU D 388 4.08 -17.21 25.31
CA LEU D 388 4.82 -15.93 25.25
C LEU D 388 6.32 -16.10 25.28
N TRP D 389 6.87 -16.93 26.18
CA TRP D 389 8.28 -17.35 26.18
C TRP D 389 8.72 -17.81 24.80
N GLU D 390 7.92 -18.71 24.21
CA GLU D 390 8.25 -19.33 22.93
C GLU D 390 8.45 -18.28 21.83
N ALA D 391 7.51 -17.35 21.78
CA ALA D 391 7.42 -16.26 20.80
C ALA D 391 8.57 -15.30 20.96
N GLN D 392 8.83 -14.92 22.21
CA GLN D 392 10.01 -14.12 22.63
C GLN D 392 11.33 -14.71 22.17
N GLU D 393 11.53 -15.99 22.41
CA GLU D 393 12.77 -16.68 22.04
C GLU D 393 12.94 -16.66 20.49
N GLU D 394 11.86 -16.95 19.77
CA GLU D 394 11.90 -17.01 18.29
C GLU D 394 12.22 -15.64 17.72
N VAL D 395 11.47 -14.65 18.18
CA VAL D 395 11.67 -13.25 17.75
C VAL D 395 13.09 -12.81 18.07
N GLY D 396 13.60 -13.12 19.28
CA GLY D 396 15.01 -12.77 19.66
C GLY D 396 16.09 -13.30 18.74
N HIS D 397 15.95 -14.57 18.37
CA HIS D 397 16.85 -15.22 17.42
C HIS D 397 16.81 -14.62 15.98
N LEU D 398 15.61 -14.30 15.50
CA LEU D 398 15.40 -13.63 14.24
C LEU D 398 16.04 -12.25 14.24
N VAL D 399 15.81 -11.49 15.31
CA VAL D 399 16.47 -10.16 15.55
C VAL D 399 17.99 -10.31 15.55
N ALA D 400 18.56 -11.32 16.26
CA ALA D 400 20.05 -11.52 16.31
C ALA D 400 20.61 -11.79 14.89
N TYR D 401 19.89 -12.58 14.11
CA TYR D 401 20.27 -12.88 12.72
C TYR D 401 20.18 -11.65 11.80
N CYS D 402 19.04 -10.97 11.83
CA CYS D 402 18.81 -9.75 11.03
C CYS D 402 19.77 -8.59 11.43
N ASP D 403 20.01 -8.42 12.74
CA ASP D 403 21.07 -7.53 13.27
C ASP D 403 22.45 -7.82 12.66
N TRP D 404 22.83 -9.09 12.57
CA TRP D 404 24.13 -9.49 11.95
C TRP D 404 24.16 -9.15 10.46
N LEU D 405 23.07 -9.42 9.74
CA LEU D 405 22.95 -8.96 8.33
C LEU D 405 23.01 -7.43 8.18
N ASP D 406 22.52 -6.71 9.17
CA ASP D 406 22.54 -5.22 9.11
C ASP D 406 23.97 -4.60 9.22
N GLU D 407 24.94 -5.35 9.77
CA GLU D 407 26.37 -5.00 9.79
C GLU D 407 27.09 -5.21 8.42
N ALA D 408 26.37 -5.71 7.41
CA ALA D 408 26.84 -5.95 6.05
C ALA D 408 28.05 -6.90 5.99
N PRO D 409 27.86 -8.18 6.43
CA PRO D 409 28.98 -9.15 6.41
C PRO D 409 29.30 -9.55 4.95
N PRO D 410 30.55 -10.02 4.66
CA PRO D 410 30.84 -10.50 3.30
C PRO D 410 30.02 -11.74 2.89
N PRO D 411 29.81 -11.98 1.58
CA PRO D 411 28.97 -13.12 1.12
C PRO D 411 29.39 -14.51 1.66
N GLY D 412 30.71 -14.73 1.77
CA GLY D 412 31.28 -15.94 2.36
C GLY D 412 31.17 -16.12 3.88
N ALA D 413 31.01 -15.01 4.62
CA ALA D 413 30.87 -15.06 6.09
C ALA D 413 29.64 -15.85 6.55
N VAL D 414 29.80 -16.58 7.67
CA VAL D 414 28.74 -17.39 8.26
C VAL D 414 28.32 -16.80 9.59
N PHE D 415 27.00 -16.72 9.81
CA PHE D 415 26.39 -16.23 11.06
C PHE D 415 27.00 -16.89 12.32
N PRO D 416 27.53 -16.10 13.28
CA PRO D 416 28.13 -16.66 14.48
C PRO D 416 27.08 -17.12 15.51
N ALA D 417 26.48 -18.26 15.20
CA ALA D 417 25.36 -18.80 15.99
C ALA D 417 25.76 -19.23 17.40
N THR D 418 26.98 -19.76 17.57
CA THR D 418 27.46 -20.22 18.90
C THR D 418 27.47 -19.08 19.96
N ASP D 419 27.78 -17.84 19.54
CA ASP D 419 27.74 -16.69 20.48
C ASP D 419 26.36 -16.06 20.67
N ARG D 420 25.43 -16.28 19.71
CA ARG D 420 24.15 -15.60 19.64
C ARG D 420 22.92 -16.47 19.99
N ILE D 421 22.99 -17.79 19.76
CA ILE D 421 21.85 -18.72 19.89
C ILE D 421 22.22 -19.87 20.82
N HIS D 422 21.32 -20.17 21.76
CA HIS D 422 21.61 -21.16 22.79
C HIS D 422 21.72 -22.51 22.11
N ASN D 423 22.65 -23.32 22.62
CA ASN D 423 22.83 -24.72 22.20
C ASN D 423 21.54 -25.58 22.20
N PHE D 424 20.64 -25.30 23.14
CA PHE D 424 19.36 -26.07 23.25
C PHE D 424 18.24 -25.73 22.23
N TYR D 425 18.42 -24.68 21.43
CA TYR D 425 17.34 -24.13 20.61
C TYR D 425 17.08 -25.03 19.40
N ARG D 426 15.79 -25.27 19.14
CA ARG D 426 15.31 -25.99 17.97
C ARG D 426 16.00 -27.36 17.82
N ARG D 427 15.73 -28.21 18.80
CA ARG D 427 16.25 -29.59 18.83
C ARG D 427 15.10 -30.54 19.20
N GLY D 428 15.39 -31.84 19.08
CA GLY D 428 14.40 -32.87 19.43
C GLY D 428 13.74 -33.62 18.29
N PHE D 429 12.74 -34.42 18.65
CA PHE D 429 12.13 -35.40 17.73
C PHE D 429 11.31 -34.76 16.63
N GLY D 430 10.43 -33.83 17.00
CA GLY D 430 9.66 -33.04 16.05
C GLY D 430 10.51 -32.27 15.05
N VAL D 431 11.56 -31.56 15.52
CA VAL D 431 12.53 -30.94 14.56
C VAL D 431 13.19 -31.96 13.61
N ALA D 432 13.58 -33.15 14.13
CA ALA D 432 14.22 -34.23 13.33
C ALA D 432 13.30 -34.71 12.21
N VAL D 433 12.02 -34.86 12.54
CA VAL D 433 11.00 -35.25 11.54
C VAL D 433 10.81 -34.16 10.52
N GLN D 434 10.65 -32.92 10.96
CA GLN D 434 10.49 -31.79 10.03
C GLN D 434 11.71 -31.55 9.10
N ASP D 435 12.91 -31.90 9.58
CA ASP D 435 14.11 -31.90 8.73
C ASP D 435 14.01 -32.86 7.53
N ILE D 436 13.32 -33.99 7.71
CA ILE D 436 13.09 -34.99 6.66
C ILE D 436 11.86 -34.60 5.81
N LEU D 437 10.73 -34.36 6.49
CA LEU D 437 9.46 -33.96 5.85
C LEU D 437 9.42 -32.44 5.65
N GLN D 438 10.08 -31.99 4.60
CA GLN D 438 10.21 -30.59 4.29
C GLN D 438 8.98 -30.05 3.59
N ARG D 439 8.80 -28.73 3.66
CA ARG D 439 7.68 -28.06 3.02
C ARG D 439 8.14 -26.72 2.47
N ASP D 440 7.85 -26.47 1.20
CA ASP D 440 8.29 -25.26 0.50
C ASP D 440 7.29 -24.12 0.72
N ARG D 441 7.62 -22.95 0.18
CA ARG D 441 6.84 -21.72 0.39
C ARG D 441 5.41 -21.77 -0.18
N GLN D 442 5.21 -22.52 -1.27
CA GLN D 442 3.86 -22.72 -1.86
C GLN D 442 3.05 -23.84 -1.19
N GLY D 443 3.62 -24.49 -0.16
CA GLY D 443 2.93 -25.49 0.67
C GLY D 443 3.15 -26.94 0.27
N ARG D 444 4.05 -27.20 -0.68
CA ARG D 444 4.27 -28.53 -1.23
C ARG D 444 5.30 -29.27 -0.41
N TYR D 445 5.04 -30.53 -0.11
CA TYR D 445 5.96 -31.39 0.63
C TYR D 445 7.00 -32.05 -0.26
N HIS D 446 8.15 -32.29 0.34
CA HIS D 446 9.33 -32.85 -0.34
C HIS D 446 10.32 -33.32 0.75
N HIS D 447 11.44 -33.90 0.34
CA HIS D 447 12.49 -34.37 1.27
C HIS D 447 13.91 -33.90 0.91
N GLY D 448 13.99 -32.68 0.40
CA GLY D 448 15.23 -32.07 -0.09
C GLY D 448 15.92 -32.75 -1.24
N VAL D 449 15.16 -33.06 -2.29
CA VAL D 449 15.61 -33.74 -3.52
C VAL D 449 16.54 -34.96 -3.32
C1 WG4 E . 1.12 12.20 -10.44
C2 WG4 E . 1.19 13.44 -11.27
C5 WG4 E . 0.41 14.50 -13.30
C7 WG4 E . -0.23 15.69 -15.10
C8 WG4 E . 0.82 16.43 -14.70
N10 WG4 E . 0.57 18.83 -14.55
C11 WG4 E . 1.39 19.61 -13.59
C12 WG4 E . 0.45 20.51 -12.74
C15 WG4 E . -3.25 20.02 -12.40
C17 WG4 E . -1.70 20.86 -13.96
C18 WG4 E . -4.01 20.36 -14.83
C19 WG4 E . -5.24 19.66 -14.72
C21 WG4 E . -7.41 18.99 -15.66
N22 WG4 E . -5.72 20.47 -16.88
C23 WG4 E . -6.31 20.76 -18.06
C24 WG4 E . -5.51 21.56 -18.80
O3 WG4 E . 1.96 14.33 -10.90
N4 WG4 E . 0.42 13.46 -12.40
N6 WG4 E . -0.40 14.64 -14.31
C9 WG4 E . 1.34 17.72 -15.19
C13 WG4 E . -0.93 19.94 -13.05
C14 WG4 E . -1.82 19.83 -11.80
N16 WG4 E . -3.08 20.39 -13.81
C20 WG4 E . -6.10 19.71 -15.77
N25 WG4 E . -4.41 21.79 -18.10
C26 WG4 E . -4.52 21.15 -16.95
N27 WG4 E . -3.70 21.08 -15.91
C28 WG4 E . -0.65 18.59 -13.71
S29 WG4 E . 1.52 15.77 -13.26
H1 WG4 E . 0.45 11.47 -10.89
H3 WG4 E . 0.75 12.44 -9.47
H2 WG4 E . 2.11 11.77 -10.35
H5 WG4 E . -0.84 15.91 -15.96
H8 WG4 E . 2.09 20.23 -14.14
H9 WG4 E . 1.94 18.93 -12.95
H11 WG4 E . 0.56 21.54 -13.06
H10 WG4 E . 0.69 20.43 -11.69
H14 WG4 E . -3.79 19.09 -12.30
H15 WG4 E . -3.76 20.80 -11.83
H16 WG4 E . -1.31 20.77 -14.97
H17 WG4 E . -1.64 21.89 -13.61
H18 WG4 E . -5.50 19.09 -13.84
H19 WG4 E . -7.93 18.95 -16.62
H21 WG4 E . -8.04 19.52 -14.94
H20 WG4 E . -7.27 17.97 -15.29
H22 WG4 E . -7.27 20.41 -18.34
H23 WG4 E . -5.73 21.95 -19.79
H4 WG4 E . -0.13 12.70 -12.61
H6 WG4 E . 1.28 17.70 -16.27
H7 WG4 E . 2.39 17.78 -14.93
H12 WG4 E . -1.60 20.63 -11.09
H13 WG4 E . -1.75 18.87 -11.30
H24 WG4 E . -0.50 17.87 -12.91
H25 WG4 E . -1.49 18.27 -14.35
C1 WG4 F . -5.48 43.12 -43.68
C2 WG4 F . -5.50 42.36 -42.39
C5 WG4 F . -4.59 40.54 -41.13
C7 WG4 F . -4.08 38.68 -40.05
C8 WG4 F . -4.81 39.24 -39.11
N10 WG4 F . -4.28 39.50 -36.71
C11 WG4 F . -4.99 40.58 -35.98
C12 WG4 F . -3.86 41.30 -35.16
C15 WG4 F . -0.25 41.13 -36.32
C17 WG4 F . -1.71 39.92 -34.92
C18 WG4 F . 0.46 38.72 -35.68
C19 WG4 F . 1.56 38.65 -36.59
C21 WG4 F . 3.57 37.47 -37.48
N22 WG4 F . 2.08 36.55 -35.67
C23 WG4 F . 2.68 35.34 -35.40
C24 WG4 F . 1.96 34.73 -34.42
O3 WG4 F . -6.30 42.68 -41.50
N4 WG4 F . -4.61 41.35 -42.25
N6 WG4 F . -3.99 39.39 -41.15
C9 WG4 F . -5.12 38.79 -37.73
C13 WG4 F . -2.56 40.81 -35.81
C14 WG4 F . -1.56 41.93 -36.08
N16 WG4 F . -0.42 39.80 -35.63
C20 WG4 F . 2.37 37.56 -36.57
N25 WG4 F . 0.97 35.54 -34.09
C26 WG4 F . 1.00 36.63 -34.82
N27 WG4 F . 0.22 37.71 -34.84
C28 WG4 F . -2.96 40.06 -37.09
S29 WG4 F . -5.40 40.78 -39.67
H1 WG4 F . -4.65 42.78 -44.30
H3 WG4 F . -5.35 44.15 -43.47
H2 WG4 F . -6.42 42.97 -44.21
H5 WG4 F . -3.59 37.73 -39.94
H8 WG4 F . -5.73 40.17 -35.30
H9 WG4 F . -5.46 41.27 -36.67
H11 WG4 F . -3.92 41.03 -34.11
H10 WG4 F . -3.96 42.38 -35.27
H14 WG4 F . -0.09 40.98 -37.39
H15 WG4 F . 0.60 41.65 -35.89
H16 WG4 F . -2.19 38.95 -34.76
H17 WG4 F . -1.52 40.43 -33.97
H18 WG4 F . 1.78 39.46 -37.27
H19 WG4 F . 4.02 36.47 -37.51
H21 WG4 F . 4.33 38.18 -37.11
H20 WG4 F . 3.32 37.78 -38.50
H22 WG4 F . 3.54 34.93 -35.88
H23 WG4 F . 2.19 33.77 -33.99
H4 WG4 F . -4.02 41.12 -42.97
H6 WG4 F . -5.00 37.72 -37.70
H7 WG4 F . -6.17 39.00 -37.54
H12 WG4 F . -1.45 42.56 -35.20
H13 WG4 F . -1.81 42.52 -36.95
H24 WG4 F . -3.02 40.80 -37.90
H25 WG4 F . -2.28 39.26 -37.36
CA CA G . -3.13 31.22 -16.72
C1 WG4 H . 20.72 -20.51 38.26
C2 WG4 H . 19.92 -21.29 37.28
C5 WG4 H . 17.72 -21.76 36.36
C7 WG4 H . 15.73 -22.29 35.52
C8 WG4 H . 16.46 -23.16 34.82
N10 WG4 H . 16.06 -23.45 32.42
C11 WG4 H . 17.19 -23.82 31.54
C12 WG4 H . 17.16 -22.77 30.40
C15 WG4 H . 15.94 -19.19 30.95
C17 WG4 H . 15.16 -21.19 30.01
C18 WG4 H . 13.41 -19.40 30.63
C19 WG4 H . 13.08 -18.10 31.11
C21 WG4 H . 11.39 -16.37 31.70
N22 WG4 H . 10.82 -18.68 30.79
C23 WG4 H . 9.46 -18.68 30.71
C24 WG4 H . 9.04 -19.89 30.23
O3 WG4 H . 20.53 -22.10 36.60
N4 WG4 H . 18.59 -21.07 37.21
N6 WG4 H . 16.43 -21.56 36.36
C9 WG4 H . 16.10 -24.12 33.76
C13 WG4 H . 16.36 -21.57 30.87
C14 WG4 H . 17.09 -20.21 30.73
N16 WG4 H . 14.71 -19.87 30.53
C20 WG4 H . 11.77 -17.74 31.19
N25 WG4 H . 10.10 -20.64 30.00
C26 WG4 H . 11.18 -19.94 30.33
N27 WG4 H . 12.46 -20.26 30.27
C28 WG4 H . 15.96 -21.94 32.30
S29 WG4 H . 18.14 -22.97 35.25
H1 WG4 H . 20.10 -19.79 38.81
H3 WG4 H . 21.52 -19.97 37.75
H2 WG4 H . 21.16 -21.21 38.96
H5 WG4 H . 14.65 -22.21 35.43
H8 WG4 H . 17.05 -24.82 31.14
H9 WG4 H . 18.13 -23.76 32.08
H11 WG4 H . 16.71 -23.21 29.51
H10 WG4 H . 18.18 -22.47 30.17
H14 WG4 H . 15.89 -18.91 32.01
H15 WG4 H . 16.11 -18.30 30.34
H16 WG4 H . 14.40 -21.97 30.11
H17 WG4 H . 15.46 -21.11 28.96
H18 WG4 H . 13.85 -17.40 31.42
H19 WG4 H . 10.33 -16.30 31.88
H21 WG4 H . 11.70 -15.61 30.97
H20 WG4 H . 11.91 -16.19 32.64
H22 WG4 H . 8.83 -17.88 30.97
H23 WG4 H . 8.01 -20.16 30.08
H4 WG4 H . 18.19 -20.41 37.79
H6 WG4 H . 15.15 -24.59 34.01
H7 WG4 H . 16.85 -24.91 33.75
H12 WG4 H . 17.50 -20.11 29.72
H13 WG4 H . 17.87 -20.09 31.48
H24 WG4 H . 16.63 -21.39 32.97
H25 WG4 H . 14.94 -21.67 32.48
C1 EDO I . 3.57 -21.43 17.47
O1 EDO I . 3.54 -20.10 16.96
C2 EDO I . 4.25 -22.43 16.53
O2 EDO I . 4.23 -22.12 15.13
H11 EDO I . 4.10 -21.44 18.42
H12 EDO I . 2.56 -21.77 17.67
HO1 EDO I . 3.10 -19.51 17.60
H21 EDO I . 5.29 -22.48 16.84
H22 EDO I . 3.81 -23.42 16.69
HO2 EDO I . 3.67 -21.37 15.03
C1 WG4 J . -17.05 -33.49 16.00
C2 WG4 J . -15.86 -32.81 16.54
C5 WG4 J . -14.02 -32.92 18.12
C7 WG4 J . -12.30 -32.75 19.51
C8 WG4 J . -12.11 -31.63 18.83
N10 WG4 J . -9.77 -31.04 18.16
C11 WG4 J . -9.71 -30.58 16.75
C12 WG4 J . -8.54 -31.30 16.08
C15 WG4 J . -7.88 -34.95 16.92
C17 WG4 J . -6.95 -32.87 17.52
C18 WG4 J . -6.51 -34.84 19.10
C19 WG4 J . -6.67 -36.21 19.46
C21 WG4 J . -6.20 -38.08 20.99
N22 WG4 J . -5.27 -35.74 21.30
C23 WG4 J . -4.52 -35.85 22.41
C24 WG4 J . -3.96 -34.66 22.69
O3 WG4 J . -15.64 -31.68 16.07
N4 WG4 J . -15.15 -33.44 17.52
N6 WG4 J . -13.34 -33.44 19.10
C9 WG4 J . -10.98 -30.65 18.94
C13 WG4 J . -8.34 -32.56 16.95
C14 WG4 J . -8.46 -33.79 16.06
N16 WG4 J . -7.08 -34.29 17.97
C20 WG4 J . -6.04 -36.65 20.57
N25 WG4 J . -4.36 -33.79 21.77
C26 WG4 J . -5.14 -34.43 20.92
N27 WG4 J . -5.76 -34.03 19.83
C28 WG4 J . -9.34 -32.48 18.10
S29 WG4 J . -13.34 -31.49 17.61
H1 WG4 J . -17.08 -34.54 16.30
H3 WG4 J . -17.03 -33.43 14.93
H2 WG4 J . -17.96 -32.99 16.34
H5 WG4 J . -11.65 -33.07 20.31
H8 WG4 J . -9.54 -29.50 16.72
H9 WG4 J . -10.64 -30.81 16.24
H11 WG4 J . -7.66 -30.69 16.09
H10 WG4 J . -8.81 -31.55 15.06
H14 WG4 J . -8.68 -35.54 17.36
H15 WG4 J . -7.24 -35.59 16.31
H16 WG4 J . -6.72 -32.17 18.33
H17 WG4 J . -6.19 -32.81 16.74
H18 WG4 J . -7.27 -36.89 18.87
H19 WG4 J . -5.82 -38.26 21.99
H21 WG4 J . -5.65 -38.72 20.28
H20 WG4 J . -7.25 -38.37 20.97
H22 WG4 J . -4.38 -36.74 22.97
H23 WG4 J . -3.31 -34.43 23.52
H4 WG4 J . -15.43 -34.32 17.81
H6 WG4 J . -10.75 -30.52 19.99
H7 WG4 J . -11.33 -29.70 18.56
H12 WG4 J . -7.87 -33.67 15.15
H13 WG4 J . -9.51 -34.00 15.79
H24 WG4 J . -10.14 -33.17 17.87
H25 WG4 J . -8.90 -32.72 19.06
CA CA K . 10.31 -22.65 20.63
#